data_2GW8
# 
_entry.id   2GW8 
# 
_audit_conform.dict_name       mmcif_pdbx.dic 
_audit_conform.dict_version    5.377 
_audit_conform.dict_location   http://mmcif.pdb.org/dictionaries/ascii/mmcif_pdbx.dic 
# 
loop_
_database_2.database_id 
_database_2.database_code 
_database_2.pdbx_database_accession 
_database_2.pdbx_DOI 
PDB   2GW8         pdb_00002gw8 10.2210/pdb2gw8/pdb 
RCSB  RCSB037624   ?            ?                   
WWPDB D_1000037624 ?            ?                   
# 
_pdbx_database_status.status_code                     REL 
_pdbx_database_status.entry_id                        2GW8 
_pdbx_database_status.recvd_initial_deposition_date   2006-05-04 
_pdbx_database_status.deposit_site                    RCSB 
_pdbx_database_status.process_site                    RCSB 
_pdbx_database_status.status_code_sf                  REL 
_pdbx_database_status.status_code_mr                  ? 
_pdbx_database_status.SG_entry                        Y 
_pdbx_database_status.pdb_format_compatible           Y 
_pdbx_database_status.status_code_cs                  ? 
_pdbx_database_status.status_code_nmr_data            ? 
_pdbx_database_status.methods_development_category    ? 
# 
loop_
_audit_author.name 
_audit_author.pdbx_ordinal 
'Nichols, C.E.'                             1 
'Sainsbury, S.'                             2 
'Berrow, N.S.'                              3 
'Alderton, D.'                              4 
'Stammers, D.K.'                            5 
'Owens, R.J.'                               6 
'Oxford Protein Production Facility (OPPF)' 7 
# 
_citation.id                        primary 
_citation.title                     
'Structure of the P(II) signal transduction protein of Neisseria meningitidis at 1.85 A resolution.' 
_citation.journal_abbrev            'Acta Crystallogr.,Sect.F' 
_citation.journal_volume            62 
_citation.page_first                494 
_citation.page_last                 497 
_citation.year                      2006 
_citation.journal_id_ASTM           ? 
_citation.country                   DK 
_citation.journal_id_ISSN           1744-3091 
_citation.journal_id_CSD            ? 
_citation.book_publisher            ? 
_citation.pdbx_database_id_PubMed   16754965 
_citation.pdbx_database_id_DOI      10.1107/S1744309106015430 
# 
loop_
_citation_author.citation_id 
_citation_author.name 
_citation_author.ordinal 
_citation_author.identifier_ORCID 
primary 'Nichols, C.E.'  1 ? 
primary 'Sainsbury, S.'  2 ? 
primary 'Berrow, N.S.'   3 ? 
primary 'Alderton, D.'   4 ? 
primary 'Saunders, N.J.' 5 ? 
primary 'Stammers, D.K.' 6 ? 
primary 'Owens, R.J.'    7 ? 
# 
_cell.entry_id           2GW8 
_cell.length_a           61.141 
_cell.length_b           61.141 
_cell.length_c           48.074 
_cell.angle_alpha        90.00 
_cell.angle_beta         90.00 
_cell.angle_gamma        120.00 
_cell.Z_PDB              6 
_cell.pdbx_unique_axis   ? 
_cell.length_a_esd       ? 
_cell.length_b_esd       ? 
_cell.length_c_esd       ? 
_cell.angle_alpha_esd    ? 
_cell.angle_beta_esd     ? 
_cell.angle_gamma_esd    ? 
# 
_symmetry.entry_id                         2GW8 
_symmetry.space_group_name_H-M             'P 63' 
_symmetry.pdbx_full_space_group_name_H-M   ? 
_symmetry.cell_setting                     ? 
_symmetry.Int_Tables_number                173 
_symmetry.space_group_name_Hall            ? 
# 
loop_
_entity.id 
_entity.type 
_entity.src_method 
_entity.pdbx_description 
_entity.formula_weight 
_entity.pdbx_number_of_molecules 
_entity.pdbx_ec 
_entity.pdbx_mutation 
_entity.pdbx_fragment 
_entity.details 
1 polymer man 'PII signal transduction protein' 12484.475 1   ? ? ? ? 
2 water   nat water                             18.015    134 ? ? ? ? 
# 
_entity_poly.entity_id                      1 
_entity_poly.type                           'polypeptide(L)' 
_entity_poly.nstd_linkage                   no 
_entity_poly.nstd_monomer                   no 
_entity_poly.pdbx_seq_one_letter_code       
;GPMKKIEAIVKPFKLDDVREALTEIGITGMTVSEVKGFGRQKGHTEIYRGAEYAVDFLPKIKIELVLADDAVERAIDVIV
EVARSGKIGDGKIFVLPVEEAIRIRTGERSDAAV
;
_entity_poly.pdbx_seq_one_letter_code_can   
;GPMKKIEAIVKPFKLDDVREALTEIGITGMTVSEVKGFGRQKGHTEIYRGAEYAVDFLPKIKIELVLADDAVERAIDVIV
EVARSGKIGDGKIFVLPVEEAIRIRTGERSDAAV
;
_entity_poly.pdbx_strand_id                 A 
_entity_poly.pdbx_target_identifier         ? 
# 
loop_
_entity_poly_seq.entity_id 
_entity_poly_seq.num 
_entity_poly_seq.mon_id 
_entity_poly_seq.hetero 
1 1   GLY n 
1 2   PRO n 
1 3   MET n 
1 4   LYS n 
1 5   LYS n 
1 6   ILE n 
1 7   GLU n 
1 8   ALA n 
1 9   ILE n 
1 10  VAL n 
1 11  LYS n 
1 12  PRO n 
1 13  PHE n 
1 14  LYS n 
1 15  LEU n 
1 16  ASP n 
1 17  ASP n 
1 18  VAL n 
1 19  ARG n 
1 20  GLU n 
1 21  ALA n 
1 22  LEU n 
1 23  THR n 
1 24  GLU n 
1 25  ILE n 
1 26  GLY n 
1 27  ILE n 
1 28  THR n 
1 29  GLY n 
1 30  MET n 
1 31  THR n 
1 32  VAL n 
1 33  SER n 
1 34  GLU n 
1 35  VAL n 
1 36  LYS n 
1 37  GLY n 
1 38  PHE n 
1 39  GLY n 
1 40  ARG n 
1 41  GLN n 
1 42  LYS n 
1 43  GLY n 
1 44  HIS n 
1 45  THR n 
1 46  GLU n 
1 47  ILE n 
1 48  TYR n 
1 49  ARG n 
1 50  GLY n 
1 51  ALA n 
1 52  GLU n 
1 53  TYR n 
1 54  ALA n 
1 55  VAL n 
1 56  ASP n 
1 57  PHE n 
1 58  LEU n 
1 59  PRO n 
1 60  LYS n 
1 61  ILE n 
1 62  LYS n 
1 63  ILE n 
1 64  GLU n 
1 65  LEU n 
1 66  VAL n 
1 67  LEU n 
1 68  ALA n 
1 69  ASP n 
1 70  ASP n 
1 71  ALA n 
1 72  VAL n 
1 73  GLU n 
1 74  ARG n 
1 75  ALA n 
1 76  ILE n 
1 77  ASP n 
1 78  VAL n 
1 79  ILE n 
1 80  VAL n 
1 81  GLU n 
1 82  VAL n 
1 83  ALA n 
1 84  ARG n 
1 85  SER n 
1 86  GLY n 
1 87  LYS n 
1 88  ILE n 
1 89  GLY n 
1 90  ASP n 
1 91  GLY n 
1 92  LYS n 
1 93  ILE n 
1 94  PHE n 
1 95  VAL n 
1 96  LEU n 
1 97  PRO n 
1 98  VAL n 
1 99  GLU n 
1 100 GLU n 
1 101 ALA n 
1 102 ILE n 
1 103 ARG n 
1 104 ILE n 
1 105 ARG n 
1 106 THR n 
1 107 GLY n 
1 108 GLU n 
1 109 ARG n 
1 110 SER n 
1 111 ASP n 
1 112 ALA n 
1 113 ALA n 
1 114 VAL n 
# 
_entity_src_gen.entity_id                          1 
_entity_src_gen.pdbx_src_id                        1 
_entity_src_gen.pdbx_alt_source_flag               sample 
_entity_src_gen.pdbx_seq_type                      ? 
_entity_src_gen.pdbx_beg_seq_num                   ? 
_entity_src_gen.pdbx_end_seq_num                   ? 
_entity_src_gen.gene_src_common_name               ? 
_entity_src_gen.gene_src_genus                     Neisseria 
_entity_src_gen.pdbx_gene_src_gene                 NMB1955 
_entity_src_gen.gene_src_species                   'Neisseria meningitidis' 
_entity_src_gen.gene_src_strain                    MC58 
_entity_src_gen.gene_src_tissue                    ? 
_entity_src_gen.gene_src_tissue_fraction           ? 
_entity_src_gen.gene_src_details                   ? 
_entity_src_gen.pdbx_gene_src_fragment             ? 
_entity_src_gen.pdbx_gene_src_scientific_name      'Neisseria meningitidis' 
_entity_src_gen.pdbx_gene_src_ncbi_taxonomy_id     122586 
_entity_src_gen.pdbx_gene_src_variant              ? 
_entity_src_gen.pdbx_gene_src_cell_line            ? 
_entity_src_gen.pdbx_gene_src_atcc                 ? 
_entity_src_gen.pdbx_gene_src_organ                ? 
_entity_src_gen.pdbx_gene_src_organelle            ? 
_entity_src_gen.pdbx_gene_src_cell                 ? 
_entity_src_gen.pdbx_gene_src_cellular_location    ? 
_entity_src_gen.host_org_common_name               ? 
_entity_src_gen.pdbx_host_org_scientific_name      'Escherichia coli' 
_entity_src_gen.pdbx_host_org_ncbi_taxonomy_id     562 
_entity_src_gen.host_org_genus                     Escherichia 
_entity_src_gen.pdbx_host_org_gene                 ? 
_entity_src_gen.pdbx_host_org_organ                ? 
_entity_src_gen.host_org_species                   ? 
_entity_src_gen.pdbx_host_org_tissue               ? 
_entity_src_gen.pdbx_host_org_tissue_fraction      ? 
_entity_src_gen.pdbx_host_org_strain               B834 
_entity_src_gen.pdbx_host_org_variant              ? 
_entity_src_gen.pdbx_host_org_cell_line            ? 
_entity_src_gen.pdbx_host_org_atcc                 ? 
_entity_src_gen.pdbx_host_org_culture_collection   ? 
_entity_src_gen.pdbx_host_org_cell                 ? 
_entity_src_gen.pdbx_host_org_organelle            ? 
_entity_src_gen.pdbx_host_org_cellular_location    ? 
_entity_src_gen.pdbx_host_org_vector_type          plasmid 
_entity_src_gen.pdbx_host_org_vector               ? 
_entity_src_gen.host_org_details                   ? 
_entity_src_gen.expression_system_id               ? 
_entity_src_gen.plasmid_name                       pDEST17 
_entity_src_gen.plasmid_details                    ? 
_entity_src_gen.pdbx_description                   ? 
# 
_struct_ref.id                         1 
_struct_ref.db_name                    UNP 
_struct_ref.db_code                    Q8KUI8_NEIME 
_struct_ref.pdbx_db_accession          Q8KUI8 
_struct_ref.entity_id                  1 
_struct_ref.pdbx_seq_one_letter_code   
;MKKIEAIVKPFKLDDVREALTEIGITGMTVSEVKGFGRQKGHTEIYRGAEYAVDFLPKIKIELVLADDAVERAIDVIVEV
ARSGKIGDGKIFVLPVEEAIRIRTGERSDAAV
;
_struct_ref.pdbx_align_begin           1 
_struct_ref.pdbx_db_isoform            ? 
# 
_struct_ref_seq.align_id                      1 
_struct_ref_seq.ref_id                        1 
_struct_ref_seq.pdbx_PDB_id_code              2GW8 
_struct_ref_seq.pdbx_strand_id                A 
_struct_ref_seq.seq_align_beg                 3 
_struct_ref_seq.pdbx_seq_align_beg_ins_code   ? 
_struct_ref_seq.seq_align_end                 114 
_struct_ref_seq.pdbx_seq_align_end_ins_code   ? 
_struct_ref_seq.pdbx_db_accession             Q8KUI8 
_struct_ref_seq.db_align_beg                  1 
_struct_ref_seq.pdbx_db_align_beg_ins_code    ? 
_struct_ref_seq.db_align_end                  112 
_struct_ref_seq.pdbx_db_align_end_ins_code    ? 
_struct_ref_seq.pdbx_auth_seq_align_beg       1 
_struct_ref_seq.pdbx_auth_seq_align_end       112 
# 
loop_
_struct_ref_seq_dif.align_id 
_struct_ref_seq_dif.pdbx_pdb_id_code 
_struct_ref_seq_dif.mon_id 
_struct_ref_seq_dif.pdbx_pdb_strand_id 
_struct_ref_seq_dif.seq_num 
_struct_ref_seq_dif.pdbx_pdb_ins_code 
_struct_ref_seq_dif.pdbx_seq_db_name 
_struct_ref_seq_dif.pdbx_seq_db_accession_code 
_struct_ref_seq_dif.db_mon_id 
_struct_ref_seq_dif.pdbx_seq_db_seq_num 
_struct_ref_seq_dif.details 
_struct_ref_seq_dif.pdbx_auth_seq_num 
_struct_ref_seq_dif.pdbx_ordinal 
1 2GW8 GLY A 1 ? UNP Q8KUI8 ? ? 'cloning artifact' -1 1 
1 2GW8 PRO A 2 ? UNP Q8KUI8 ? ? 'cloning artifact' 0  2 
# 
loop_
_chem_comp.id 
_chem_comp.type 
_chem_comp.mon_nstd_flag 
_chem_comp.name 
_chem_comp.pdbx_synonyms 
_chem_comp.formula 
_chem_comp.formula_weight 
ALA 'L-peptide linking' y ALANINE         ? 'C3 H7 N O2'     89.093  
ARG 'L-peptide linking' y ARGININE        ? 'C6 H15 N4 O2 1' 175.209 
ASP 'L-peptide linking' y 'ASPARTIC ACID' ? 'C4 H7 N O4'     133.103 
GLN 'L-peptide linking' y GLUTAMINE       ? 'C5 H10 N2 O3'   146.144 
GLU 'L-peptide linking' y 'GLUTAMIC ACID' ? 'C5 H9 N O4'     147.129 
GLY 'peptide linking'   y GLYCINE         ? 'C2 H5 N O2'     75.067  
HIS 'L-peptide linking' y HISTIDINE       ? 'C6 H10 N3 O2 1' 156.162 
HOH non-polymer         . WATER           ? 'H2 O'           18.015  
ILE 'L-peptide linking' y ISOLEUCINE      ? 'C6 H13 N O2'    131.173 
LEU 'L-peptide linking' y LEUCINE         ? 'C6 H13 N O2'    131.173 
LYS 'L-peptide linking' y LYSINE          ? 'C6 H15 N2 O2 1' 147.195 
MET 'L-peptide linking' y METHIONINE      ? 'C5 H11 N O2 S'  149.211 
PHE 'L-peptide linking' y PHENYLALANINE   ? 'C9 H11 N O2'    165.189 
PRO 'L-peptide linking' y PROLINE         ? 'C5 H9 N O2'     115.130 
SER 'L-peptide linking' y SERINE          ? 'C3 H7 N O3'     105.093 
THR 'L-peptide linking' y THREONINE       ? 'C4 H9 N O3'     119.119 
TYR 'L-peptide linking' y TYROSINE        ? 'C9 H11 N O3'    181.189 
VAL 'L-peptide linking' y VALINE          ? 'C5 H11 N O2'    117.146 
# 
_exptl.entry_id          2GW8 
_exptl.method            'X-RAY DIFFRACTION' 
_exptl.crystals_number   1 
# 
_exptl_crystal.id                    1 
_exptl_crystal.density_meas          ? 
_exptl_crystal.density_Matthews      2.10 
_exptl_crystal.density_percent_sol   41.52 
_exptl_crystal.description           ? 
_exptl_crystal.F_000                 ? 
_exptl_crystal.preparation           ? 
# 
_exptl_crystal_grow.crystal_id      1 
_exptl_crystal_grow.method          'VAPOR DIFFUSION, SITTING DROP' 
_exptl_crystal_grow.temp            293 
_exptl_crystal_grow.temp_details    ? 
_exptl_crystal_grow.pH              ? 
_exptl_crystal_grow.pdbx_details    
'0.17M ammonium sulphate / 25.5% PEG4000 / 15% v/v glycerol, pH Unbuffered, VAPOR DIFFUSION, SITTING DROP, temperature 293K' 
_exptl_crystal_grow.pdbx_pH_range   . 
# 
_diffrn.id                     1 
_diffrn.ambient_temp           100 
_diffrn.ambient_temp_details   ? 
_diffrn.crystal_id             1 
# 
_diffrn_detector.diffrn_id              1 
_diffrn_detector.detector               CCD 
_diffrn_detector.type                   'ADSC QUANTUM 4' 
_diffrn_detector.pdbx_collection_date   2004-02-01 
_diffrn_detector.details                'Mirror, vertical focussing' 
# 
_diffrn_radiation.diffrn_id                        1 
_diffrn_radiation.wavelength_id                    1 
_diffrn_radiation.pdbx_monochromatic_or_laue_m_l   M 
_diffrn_radiation.monochromator                    'Si 111 CHANNEL' 
_diffrn_radiation.pdbx_diffrn_protocol             'SINGLE WAVELENGTH' 
_diffrn_radiation.pdbx_scattering_type             x-ray 
# 
_diffrn_radiation_wavelength.id           1 
_diffrn_radiation_wavelength.wavelength   0.945 
_diffrn_radiation_wavelength.wt           1.0 
# 
_diffrn_source.diffrn_id                   1 
_diffrn_source.source                      SYNCHROTRON 
_diffrn_source.type                        'SRS BEAMLINE PX14.2' 
_diffrn_source.pdbx_synchrotron_site       SRS 
_diffrn_source.pdbx_synchrotron_beamline   PX14.2 
_diffrn_source.pdbx_wavelength             ? 
_diffrn_source.pdbx_wavelength_list        0.945 
# 
_reflns.entry_id                     2GW8 
_reflns.observed_criterion_sigma_I   -2 
_reflns.observed_criterion_sigma_F   0 
_reflns.d_resolution_low             30 
_reflns.d_resolution_high            1.85 
_reflns.number_obs                   8803 
_reflns.number_all                   8821 
_reflns.percent_possible_obs         99.8 
_reflns.pdbx_Rmerge_I_obs            0.065 
_reflns.pdbx_Rsym_value              ? 
_reflns.pdbx_netI_over_sigmaI        28.1 
_reflns.B_iso_Wilson_estimate        15.5 
_reflns.pdbx_redundancy              5.5 
_reflns.R_free_details               ? 
_reflns.limit_h_max                  ? 
_reflns.limit_h_min                  ? 
_reflns.limit_k_max                  ? 
_reflns.limit_k_min                  ? 
_reflns.limit_l_max                  ? 
_reflns.limit_l_min                  ? 
_reflns.observed_criterion_F_max     ? 
_reflns.observed_criterion_F_min     ? 
_reflns.pdbx_chi_squared             ? 
_reflns.pdbx_scaling_rejects         ? 
_reflns.pdbx_ordinal                 1 
_reflns.pdbx_diffrn_id               1 
# 
_reflns_shell.d_res_high             1.85 
_reflns_shell.d_res_low              1.92 
_reflns_shell.percent_possible_all   100 
_reflns_shell.Rmerge_I_obs           0.418 
_reflns_shell.pdbx_Rsym_value        ? 
_reflns_shell.meanI_over_sigI_obs    99.63 
_reflns_shell.pdbx_redundancy        5.4 
_reflns_shell.percent_possible_obs   ? 
_reflns_shell.number_unique_all      ? 
_reflns_shell.number_measured_all    ? 
_reflns_shell.number_measured_obs    ? 
_reflns_shell.number_unique_obs      ? 
_reflns_shell.pdbx_chi_squared       ? 
_reflns_shell.pdbx_ordinal           1 
_reflns_shell.pdbx_diffrn_id         1 
# 
_refine.entry_id                                 2GW8 
_refine.ls_number_reflns_obs                     8799 
_refine.ls_number_reflns_all                     8821 
_refine.pdbx_ls_sigma_I                          ? 
_refine.pdbx_ls_sigma_F                          0.0 
_refine.pdbx_data_cutoff_high_absF               1200787.30 
_refine.pdbx_data_cutoff_low_absF                0.000000 
_refine.pdbx_data_cutoff_high_rms_absF           ? 
_refine.ls_d_res_low                             26.48 
_refine.ls_d_res_high                            1.85 
_refine.ls_percent_reflns_obs                    99.7 
_refine.ls_R_factor_obs                          0.189 
_refine.ls_R_factor_all                          ? 
_refine.ls_R_factor_R_work                       0.189 
_refine.ls_R_factor_R_free                       0.218 
_refine.ls_R_factor_R_free_error                 0.007 
_refine.ls_R_factor_R_free_error_details         ? 
_refine.ls_percent_reflns_R_free                 10.7 
_refine.ls_number_reflns_R_free                  938 
_refine.ls_number_parameters                     ? 
_refine.ls_number_restraints                     ? 
_refine.occupancy_min                            ? 
_refine.occupancy_max                            ? 
_refine.correlation_coeff_Fo_to_Fc               ? 
_refine.correlation_coeff_Fo_to_Fc_free          ? 
_refine.B_iso_mean                               30.5 
_refine.aniso_B[1][1]                            1.36 
_refine.aniso_B[2][2]                            1.36 
_refine.aniso_B[3][3]                            -2.73 
_refine.aniso_B[1][2]                            0.25 
_refine.aniso_B[1][3]                            0.00 
_refine.aniso_B[2][3]                            0.00 
_refine.solvent_model_details                    'FLAT MODEL' 
_refine.solvent_model_param_ksol                 0.370388 
_refine.solvent_model_param_bsol                 77.4458 
_refine.pdbx_solvent_vdw_probe_radii             ? 
_refine.pdbx_solvent_ion_probe_radii             ? 
_refine.pdbx_solvent_shrinkage_radii             ? 
_refine.pdbx_ls_cross_valid_method               THROUGHOUT 
_refine.details                                  ? 
_refine.pdbx_starting_model                      'pdb entry 1PIL' 
_refine.pdbx_method_to_determine_struct          'MOLECULAR REPLACEMENT' 
_refine.pdbx_isotropic_thermal_model             RESTRAINED 
_refine.pdbx_stereochemistry_target_values       'Engh & Huber' 
_refine.pdbx_stereochem_target_val_spec_case     ? 
_refine.pdbx_R_Free_selection_details            RANDOM 
_refine.pdbx_overall_ESU_R                       ? 
_refine.pdbx_overall_ESU_R_Free                  ? 
_refine.overall_SU_ML                            ? 
_refine.overall_SU_B                             ? 
_refine.ls_redundancy_reflns_obs                 ? 
_refine.B_iso_min                                ? 
_refine.B_iso_max                                ? 
_refine.overall_SU_R_Cruickshank_DPI             ? 
_refine.overall_SU_R_free                        ? 
_refine.ls_wR_factor_R_free                      ? 
_refine.ls_wR_factor_R_work                      ? 
_refine.overall_FOM_free_R_set                   ? 
_refine.overall_FOM_work_R_set                   ? 
_refine.pdbx_refine_id                           'X-RAY DIFFRACTION' 
_refine.pdbx_diffrn_id                           1 
_refine.pdbx_TLS_residual_ADP_flag               ? 
_refine.pdbx_overall_phase_error                 ? 
_refine.pdbx_overall_SU_R_free_Cruickshank_DPI   ? 
_refine.pdbx_overall_SU_R_Blow_DPI               ? 
_refine.pdbx_overall_SU_R_free_Blow_DPI          ? 
# 
_refine_analyze.entry_id                        2GW8 
_refine_analyze.Luzzati_coordinate_error_obs    0.20 
_refine_analyze.Luzzati_sigma_a_obs             0.15 
_refine_analyze.Luzzati_d_res_low_obs           5.00 
_refine_analyze.Luzzati_coordinate_error_free   0.24 
_refine_analyze.Luzzati_sigma_a_free            0.19 
_refine_analyze.Luzzati_d_res_low_free          ? 
_refine_analyze.number_disordered_residues      ? 
_refine_analyze.occupancy_sum_hydrogen          ? 
_refine_analyze.occupancy_sum_non_hydrogen      ? 
_refine_analyze.pdbx_Luzzati_d_res_high_obs     ? 
_refine_analyze.pdbx_refine_id                  'X-RAY DIFFRACTION' 
# 
_refine_hist.pdbx_refine_id                   'X-RAY DIFFRACTION' 
_refine_hist.cycle_id                         LAST 
_refine_hist.pdbx_number_atoms_protein        757 
_refine_hist.pdbx_number_atoms_nucleic_acid   0 
_refine_hist.pdbx_number_atoms_ligand         0 
_refine_hist.number_atoms_solvent             134 
_refine_hist.number_atoms_total               891 
_refine_hist.d_res_high                       1.85 
_refine_hist.d_res_low                        26.48 
# 
loop_
_refine_ls_restr.type 
_refine_ls_restr.dev_ideal 
_refine_ls_restr.dev_ideal_target 
_refine_ls_restr.weight 
_refine_ls_restr.number 
_refine_ls_restr.pdbx_refine_id 
_refine_ls_restr.pdbx_restraint_function 
c_bond_d                0.005 ?    ? ? 'X-RAY DIFFRACTION' ? 
c_bond_d_na             ?     ?    ? ? 'X-RAY DIFFRACTION' ? 
c_bond_d_prot           ?     ?    ? ? 'X-RAY DIFFRACTION' ? 
c_angle_d               ?     ?    ? ? 'X-RAY DIFFRACTION' ? 
c_angle_d_na            ?     ?    ? ? 'X-RAY DIFFRACTION' ? 
c_angle_d_prot          ?     ?    ? ? 'X-RAY DIFFRACTION' ? 
c_angle_deg             1.3   ?    ? ? 'X-RAY DIFFRACTION' ? 
c_angle_deg_na          ?     ?    ? ? 'X-RAY DIFFRACTION' ? 
c_angle_deg_prot        ?     ?    ? ? 'X-RAY DIFFRACTION' ? 
c_dihedral_angle_d      25.3  ?    ? ? 'X-RAY DIFFRACTION' ? 
c_dihedral_angle_d_na   ?     ?    ? ? 'X-RAY DIFFRACTION' ? 
c_dihedral_angle_d_prot ?     ?    ? ? 'X-RAY DIFFRACTION' ? 
c_improper_angle_d      0.67  ?    ? ? 'X-RAY DIFFRACTION' ? 
c_improper_angle_d_na   ?     ?    ? ? 'X-RAY DIFFRACTION' ? 
c_improper_angle_d_prot ?     ?    ? ? 'X-RAY DIFFRACTION' ? 
c_mcbond_it             2.96  3.00 ? ? 'X-RAY DIFFRACTION' ? 
c_mcangle_it            4.40  4.00 ? ? 'X-RAY DIFFRACTION' ? 
c_scbond_it             5.00  4.00 ? ? 'X-RAY DIFFRACTION' ? 
c_scangle_it            7.46  7.00 ? ? 'X-RAY DIFFRACTION' ? 
# 
_refine_ls_shell.pdbx_total_number_of_bins_used   10 
_refine_ls_shell.d_res_high                       1.85 
_refine_ls_shell.d_res_low                        1.92 
_refine_ls_shell.number_reflns_R_work             766 
_refine_ls_shell.R_factor_R_work                  0.26 
_refine_ls_shell.percent_reflns_obs               98.4 
_refine_ls_shell.R_factor_R_free                  0.323 
_refine_ls_shell.R_factor_R_free_error            0.036 
_refine_ls_shell.percent_reflns_R_free            9.5 
_refine_ls_shell.number_reflns_R_free             80 
_refine_ls_shell.number_reflns_all                ? 
_refine_ls_shell.R_factor_all                     ? 
_refine_ls_shell.redundancy_reflns_obs            ? 
_refine_ls_shell.number_reflns_obs                ? 
_refine_ls_shell.pdbx_refine_id                   'X-RAY DIFFRACTION' 
# 
loop_
_pdbx_xplor_file.serial_no 
_pdbx_xplor_file.param_file 
_pdbx_xplor_file.topol_file 
_pdbx_xplor_file.pdbx_refine_id 
1 protein_rep.param protein.top 'X-RAY DIFFRACTION' 
2 ion.param         ion.top     'X-RAY DIFFRACTION' 
3 water_rep.param   water.top   'X-RAY DIFFRACTION' 
# 
_struct.entry_id                  2GW8 
_struct.title                     'Structure of the PII signal transduction protein of Neisseria meningitidis at 1.85 resolution' 
_struct.pdbx_model_details        ? 
_struct.pdbx_CASP_flag            ? 
_struct.pdbx_model_type_details   ? 
# 
_struct_keywords.entry_id        2GW8 
_struct_keywords.pdbx_keywords   'SIGNALING PROTEIN' 
_struct_keywords.text            
;Pii, signal transduction, transcriptional regulation, neisseria, Structural Genomics, Oxford Protein Production Facility, OPPF, SIGNALING PROTEIN
;
# 
loop_
_struct_asym.id 
_struct_asym.pdbx_blank_PDB_chainid_flag 
_struct_asym.pdbx_modified 
_struct_asym.entity_id 
_struct_asym.details 
A N N 1 ? 
B N N 2 ? 
# 
_struct_biol.id                    1 
_struct_biol.details               
;The asymetric unit contains a monomer, but the known biological oligomeric state is trimeric, with the 3-fold parallel to Z. 
 
Two identical biological trimers are thus formed by the application of symetry operations 1-3 and 4-6 respectively. 
 
1.  X,Y,Z                                          
2.  X-Y,X,1/2+Z                                   
3. -Y,X -Y,Z  
                                       
4. -X,-Y,1/2+Z                                              
5. -X+Y,-X,Z                                       
6.  Y,-X+Y,1/2+Z
;
_struct_biol.pdbx_parent_biol_id   ? 
# 
loop_
_struct_conf.conf_type_id 
_struct_conf.id 
_struct_conf.pdbx_PDB_helix_id 
_struct_conf.beg_label_comp_id 
_struct_conf.beg_label_asym_id 
_struct_conf.beg_label_seq_id 
_struct_conf.pdbx_beg_PDB_ins_code 
_struct_conf.end_label_comp_id 
_struct_conf.end_label_asym_id 
_struct_conf.end_label_seq_id 
_struct_conf.pdbx_end_PDB_ins_code 
_struct_conf.beg_auth_comp_id 
_struct_conf.beg_auth_asym_id 
_struct_conf.beg_auth_seq_id 
_struct_conf.end_auth_comp_id 
_struct_conf.end_auth_asym_id 
_struct_conf.end_auth_seq_id 
_struct_conf.pdbx_PDB_helix_class 
_struct_conf.details 
_struct_conf.pdbx_PDB_helix_length 
HELX_P HELX_P1 1 LYS A 11 ? PHE A 13 ? LYS A 9  PHE A 11 5 ? 3  
HELX_P HELX_P2 2 LYS A 14 ? ILE A 25 ? LYS A 12 ILE A 23 1 ? 12 
HELX_P HELX_P3 3 ALA A 71 ? ARG A 84 ? ALA A 69 ARG A 82 1 ? 14 
# 
_struct_conf_type.id          HELX_P 
_struct_conf_type.criteria    ? 
_struct_conf_type.reference   ? 
# 
_struct_sheet.id               A 
_struct_sheet.type             ? 
_struct_sheet.number_strands   4 
_struct_sheet.details          ? 
# 
loop_
_struct_sheet_order.sheet_id 
_struct_sheet_order.range_id_1 
_struct_sheet_order.range_id_2 
_struct_sheet_order.offset 
_struct_sheet_order.sense 
A 1 2 ? anti-parallel 
A 2 3 ? anti-parallel 
A 3 4 ? anti-parallel 
# 
loop_
_struct_sheet_range.sheet_id 
_struct_sheet_range.id 
_struct_sheet_range.beg_label_comp_id 
_struct_sheet_range.beg_label_asym_id 
_struct_sheet_range.beg_label_seq_id 
_struct_sheet_range.pdbx_beg_PDB_ins_code 
_struct_sheet_range.end_label_comp_id 
_struct_sheet_range.end_label_asym_id 
_struct_sheet_range.end_label_seq_id 
_struct_sheet_range.pdbx_end_PDB_ins_code 
_struct_sheet_range.beg_auth_comp_id 
_struct_sheet_range.beg_auth_asym_id 
_struct_sheet_range.beg_auth_seq_id 
_struct_sheet_range.end_auth_comp_id 
_struct_sheet_range.end_auth_asym_id 
_struct_sheet_range.end_auth_seq_id 
A 1 THR A 31 ? PHE A 38 ? THR A 29 PHE A 36 
A 2 PHE A 57 ? ALA A 68 ? PHE A 55 ALA A 66 
A 3 MET A 3  ? VAL A 10 ? MET A 1  VAL A 8  
A 4 LYS A 92 ? VAL A 98 ? LYS A 90 VAL A 96 
# 
loop_
_pdbx_struct_sheet_hbond.sheet_id 
_pdbx_struct_sheet_hbond.range_id_1 
_pdbx_struct_sheet_hbond.range_id_2 
_pdbx_struct_sheet_hbond.range_1_label_atom_id 
_pdbx_struct_sheet_hbond.range_1_label_comp_id 
_pdbx_struct_sheet_hbond.range_1_label_asym_id 
_pdbx_struct_sheet_hbond.range_1_label_seq_id 
_pdbx_struct_sheet_hbond.range_1_PDB_ins_code 
_pdbx_struct_sheet_hbond.range_1_auth_atom_id 
_pdbx_struct_sheet_hbond.range_1_auth_comp_id 
_pdbx_struct_sheet_hbond.range_1_auth_asym_id 
_pdbx_struct_sheet_hbond.range_1_auth_seq_id 
_pdbx_struct_sheet_hbond.range_2_label_atom_id 
_pdbx_struct_sheet_hbond.range_2_label_comp_id 
_pdbx_struct_sheet_hbond.range_2_label_asym_id 
_pdbx_struct_sheet_hbond.range_2_label_seq_id 
_pdbx_struct_sheet_hbond.range_2_PDB_ins_code 
_pdbx_struct_sheet_hbond.range_2_auth_atom_id 
_pdbx_struct_sheet_hbond.range_2_auth_comp_id 
_pdbx_struct_sheet_hbond.range_2_auth_asym_id 
_pdbx_struct_sheet_hbond.range_2_auth_seq_id 
A 1 2 N SER A 33 ? N SER A 31 O LYS A 62 ? O LYS A 60 
A 2 3 O LEU A 65 ? O LEU A 63 N ILE A 6  ? N ILE A 4  
A 3 4 N LYS A 5  ? N LYS A 3  O LEU A 96 ? O LEU A 94 
# 
_atom_sites.entry_id                    2GW8 
_atom_sites.fract_transf_matrix[1][1]   -0.00212795 
_atom_sites.fract_transf_matrix[1][2]   -0.01798734 
_atom_sites.fract_transf_matrix[1][3]   -0.00534942 
_atom_sites.fract_transf_matrix[2][1]   -0.01685900 
_atom_sites.fract_transf_matrix[2][2]   -0.00617928 
_atom_sites.fract_transf_matrix[2][3]   -0.00585418 
_atom_sites.fract_transf_matrix[3][1]   0.00486495 
_atom_sites.fract_transf_matrix[3][2]   0.00523416 
_atom_sites.fract_transf_matrix[3][3]   -0.01953503 
_atom_sites.fract_transf_vector[1]      0.482990 
_atom_sites.fract_transf_vector[2]      0.345734 
_atom_sites.fract_transf_vector[3]      0.138051 
# 
loop_
_atom_type.symbol 
C 
N 
O 
S 
# 
loop_
_atom_site.group_PDB 
_atom_site.id 
_atom_site.type_symbol 
_atom_site.label_atom_id 
_atom_site.label_alt_id 
_atom_site.label_comp_id 
_atom_site.label_asym_id 
_atom_site.label_entity_id 
_atom_site.label_seq_id 
_atom_site.pdbx_PDB_ins_code 
_atom_site.Cartn_x 
_atom_site.Cartn_y 
_atom_site.Cartn_z 
_atom_site.occupancy 
_atom_site.B_iso_or_equiv 
_atom_site.pdbx_formal_charge 
_atom_site.auth_seq_id 
_atom_site.auth_comp_id 
_atom_site.auth_asym_id 
_atom_site.auth_atom_id 
_atom_site.pdbx_PDB_model_num 
ATOM   1   N N   . PRO A 1 2   ? 5.539   -2.744  17.232  1.00 30.87 ? 0   PRO A N   1 
ATOM   2   C CA  . PRO A 1 2   ? 5.141   -3.821  16.278  1.00 27.37 ? 0   PRO A CA  1 
ATOM   3   C C   . PRO A 1 2   ? 4.851   -3.224  14.906  1.00 26.39 ? 0   PRO A C   1 
ATOM   4   O O   . PRO A 1 2   ? 4.168   -2.203  14.782  1.00 24.80 ? 0   PRO A O   1 
ATOM   5   C CB  . PRO A 1 2   ? 3.918   -4.561  16.797  1.00 37.87 ? 0   PRO A CB  1 
ATOM   6   N N   . MET A 1 3   ? 5.369   -3.880  13.876  1.00 20.24 ? 1   MET A N   1 
ATOM   7   C CA  . MET A 1 3   ? 5.201   -3.418  12.506  1.00 19.30 ? 1   MET A CA  1 
ATOM   8   C C   . MET A 1 3   ? 4.221   -4.290  11.732  1.00 14.72 ? 1   MET A C   1 
ATOM   9   O O   . MET A 1 3   ? 3.966   -5.438  12.103  1.00 15.11 ? 1   MET A O   1 
ATOM   10  C CB  . MET A 1 3   ? 6.553   -3.435  11.796  1.00 17.80 ? 1   MET A CB  1 
ATOM   11  C CG  . MET A 1 3   ? 7.663   -2.696  12.533  1.00 25.19 ? 1   MET A CG  1 
ATOM   12  S SD  . MET A 1 3   ? 7.314   -0.945  12.717  1.00 26.03 ? 1   MET A SD  1 
ATOM   13  C CE  . MET A 1 3   ? 7.703   -0.364  11.095  1.00 23.22 ? 1   MET A CE  1 
ATOM   14  N N   . LYS A 1 4   ? 3.685   -3.732  10.649  1.00 13.61 ? 2   LYS A N   1 
ATOM   15  C CA  . LYS A 1 4   ? 2.750   -4.450  9.790   1.00 13.38 ? 2   LYS A CA  1 
ATOM   16  C C   . LYS A 1 4   ? 3.083   -4.148  8.333   1.00 12.55 ? 2   LYS A C   1 
ATOM   17  O O   . LYS A 1 4   ? 3.735   -3.151  8.029   1.00 12.09 ? 2   LYS A O   1 
ATOM   18  C CB  . LYS A 1 4   ? 1.304   -4.009  10.066  1.00 10.88 ? 2   LYS A CB  1 
ATOM   19  C CG  . LYS A 1 4   ? 0.830   -4.162  11.509  1.00 13.78 ? 2   LYS A CG  1 
ATOM   20  C CD  . LYS A 1 4   ? 0.809   -5.613  11.948  1.00 14.53 ? 2   LYS A CD  1 
ATOM   21  C CE  . LYS A 1 4   ? 0.303   -5.732  13.385  1.00 16.19 ? 2   LYS A CE  1 
ATOM   22  N NZ  . LYS A 1 4   ? 0.464   -7.110  13.901  1.00 21.24 ? 2   LYS A NZ  1 
ATOM   23  N N   . LYS A 1 5   ? 2.641   -5.018  7.436   1.00 11.65 ? 3   LYS A N   1 
ATOM   24  C CA  . LYS A 1 5   ? 2.860   -4.804  6.017   1.00 10.67 ? 3   LYS A CA  1 
ATOM   25  C C   . LYS A 1 5   ? 1.512   -4.602  5.348   1.00 9.65  ? 3   LYS A C   1 
ATOM   26  O O   . LYS A 1 5   ? 0.556   -5.322  5.635   1.00 10.84 ? 3   LYS A O   1 
ATOM   27  C CB  . LYS A 1 5   ? 3.546   -6.006  5.362   1.00 12.42 ? 3   LYS A CB  1 
ATOM   28  C CG  . LYS A 1 5   ? 3.756   -5.793  3.868   1.00 20.02 ? 3   LYS A CG  1 
ATOM   29  C CD  . LYS A 1 5   ? 4.465   -6.955  3.214   1.00 24.60 ? 3   LYS A CD  1 
ATOM   30  C CE  . LYS A 1 5   ? 4.925   -6.554  1.832   1.00 22.85 ? 3   LYS A CE  1 
ATOM   31  N NZ  . LYS A 1 5   ? 5.468   -7.696  1.072   1.00 20.65 ? 3   LYS A NZ  1 
ATOM   32  N N   . ILE A 1 6   ? 1.435   -3.604  4.476   1.00 12.09 ? 4   ILE A N   1 
ATOM   33  C CA  . ILE A 1 6   ? 0.212   -3.342  3.724   1.00 11.30 ? 4   ILE A CA  1 
ATOM   34  C C   . ILE A 1 6   ? 0.508   -3.647  2.253   1.00 10.66 ? 4   ILE A C   1 
ATOM   35  O O   . ILE A 1 6   ? 1.517   -3.199  1.714   1.00 13.82 ? 4   ILE A O   1 
ATOM   36  C CB  . ILE A 1 6   ? -0.245  -1.855  3.828   1.00 11.12 ? 4   ILE A CB  1 
ATOM   37  C CG1 . ILE A 1 6   ? -0.849  -1.579  5.204   1.00 15.70 ? 4   ILE A CG1 1 
ATOM   38  C CG2 . ILE A 1 6   ? -1.276  -1.545  2.739   1.00 13.81 ? 4   ILE A CG2 1 
ATOM   39  C CD1 . ILE A 1 6   ? -1.205  -0.119  5.433   1.00 17.17 ? 4   ILE A CD1 1 
ATOM   40  N N   . GLU A 1 7   ? -0.356  -4.444  1.629   1.00 10.72 ? 5   GLU A N   1 
ATOM   41  C CA  . GLU A 1 7   ? -0.237  -4.770  0.213   1.00 12.31 ? 5   GLU A CA  1 
ATOM   42  C C   . GLU A 1 7   ? -1.531  -4.257  -0.411  1.00 14.22 ? 5   GLU A C   1 
ATOM   43  O O   . GLU A 1 7   ? -2.623  -4.672  -0.016  1.00 15.50 ? 5   GLU A O   1 
ATOM   44  C CB  . GLU A 1 7   ? -0.125  -6.288  -0.013  1.00 7.95  ? 5   GLU A CB  1 
ATOM   45  C CG  . GLU A 1 7   ? 1.177   -6.909  0.480   1.00 16.32 ? 5   GLU A CG  1 
ATOM   46  C CD  . GLU A 1 7   ? 1.316   -8.375  0.096   1.00 18.55 ? 5   GLU A CD  1 
ATOM   47  O OE1 . GLU A 1 7   ? 2.401   -8.951  0.319   1.00 26.38 ? 5   GLU A OE1 1 
ATOM   48  O OE2 . GLU A 1 7   ? 0.345   -8.956  -0.428  1.00 22.21 ? 5   GLU A OE2 1 
ATOM   49  N N   . ALA A 1 8   ? -1.408  -3.339  -1.365  1.00 10.41 ? 6   ALA A N   1 
ATOM   50  C CA  . ALA A 1 8   ? -2.577  -2.766  -2.030  1.00 12.43 ? 6   ALA A CA  1 
ATOM   51  C C   . ALA A 1 8   ? -2.532  -3.028  -3.537  1.00 12.81 ? 6   ALA A C   1 
ATOM   52  O O   . ALA A 1 8   ? -1.594  -2.608  -4.212  1.00 15.63 ? 6   ALA A O   1 
ATOM   53  C CB  . ALA A 1 8   ? -2.643  -1.256  -1.763  1.00 14.03 ? 6   ALA A CB  1 
ATOM   54  N N   . ILE A 1 9   ? -3.540  -3.725  -4.058  1.00 11.71 ? 7   ILE A N   1 
ATOM   55  C CA  . ILE A 1 9   ? -3.606  -4.018  -5.492  1.00 9.41  ? 7   ILE A CA  1 
ATOM   56  C C   . ILE A 1 9   ? -4.626  -3.052  -6.088  1.00 11.19 ? 7   ILE A C   1 
ATOM   57  O O   . ILE A 1 9   ? -5.816  -3.140  -5.782  1.00 13.33 ? 7   ILE A O   1 
ATOM   58  C CB  . ILE A 1 9   ? -4.085  -5.453  -5.764  1.00 13.96 ? 7   ILE A CB  1 
ATOM   59  C CG1 . ILE A 1 9   ? -3.217  -6.461  -5.002  1.00 17.12 ? 7   ILE A CG1 1 
ATOM   60  C CG2 . ILE A 1 9   ? -4.044  -5.734  -7.263  1.00 16.22 ? 7   ILE A CG2 1 
ATOM   61  C CD1 . ILE A 1 9   ? -1.742  -6.412  -5.352  1.00 18.35 ? 7   ILE A CD1 1 
ATOM   62  N N   . VAL A 1 10  ? -4.160  -2.134  -6.926  1.00 12.48 ? 8   VAL A N   1 
ATOM   63  C CA  . VAL A 1 10  ? -5.040  -1.135  -7.524  1.00 14.61 ? 8   VAL A CA  1 
ATOM   64  C C   . VAL A 1 10  ? -4.734  -0.913  -9.000  1.00 14.72 ? 8   VAL A C   1 
ATOM   65  O O   . VAL A 1 10  ? -3.725  -1.403  -9.517  1.00 14.57 ? 8   VAL A O   1 
ATOM   66  C CB  . VAL A 1 10  ? -4.915  0.228   -6.777  1.00 10.98 ? 8   VAL A CB  1 
ATOM   67  C CG1 . VAL A 1 10  ? -5.265  0.059   -5.299  1.00 15.24 ? 8   VAL A CG1 1 
ATOM   68  C CG2 . VAL A 1 10  ? -3.504  0.771   -6.914  1.00 12.71 ? 8   VAL A CG2 1 
ATOM   69  N N   . LYS A 1 11  ? -5.620  -0.188  -9.682  1.00 14.45 ? 9   LYS A N   1 
ATOM   70  C CA  . LYS A 1 11  ? -5.425  0.118   -11.101 1.00 15.38 ? 9   LYS A CA  1 
ATOM   71  C C   . LYS A 1 11  ? -4.132  0.921   -11.252 1.00 15.35 ? 9   LYS A C   1 
ATOM   72  O O   . LYS A 1 11  ? -3.800  1.742   -10.400 1.00 16.84 ? 9   LYS A O   1 
ATOM   73  C CB  . LYS A 1 11  ? -6.613  0.922   -11.635 1.00 16.36 ? 9   LYS A CB  1 
ATOM   74  C CG  . LYS A 1 11  ? -7.936  0.183   -11.551 1.00 21.59 ? 9   LYS A CG  1 
ATOM   75  C CD  . LYS A 1 11  ? -9.106  1.143   -11.689 1.00 29.50 ? 9   LYS A CD  1 
ATOM   76  C CE  . LYS A 1 11  ? -10.417 0.443   -11.366 1.00 37.12 ? 9   LYS A CE  1 
ATOM   77  N NZ  . LYS A 1 11  ? -11.536 1.412   -11.217 1.00 45.10 ? 9   LYS A NZ  1 
ATOM   78  N N   . PRO A 1 12  ? -3.396  0.702   -12.353 1.00 15.46 ? 10  PRO A N   1 
ATOM   79  C CA  . PRO A 1 12  ? -2.128  1.384   -12.636 1.00 19.21 ? 10  PRO A CA  1 
ATOM   80  C C   . PRO A 1 12  ? -2.157  2.903   -12.568 1.00 21.67 ? 10  PRO A C   1 
ATOM   81  O O   . PRO A 1 12  ? -1.235  3.522   -12.032 1.00 19.94 ? 10  PRO A O   1 
ATOM   82  C CB  . PRO A 1 12  ? -1.772  0.881   -14.032 1.00 16.45 ? 10  PRO A CB  1 
ATOM   83  C CG  . PRO A 1 12  ? -2.384  -0.477  -14.064 1.00 18.30 ? 10  PRO A CG  1 
ATOM   84  C CD  . PRO A 1 12  ? -3.738  -0.225  -13.443 1.00 14.61 ? 10  PRO A CD  1 
ATOM   85  N N   . PHE A 1 13  ? -3.213  3.498   -13.110 1.00 20.44 ? 11  PHE A N   1 
ATOM   86  C CA  . PHE A 1 13  ? -3.332  4.948   -13.127 1.00 21.04 ? 11  PHE A CA  1 
ATOM   87  C C   . PHE A 1 13  ? -3.770  5.593   -11.817 1.00 23.30 ? 11  PHE A C   1 
ATOM   88  O O   . PHE A 1 13  ? -4.103  6.774   -11.796 1.00 23.13 ? 11  PHE A O   1 
ATOM   89  C CB  . PHE A 1 13  ? -4.269  5.399   -14.260 1.00 20.30 ? 11  PHE A CB  1 
ATOM   90  C CG  . PHE A 1 13  ? -5.530  4.581   -14.390 1.00 19.30 ? 11  PHE A CG  1 
ATOM   91  C CD1 . PHE A 1 13  ? -5.565  3.460   -15.220 1.00 24.40 ? 11  PHE A CD1 1 
ATOM   92  C CD2 . PHE A 1 13  ? -6.686  4.941   -13.706 1.00 25.59 ? 11  PHE A CD2 1 
ATOM   93  C CE1 . PHE A 1 13  ? -6.738  2.715   -15.372 1.00 26.11 ? 11  PHE A CE1 1 
ATOM   94  C CE2 . PHE A 1 13  ? -7.864  4.204   -13.849 1.00 23.58 ? 11  PHE A CE2 1 
ATOM   95  C CZ  . PHE A 1 13  ? -7.890  3.088   -14.684 1.00 26.18 ? 11  PHE A CZ  1 
ATOM   96  N N   . LYS A 1 14  ? -3.762  4.834   -10.723 1.00 19.46 ? 12  LYS A N   1 
ATOM   97  C CA  . LYS A 1 14  ? -4.153  5.382   -9.427  1.00 19.37 ? 12  LYS A CA  1 
ATOM   98  C C   . LYS A 1 14  ? -2.938  5.634   -8.535  1.00 19.47 ? 12  LYS A C   1 
ATOM   99  O O   . LYS A 1 14  ? -3.073  6.165   -7.431  1.00 20.58 ? 12  LYS A O   1 
ATOM   100 C CB  . LYS A 1 14  ? -5.117  4.432   -8.707  1.00 22.52 ? 12  LYS A CB  1 
ATOM   101 C CG  . LYS A 1 14  ? -6.423  4.178   -9.447  1.00 31.33 ? 12  LYS A CG  1 
ATOM   102 C CD  . LYS A 1 14  ? -7.234  5.455   -9.632  1.00 33.00 ? 12  LYS A CD  1 
ATOM   103 C CE  . LYS A 1 14  ? -7.742  5.993   -8.304  1.00 37.38 ? 12  LYS A CE  1 
ATOM   104 N NZ  . LYS A 1 14  ? -8.613  7.186   -8.494  1.00 46.81 ? 12  LYS A NZ  1 
ATOM   105 N N   . LEU A 1 15  ? -1.756  5.268   -9.023  1.00 19.03 ? 13  LEU A N   1 
ATOM   106 C CA  . LEU A 1 15  ? -0.511  5.426   -8.268  1.00 18.30 ? 13  LEU A CA  1 
ATOM   107 C C   . LEU A 1 15  ? -0.289  6.836   -7.718  1.00 23.04 ? 13  LEU A C   1 
ATOM   108 O O   . LEU A 1 15  ? -0.095  7.014   -6.516  1.00 21.66 ? 13  LEU A O   1 
ATOM   109 C CB  . LEU A 1 15  ? 0.695   5.042   -9.136  1.00 20.60 ? 13  LEU A CB  1 
ATOM   110 C CG  . LEU A 1 15  ? 1.862   4.287   -8.485  1.00 27.65 ? 13  LEU A CG  1 
ATOM   111 C CD1 . LEU A 1 15  ? 3.124   4.513   -9.305  1.00 26.40 ? 13  LEU A CD1 1 
ATOM   112 C CD2 . LEU A 1 15  ? 2.085   4.748   -7.065  1.00 21.49 ? 13  LEU A CD2 1 
ATOM   113 N N   . ASP A 1 16  ? -0.297  7.838   -8.595  1.00 22.10 ? 14  ASP A N   1 
ATOM   114 C CA  . ASP A 1 16  ? -0.080  9.218   -8.159  1.00 25.02 ? 14  ASP A CA  1 
ATOM   115 C C   . ASP A 1 16  ? -1.005  9.632   -7.023  1.00 19.44 ? 14  ASP A C   1 
ATOM   116 O O   . ASP A 1 16  ? -0.547  10.115  -5.983  1.00 20.94 ? 14  ASP A O   1 
ATOM   117 C CB  . ASP A 1 16  ? -0.256  10.200  -9.325  1.00 25.19 ? 14  ASP A CB  1 
ATOM   118 C CG  . ASP A 1 16  ? 0.931   10.206  -10.268 1.00 35.62 ? 14  ASP A CG  1 
ATOM   119 O OD1 . ASP A 1 16  ? 2.065   9.960   -9.804  1.00 37.19 ? 14  ASP A OD1 1 
ATOM   120 O OD2 . ASP A 1 16  ? 0.736   10.476  -11.472 1.00 39.11 ? 14  ASP A OD2 1 
ATOM   121 N N   . ASP A 1 17  ? -2.305  9.441   -7.225  1.00 19.39 ? 15  ASP A N   1 
ATOM   122 C CA  . ASP A 1 17  ? -3.302  9.804   -6.220  1.00 19.92 ? 15  ASP A CA  1 
ATOM   123 C C   . ASP A 1 17  ? -3.054  9.129   -4.878  1.00 19.40 ? 15  ASP A C   1 
ATOM   124 O O   . ASP A 1 17  ? -3.157  9.767   -3.833  1.00 17.20 ? 15  ASP A O   1 
ATOM   125 C CB  . ASP A 1 17  ? -4.713  9.461   -6.713  1.00 21.86 ? 15  ASP A CB  1 
ATOM   126 C CG  . ASP A 1 17  ? -5.234  10.458  -7.738  1.00 33.95 ? 15  ASP A CG  1 
ATOM   127 O OD1 . ASP A 1 17  ? -6.309  10.205  -8.323  1.00 39.50 ? 15  ASP A OD1 1 
ATOM   128 O OD2 . ASP A 1 17  ? -4.576  11.497  -7.954  1.00 31.73 ? 15  ASP A OD2 1 
ATOM   129 N N   . VAL A 1 18  ? -2.738  7.837   -4.904  1.00 17.46 ? 16  VAL A N   1 
ATOM   130 C CA  . VAL A 1 18  ? -2.473  7.107   -3.665  1.00 17.87 ? 16  VAL A CA  1 
ATOM   131 C C   . VAL A 1 18  ? -1.222  7.652   -2.984  1.00 17.61 ? 16  VAL A C   1 
ATOM   132 O O   . VAL A 1 18  ? -1.222  7.903   -1.780  1.00 15.91 ? 16  VAL A O   1 
ATOM   133 C CB  . VAL A 1 18  ? -2.285  5.583   -3.924  1.00 14.42 ? 16  VAL A CB  1 
ATOM   134 C CG1 . VAL A 1 18  ? -1.783  4.892   -2.658  1.00 21.10 ? 16  VAL A CG1 1 
ATOM   135 C CG2 . VAL A 1 18  ? -3.603  4.966   -4.358  1.00 12.97 ? 16  VAL A CG2 1 
ATOM   136 N N   . ARG A 1 19  ? -0.158  7.838   -3.759  1.00 22.61 ? 17  ARG A N   1 
ATOM   137 C CA  . ARG A 1 19  ? 1.093   8.354   -3.214  1.00 25.48 ? 17  ARG A CA  1 
ATOM   138 C C   . ARG A 1 19  ? 0.928   9.692   -2.501  1.00 28.03 ? 17  ARG A C   1 
ATOM   139 O O   . ARG A 1 19  ? 1.385   9.865   -1.370  1.00 27.49 ? 17  ARG A O   1 
ATOM   140 C CB  . ARG A 1 19  ? 2.126   8.542   -4.324  1.00 30.44 ? 17  ARG A CB  1 
ATOM   141 C CG  . ARG A 1 19  ? 2.784   7.283   -4.838  1.00 43.77 ? 17  ARG A CG  1 
ATOM   142 C CD  . ARG A 1 19  ? 3.842   7.672   -5.860  1.00 48.11 ? 17  ARG A CD  1 
ATOM   143 N NE  . ARG A 1 19  ? 4.847   8.554   -5.268  1.00 48.15 ? 17  ARG A NE  1 
ATOM   144 C CZ  . ARG A 1 19  ? 5.537   9.467   -5.943  1.00 49.82 ? 17  ARG A CZ  1 
ATOM   145 N NH1 . ARG A 1 19  ? 5.334   9.631   -7.243  1.00 48.74 ? 17  ARG A NH1 1 
ATOM   146 N NH2 . ARG A 1 19  ? 6.437   10.213  -5.318  1.00 49.03 ? 17  ARG A NH2 1 
ATOM   147 N N   . GLU A 1 20  ? 0.292   10.647  -3.169  1.00 27.18 ? 18  GLU A N   1 
ATOM   148 C CA  . GLU A 1 20  ? 0.121   11.959  -2.568  1.00 26.75 ? 18  GLU A CA  1 
ATOM   149 C C   . GLU A 1 20  ? -0.775  11.897  -1.340  1.00 24.35 ? 18  GLU A C   1 
ATOM   150 O O   . GLU A 1 20  ? -0.533  12.600  -0.363  1.00 23.00 ? 18  GLU A O   1 
ATOM   151 C CB  . GLU A 1 20  ? -0.444  12.963  -3.581  1.00 31.61 ? 18  GLU A CB  1 
ATOM   152 C CG  . GLU A 1 20  ? -1.924  12.821  -3.880  1.00 40.37 ? 18  GLU A CG  1 
ATOM   153 C CD  . GLU A 1 20  ? -2.506  14.070  -4.534  1.00 46.41 ? 18  GLU A CD  1 
ATOM   154 O OE1 . GLU A 1 20  ? -3.720  14.085  -4.828  1.00 45.62 ? 18  GLU A OE1 1 
ATOM   155 O OE2 . GLU A 1 20  ? -1.750  15.041  -4.752  1.00 45.19 ? 18  GLU A OE2 1 
ATOM   156 N N   . ALA A 1 21  ? -1.803  11.054  -1.386  1.00 19.85 ? 19  ALA A N   1 
ATOM   157 C CA  . ALA A 1 21  ? -2.713  10.927  -0.251  1.00 22.77 ? 19  ALA A CA  1 
ATOM   158 C C   . ALA A 1 21  ? -1.965  10.411  0.973   1.00 20.46 ? 19  ALA A C   1 
ATOM   159 O O   . ALA A 1 21  ? -2.181  10.885  2.090   1.00 18.54 ? 19  ALA A O   1 
ATOM   160 C CB  . ALA A 1 21  ? -3.865  9.996   -0.597  1.00 24.25 ? 19  ALA A CB  1 
ATOM   161 N N   . LEU A 1 22  ? -1.084  9.436   0.768   1.00 16.27 ? 20  LEU A N   1 
ATOM   162 C CA  . LEU A 1 22  ? -0.310  8.892   1.876   1.00 17.51 ? 20  LEU A CA  1 
ATOM   163 C C   . LEU A 1 22  ? 0.726   9.914   2.348   1.00 21.00 ? 20  LEU A C   1 
ATOM   164 O O   . LEU A 1 22  ? 0.951   10.072  3.544   1.00 21.05 ? 20  LEU A O   1 
ATOM   165 C CB  . LEU A 1 22  ? 0.383   7.588   1.457   1.00 19.97 ? 20  LEU A CB  1 
ATOM   166 C CG  . LEU A 1 22  ? -0.568  6.401   1.254   1.00 21.68 ? 20  LEU A CG  1 
ATOM   167 C CD1 . LEU A 1 22  ? 0.166   5.243   0.580   1.00 21.23 ? 20  LEU A CD1 1 
ATOM   168 C CD2 . LEU A 1 22  ? -1.153  5.984   2.601   1.00 22.33 ? 20  LEU A CD2 1 
ATOM   169 N N   . THR A 1 23  ? 1.344   10.618  1.408   1.00 22.33 ? 21  THR A N   1 
ATOM   170 C CA  . THR A 1 23  ? 2.342   11.624  1.763   1.00 25.72 ? 21  THR A CA  1 
ATOM   171 C C   . THR A 1 23  ? 1.719   12.695  2.654   1.00 24.31 ? 21  THR A C   1 
ATOM   172 O O   . THR A 1 23  ? 2.374   13.222  3.552   1.00 21.21 ? 21  THR A O   1 
ATOM   173 C CB  . THR A 1 23  ? 2.928   12.306  0.512   1.00 27.59 ? 21  THR A CB  1 
ATOM   174 O OG1 . THR A 1 23  ? 3.603   11.331  -0.292  1.00 31.45 ? 21  THR A OG1 1 
ATOM   175 C CG2 . THR A 1 23  ? 3.923   13.395  0.916   1.00 33.75 ? 21  THR A CG2 1 
ATOM   176 N N   . GLU A 1 24  ? 0.449   13.007  2.408   1.00 22.46 ? 22  GLU A N   1 
ATOM   177 C CA  . GLU A 1 24  ? -0.254  14.015  3.199   1.00 26.64 ? 22  GLU A CA  1 
ATOM   178 C C   . GLU A 1 24  ? -0.396  13.626  4.668   1.00 27.61 ? 22  GLU A C   1 
ATOM   179 O O   . GLU A 1 24  ? -0.504  14.494  5.533   1.00 29.45 ? 22  GLU A O   1 
ATOM   180 C CB  . GLU A 1 24  ? -1.639  14.288  2.606   1.00 31.18 ? 22  GLU A CB  1 
ATOM   181 C CG  . GLU A 1 24  ? -1.619  15.117  1.338   1.00 40.12 ? 22  GLU A CG  1 
ATOM   182 C CD  . GLU A 1 24  ? -3.014  15.476  0.855   1.00 52.58 ? 22  GLU A CD  1 
ATOM   183 O OE1 . GLU A 1 24  ? -3.810  15.999  1.666   1.00 57.27 ? 22  GLU A OE1 1 
ATOM   184 O OE2 . GLU A 1 24  ? -3.309  15.244  -0.336  1.00 57.14 ? 22  GLU A OE2 1 
ATOM   185 N N   . ILE A 1 25  ? -0.398  12.328  4.956   1.00 25.32 ? 23  ILE A N   1 
ATOM   186 C CA  . ILE A 1 25  ? -0.519  11.880  6.339   1.00 23.87 ? 23  ILE A CA  1 
ATOM   187 C C   . ILE A 1 25  ? 0.805   11.377  6.918   1.00 23.12 ? 23  ILE A C   1 
ATOM   188 O O   . ILE A 1 25  ? 0.821   10.672  7.928   1.00 24.43 ? 23  ILE A O   1 
ATOM   189 C CB  . ILE A 1 25  ? -1.593  10.781  6.487   1.00 25.63 ? 23  ILE A CB  1 
ATOM   190 C CG1 . ILE A 1 25  ? -1.260  9.593   5.582   1.00 24.60 ? 23  ILE A CG1 1 
ATOM   191 C CG2 . ILE A 1 25  ? -2.960  11.352  6.150   1.00 25.98 ? 23  ILE A CG2 1 
ATOM   192 C CD1 . ILE A 1 25  ? -2.191  8.412   5.764   1.00 30.01 ? 23  ILE A CD1 1 
ATOM   193 N N   . GLY A 1 26  ? 1.909   11.737  6.269   1.00 24.24 ? 24  GLY A N   1 
ATOM   194 C CA  . GLY A 1 26  ? 3.227   11.354  6.761   1.00 29.64 ? 24  GLY A CA  1 
ATOM   195 C C   . GLY A 1 26  ? 3.831   10.017  6.356   1.00 31.29 ? 24  GLY A C   1 
ATOM   196 O O   . GLY A 1 26  ? 4.811   9.580   6.958   1.00 32.29 ? 24  GLY A O   1 
ATOM   197 N N   . ILE A 1 27  ? 3.267   9.370   5.342   1.00 29.40 ? 25  ILE A N   1 
ATOM   198 C CA  . ILE A 1 27  ? 3.778   8.079   4.885   1.00 30.48 ? 25  ILE A CA  1 
ATOM   199 C C   . ILE A 1 27  ? 4.353   8.247   3.478   1.00 30.09 ? 25  ILE A C   1 
ATOM   200 O O   . ILE A 1 27  ? 3.630   8.621   2.552   1.00 27.94 ? 25  ILE A O   1 
ATOM   201 C CB  . ILE A 1 27  ? 2.643   7.026   4.875   1.00 29.06 ? 25  ILE A CB  1 
ATOM   202 C CG1 . ILE A 1 27  ? 2.025   6.931   6.273   1.00 29.30 ? 25  ILE A CG1 1 
ATOM   203 C CG2 . ILE A 1 27  ? 3.175   5.673   4.429   1.00 26.98 ? 25  ILE A CG2 1 
ATOM   204 C CD1 . ILE A 1 27  ? 0.872   5.950   6.383   1.00 33.75 ? 25  ILE A CD1 1 
ATOM   205 N N   . THR A 1 28  ? 5.649   7.973   3.307   1.00 30.10 ? 26  THR A N   1 
ATOM   206 C CA  . THR A 1 28  ? 6.274   8.152   1.993   1.00 33.58 ? 26  THR A CA  1 
ATOM   207 C C   . THR A 1 28  ? 7.003   6.968   1.345   1.00 35.57 ? 26  THR A C   1 
ATOM   208 O O   . THR A 1 28  ? 6.921   6.784   0.127   1.00 40.09 ? 26  THR A O   1 
ATOM   209 C CB  . THR A 1 28  ? 7.255   9.341   2.017   1.00 35.11 ? 26  THR A CB  1 
ATOM   210 O OG1 . THR A 1 28  ? 8.315   9.075   2.943   1.00 39.45 ? 26  THR A OG1 1 
ATOM   211 C CG2 . THR A 1 28  ? 6.528   10.614  2.433   1.00 32.02 ? 26  THR A CG2 1 
ATOM   212 N N   . GLY A 1 29  ? 7.716   6.175   2.139   1.00 30.47 ? 27  GLY A N   1 
ATOM   213 C CA  . GLY A 1 29  ? 8.449   5.049   1.582   1.00 26.74 ? 27  GLY A CA  1 
ATOM   214 C C   . GLY A 1 29  ? 7.603   3.860   1.155   1.00 29.36 ? 27  GLY A C   1 
ATOM   215 O O   . GLY A 1 29  ? 6.958   3.214   1.984   1.00 25.47 ? 27  GLY A O   1 
ATOM   216 N N   . MET A 1 30  ? 7.618   3.563   -0.143  1.00 19.79 ? 28  MET A N   1 
ATOM   217 C CA  . MET A 1 30  ? 6.851   2.443   -0.680  1.00 20.87 ? 28  MET A CA  1 
ATOM   218 C C   . MET A 1 30  ? 7.567   1.769   -1.844  1.00 17.46 ? 28  MET A C   1 
ATOM   219 O O   . MET A 1 30  ? 8.456   2.347   -2.472  1.00 18.64 ? 28  MET A O   1 
ATOM   220 C CB  . MET A 1 30  ? 5.470   2.905   -1.161  1.00 22.56 ? 28  MET A CB  1 
ATOM   221 C CG  . MET A 1 30  ? 5.495   3.749   -2.431  1.00 20.40 ? 28  MET A CG  1 
ATOM   222 S SD  . MET A 1 30  ? 3.865   4.038   -3.178  1.00 29.22 ? 28  MET A SD  1 
ATOM   223 C CE  . MET A 1 30  ? 3.113   5.059   -1.921  1.00 33.72 ? 28  MET A CE  1 
ATOM   224 N N   . THR A 1 31  ? 7.148   0.544   -2.128  1.00 15.10 ? 29  THR A N   1 
ATOM   225 C CA  . THR A 1 31  ? 7.693   -0.249  -3.218  1.00 14.76 ? 29  THR A CA  1 
ATOM   226 C C   . THR A 1 31  ? 6.524   -0.492  -4.170  1.00 14.63 ? 29  THR A C   1 
ATOM   227 O O   . THR A 1 31  ? 5.405   -0.709  -3.721  1.00 13.37 ? 29  THR A O   1 
ATOM   228 C CB  . THR A 1 31  ? 8.206   -1.609  -2.692  1.00 22.13 ? 29  THR A CB  1 
ATOM   229 O OG1 . THR A 1 31  ? 9.285   -1.391  -1.772  1.00 28.86 ? 29  THR A OG1 1 
ATOM   230 C CG2 . THR A 1 31  ? 8.686   -2.464  -3.823  1.00 25.95 ? 29  THR A CG2 1 
ATOM   231 N N   . VAL A 1 32  ? 6.773   -0.448  -5.475  1.00 14.79 ? 30  VAL A N   1 
ATOM   232 C CA  . VAL A 1 32  ? 5.703   -0.672  -6.448  1.00 12.49 ? 30  VAL A CA  1 
ATOM   233 C C   . VAL A 1 32  ? 6.101   -1.693  -7.511  1.00 17.32 ? 30  VAL A C   1 
ATOM   234 O O   . VAL A 1 32  ? 7.195   -1.620  -8.072  1.00 14.73 ? 30  VAL A O   1 
ATOM   235 C CB  . VAL A 1 32  ? 5.315   0.647   -7.161  1.00 17.36 ? 30  VAL A CB  1 
ATOM   236 C CG1 . VAL A 1 32  ? 4.173   0.394   -8.154  1.00 20.09 ? 30  VAL A CG1 1 
ATOM   237 C CG2 . VAL A 1 32  ? 4.920   1.704   -6.121  1.00 16.64 ? 30  VAL A CG2 1 
ATOM   238 N N   . SER A 1 33  ? 5.221   -2.649  -7.793  1.00 14.24 ? 31  SER A N   1 
ATOM   239 C CA  . SER A 1 33  ? 5.526   -3.639  -8.815  1.00 15.89 ? 31  SER A CA  1 
ATOM   240 C C   . SER A 1 33  ? 4.345   -3.852  -9.754  1.00 15.23 ? 31  SER A C   1 
ATOM   241 O O   . SER A 1 33  ? 3.185   -3.635  -9.384  1.00 12.54 ? 31  SER A O   1 
ATOM   242 C CB  . SER A 1 33  ? 5.954   -4.966  -8.179  1.00 24.43 ? 31  SER A CB  1 
ATOM   243 O OG  . SER A 1 33  ? 4.944   -5.482  -7.349  1.00 26.72 ? 31  SER A OG  1 
ATOM   244 N N   . GLU A 1 34  ? 4.656   -4.258  -10.980 1.00 12.78 ? 32  GLU A N   1 
ATOM   245 C CA  . GLU A 1 34  ? 3.639   -4.497  -11.998 1.00 17.18 ? 32  GLU A CA  1 
ATOM   246 C C   . GLU A 1 34  ? 3.201   -5.952  -11.937 1.00 15.46 ? 32  GLU A C   1 
ATOM   247 O O   . GLU A 1 34  ? 4.036   -6.857  -11.922 1.00 17.66 ? 32  GLU A O   1 
ATOM   248 C CB  . GLU A 1 34  ? 4.208   -4.197  -13.387 1.00 22.68 ? 32  GLU A CB  1 
ATOM   249 C CG  . GLU A 1 34  ? 5.019   -2.912  -13.471 1.00 34.06 ? 32  GLU A CG  1 
ATOM   250 C CD  . GLU A 1 34  ? 4.221   -1.678  -13.084 1.00 47.72 ? 32  GLU A CD  1 
ATOM   251 O OE1 . GLU A 1 34  ? 3.143   -1.458  -13.676 1.00 50.06 ? 32  GLU A OE1 1 
ATOM   252 O OE2 . GLU A 1 34  ? 4.678   -0.927  -12.192 1.00 49.05 ? 32  GLU A OE2 1 
ATOM   253 N N   . VAL A 1 35  ? 1.892   -6.176  -11.884 1.00 15.55 ? 33  VAL A N   1 
ATOM   254 C CA  . VAL A 1 35  ? 1.363   -7.533  -11.828 1.00 11.72 ? 33  VAL A CA  1 
ATOM   255 C C   . VAL A 1 35  ? 0.138   -7.656  -12.730 1.00 16.72 ? 33  VAL A C   1 
ATOM   256 O O   . VAL A 1 35  ? -0.383  -6.660  -13.235 1.00 14.67 ? 33  VAL A O   1 
ATOM   257 C CB  . VAL A 1 35  ? 0.945   -7.940  -10.380 1.00 15.45 ? 33  VAL A CB  1 
ATOM   258 C CG1 . VAL A 1 35  ? 2.109   -7.725  -9.410  1.00 19.38 ? 33  VAL A CG1 1 
ATOM   259 C CG2 . VAL A 1 35  ? -0.286  -7.137  -9.937  1.00 19.30 ? 33  VAL A CG2 1 
ATOM   260 N N   . LYS A 1 36  ? -0.303  -8.888  -12.950 1.00 15.04 ? 34  LYS A N   1 
ATOM   261 C CA  . LYS A 1 36  ? -1.488  -9.129  -13.764 1.00 20.79 ? 34  LYS A CA  1 
ATOM   262 C C   . LYS A 1 36  ? -2.591  -9.551  -12.806 1.00 17.92 ? 34  LYS A C   1 
ATOM   263 O O   . LYS A 1 36  ? -2.376  -10.401 -11.940 1.00 13.15 ? 34  LYS A O   1 
ATOM   264 C CB  . LYS A 1 36  ? -1.231  -10.240 -14.784 1.00 19.09 ? 34  LYS A CB  1 
ATOM   265 C CG  . LYS A 1 36  ? -0.083  -9.953  -15.739 1.00 30.89 ? 34  LYS A CG  1 
ATOM   266 C CD  . LYS A 1 36  ? 0.039   -11.035 -16.806 1.00 41.38 ? 34  LYS A CD  1 
ATOM   267 C CE  . LYS A 1 36  ? 1.330   -10.884 -17.600 1.00 49.61 ? 34  LYS A CE  1 
ATOM   268 N NZ  . LYS A 1 36  ? 1.472   -9.523  -18.191 1.00 56.77 ? 34  LYS A NZ  1 
ATOM   269 N N   . GLY A 1 37  ? -3.765  -8.944  -12.938 1.00 14.62 ? 35  GLY A N   1 
ATOM   270 C CA  . GLY A 1 37  ? -4.864  -9.304  -12.064 1.00 14.46 ? 35  GLY A CA  1 
ATOM   271 C C   . GLY A 1 37  ? -5.944  -10.103 -12.772 1.00 21.73 ? 35  GLY A C   1 
ATOM   272 O O   . GLY A 1 37  ? -6.462  -9.662  -13.800 1.00 20.90 ? 35  GLY A O   1 
ATOM   273 N N   . PHE A 1 38  ? -6.260  -11.281 -12.234 1.00 21.35 ? 36  PHE A N   1 
ATOM   274 C CA  . PHE A 1 38  ? -7.307  -12.150 -12.779 1.00 28.60 ? 36  PHE A CA  1 
ATOM   275 C C   . PHE A 1 38  ? -8.458  -12.182 -11.774 1.00 36.66 ? 36  PHE A C   1 
ATOM   276 O O   . PHE A 1 38  ? -8.265  -11.888 -10.595 1.00 34.31 ? 36  PHE A O   1 
ATOM   277 C CB  . PHE A 1 38  ? -6.819  -13.595 -12.953 1.00 29.26 ? 36  PHE A CB  1 
ATOM   278 C CG  . PHE A 1 38  ? -5.702  -13.766 -13.941 1.00 25.89 ? 36  PHE A CG  1 
ATOM   279 C CD1 . PHE A 1 38  ? -4.401  -13.399 -13.617 1.00 26.67 ? 36  PHE A CD1 1 
ATOM   280 C CD2 . PHE A 1 38  ? -5.944  -14.352 -15.181 1.00 31.18 ? 36  PHE A CD2 1 
ATOM   281 C CE1 . PHE A 1 38  ? -3.356  -13.619 -14.510 1.00 25.30 ? 36  PHE A CE1 1 
ATOM   282 C CE2 . PHE A 1 38  ? -4.907  -14.576 -16.080 1.00 26.40 ? 36  PHE A CE2 1 
ATOM   283 C CZ  . PHE A 1 38  ? -3.609  -14.210 -15.745 1.00 32.53 ? 36  PHE A CZ  1 
ATOM   284 N N   . GLY A 1 39  ? -9.649  -12.556 -12.233 1.00 46.15 ? 37  GLY A N   1 
ATOM   285 C CA  . GLY A 1 39  ? -10.778 -12.638 -11.322 1.00 53.28 ? 37  GLY A CA  1 
ATOM   286 C C   . GLY A 1 39  ? -12.060 -11.974 -11.780 1.00 58.14 ? 37  GLY A C   1 
ATOM   287 O O   . GLY A 1 39  ? -12.826 -12.544 -12.555 1.00 59.24 ? 37  GLY A O   1 
ATOM   288 N N   . ARG A 1 40  ? -12.297 -10.764 -11.283 1.00 62.14 ? 38  ARG A N   1 
ATOM   289 C CA  . ARG A 1 40  ? -13.490 -10.001 -11.624 1.00 63.56 ? 38  ARG A CA  1 
ATOM   290 C C   . ARG A 1 40  ? -13.341 -9.305  -12.970 1.00 64.28 ? 38  ARG A C   1 
ATOM   291 O O   . ARG A 1 40  ? -13.950 -8.261  -13.208 1.00 65.13 ? 38  ARG A O   1 
ATOM   292 C CB  . ARG A 1 40  ? -13.773 -8.963  -10.534 1.00 66.69 ? 38  ARG A CB  1 
ATOM   293 C CG  . ARG A 1 40  ? -12.562 -8.123  -10.160 1.00 67.76 ? 38  ARG A CG  1 
ATOM   294 C CD  . ARG A 1 40  ? -12.929 -7.012  -9.191  1.00 70.87 ? 38  ARG A CD  1 
ATOM   295 N NE  . ARG A 1 40  ? -13.570 -7.516  -7.980  1.00 71.99 ? 38  ARG A NE  1 
ATOM   296 C CZ  . ARG A 1 40  ? -13.971 -6.742  -6.976  1.00 72.00 ? 38  ARG A CZ  1 
ATOM   297 N NH1 . ARG A 1 40  ? -13.793 -5.430  -7.041  1.00 70.57 ? 38  ARG A NH1 1 
ATOM   298 N NH2 . ARG A 1 40  ? -14.550 -7.275  -5.910  1.00 72.59 ? 38  ARG A NH2 1 
ATOM   299 N N   . VAL A 1 55  ? -8.755  -10.988 -23.264 1.00 66.91 ? 53  VAL A N   1 
ATOM   300 C CA  . VAL A 1 55  ? -7.962  -11.846 -22.391 1.00 64.83 ? 53  VAL A CA  1 
ATOM   301 C C   . VAL A 1 55  ? -8.645  -11.983 -21.026 1.00 61.99 ? 53  VAL A C   1 
ATOM   302 O O   . VAL A 1 55  ? -9.692  -11.380 -20.788 1.00 62.00 ? 53  VAL A O   1 
ATOM   303 C CB  . VAL A 1 55  ? -6.530  -11.278 -22.221 1.00 64.07 ? 53  VAL A CB  1 
ATOM   304 C CG1 . VAL A 1 55  ? -6.573  -9.980  -21.434 1.00 64.97 ? 53  VAL A CG1 1 
ATOM   305 C CG2 . VAL A 1 55  ? -5.631  -12.305 -21.550 1.00 63.26 ? 53  VAL A CG2 1 
ATOM   306 N N   . ASP A 1 56  ? -8.054  -12.775 -20.137 1.00 58.11 ? 54  ASP A N   1 
ATOM   307 C CA  . ASP A 1 56  ? -8.629  -13.004 -18.812 1.00 51.99 ? 54  ASP A CA  1 
ATOM   308 C C   . ASP A 1 56  ? -8.001  -12.171 -17.695 1.00 44.74 ? 54  ASP A C   1 
ATOM   309 O O   . ASP A 1 56  ? -8.257  -12.436 -16.519 1.00 45.25 ? 54  ASP A O   1 
ATOM   310 C CB  . ASP A 1 56  ? -8.504  -14.485 -18.436 1.00 55.69 ? 54  ASP A CB  1 
ATOM   311 C CG  . ASP A 1 56  ? -9.169  -15.405 -19.440 1.00 62.34 ? 54  ASP A CG  1 
ATOM   312 O OD1 . ASP A 1 56  ? -10.395 -15.279 -19.648 1.00 63.32 ? 54  ASP A OD1 1 
ATOM   313 O OD2 . ASP A 1 56  ? -8.465  -16.259 -20.019 1.00 67.42 ? 54  ASP A OD2 1 
ATOM   314 N N   . PHE A 1 57  ? -7.196  -11.170 -18.042 1.00 35.62 ? 55  PHE A N   1 
ATOM   315 C CA  . PHE A 1 57  ? -6.545  -10.356 -17.013 1.00 29.07 ? 55  PHE A CA  1 
ATOM   316 C C   . PHE A 1 57  ? -6.334  -8.901  -17.412 1.00 23.19 ? 55  PHE A C   1 
ATOM   317 O O   . PHE A 1 57  ? -6.378  -8.552  -18.589 1.00 25.59 ? 55  PHE A O   1 
ATOM   318 C CB  . PHE A 1 57  ? -5.186  -10.964 -16.658 1.00 27.90 ? 55  PHE A CB  1 
ATOM   319 C CG  . PHE A 1 57  ? -4.146  -10.779 -17.726 1.00 29.92 ? 55  PHE A CG  1 
ATOM   320 C CD1 . PHE A 1 57  ? -3.484  -9.562  -17.874 1.00 30.12 ? 55  PHE A CD1 1 
ATOM   321 C CD2 . PHE A 1 57  ? -3.853  -11.811 -18.611 1.00 36.39 ? 55  PHE A CD2 1 
ATOM   322 C CE1 . PHE A 1 57  ? -2.552  -9.376  -18.889 1.00 30.61 ? 55  PHE A CE1 1 
ATOM   323 C CE2 . PHE A 1 57  ? -2.918  -11.630 -19.631 1.00 35.37 ? 55  PHE A CE2 1 
ATOM   324 C CZ  . PHE A 1 57  ? -2.270  -10.410 -19.767 1.00 32.10 ? 55  PHE A CZ  1 
ATOM   325 N N   . LEU A 1 58  ? -6.085  -8.062  -16.410 1.00 19.72 ? 56  LEU A N   1 
ATOM   326 C CA  . LEU A 1 58  ? -5.826  -6.645  -16.619 1.00 16.29 ? 56  LEU A CA  1 
ATOM   327 C C   . LEU A 1 58  ? -4.612  -6.250  -15.796 1.00 15.46 ? 56  LEU A C   1 
ATOM   328 O O   . LEU A 1 58  ? -4.413  -6.756  -14.691 1.00 16.62 ? 56  LEU A O   1 
ATOM   329 C CB  . LEU A 1 58  ? -7.024  -5.800  -16.178 1.00 17.78 ? 56  LEU A CB  1 
ATOM   330 C CG  . LEU A 1 58  ? -8.247  -5.839  -17.097 1.00 23.68 ? 56  LEU A CG  1 
ATOM   331 C CD1 . LEU A 1 58  ? -9.364  -5.012  -16.497 1.00 24.08 ? 56  LEU A CD1 1 
ATOM   332 C CD2 . LEU A 1 58  ? -7.868  -5.306  -18.465 1.00 26.56 ? 56  LEU A CD2 1 
ATOM   333 N N   . PRO A 1 59  ? -3.773  -5.350  -16.330 1.00 14.82 ? 57  PRO A N   1 
ATOM   334 C CA  . PRO A 1 59  ? -2.582  -4.912  -15.597 1.00 15.69 ? 57  PRO A CA  1 
ATOM   335 C C   . PRO A 1 59  ? -2.960  -4.157  -14.325 1.00 16.21 ? 57  PRO A C   1 
ATOM   336 O O   . PRO A 1 59  ? -3.882  -3.342  -14.323 1.00 13.47 ? 57  PRO A O   1 
ATOM   337 C CB  . PRO A 1 59  ? -1.863  -4.025  -16.613 1.00 17.42 ? 57  PRO A CB  1 
ATOM   338 C CG  . PRO A 1 59  ? -2.994  -3.443  -17.402 1.00 18.61 ? 57  PRO A CG  1 
ATOM   339 C CD  . PRO A 1 59  ? -3.875  -4.656  -17.625 1.00 18.66 ? 57  PRO A CD  1 
ATOM   340 N N   . LYS A 1 60  ? -2.255  -4.449  -13.237 1.00 15.41 ? 58  LYS A N   1 
ATOM   341 C CA  . LYS A 1 60  ? -2.505  -3.789  -11.956 1.00 13.78 ? 58  LYS A CA  1 
ATOM   342 C C   . LYS A 1 60  ? -1.141  -3.435  -11.373 1.00 11.61 ? 58  LYS A C   1 
ATOM   343 O O   . LYS A 1 60  ? -0.105  -3.807  -11.924 1.00 12.94 ? 58  LYS A O   1 
ATOM   344 C CB  . LYS A 1 60  ? -3.207  -4.743  -10.971 1.00 14.77 ? 58  LYS A CB  1 
ATOM   345 C CG  . LYS A 1 60  ? -4.510  -5.366  -11.448 1.00 15.42 ? 58  LYS A CG  1 
ATOM   346 C CD  . LYS A 1 60  ? -5.658  -4.366  -11.470 1.00 16.86 ? 58  LYS A CD  1 
ATOM   347 C CE  . LYS A 1 60  ? -6.973  -5.057  -11.814 1.00 23.67 ? 58  LYS A CE  1 
ATOM   348 N NZ  . LYS A 1 60  ? -8.128  -4.110  -11.788 1.00 23.24 ? 58  LYS A NZ  1 
ATOM   349 N N   . ILE A 1 61  ? -1.137  -2.698  -10.270 1.00 14.17 ? 59  ILE A N   1 
ATOM   350 C CA  . ILE A 1 61  ? 0.120   -2.392  -9.601  1.00 9.73  ? 59  ILE A CA  1 
ATOM   351 C C   . ILE A 1 61  ? -0.040  -2.816  -8.151  1.00 10.88 ? 59  ILE A C   1 
ATOM   352 O O   . ILE A 1 61  ? -1.113  -2.681  -7.568  1.00 12.77 ? 59  ILE A O   1 
ATOM   353 C CB  . ILE A 1 61  ? 0.493   -0.890  -9.640  1.00 19.57 ? 59  ILE A CB  1 
ATOM   354 C CG1 . ILE A 1 61  ? -0.598  -0.052  -8.983  1.00 18.98 ? 59  ILE A CG1 1 
ATOM   355 C CG2 . ILE A 1 61  ? 0.763   -0.460  -11.079 1.00 17.93 ? 59  ILE A CG2 1 
ATOM   356 C CD1 . ILE A 1 61  ? -0.192  1.398   -8.753  1.00 18.09 ? 59  ILE A CD1 1 
ATOM   357 N N   . LYS A 1 62  ? 1.019   -3.362  -7.578  1.00 11.73 ? 60  LYS A N   1 
ATOM   358 C CA  . LYS A 1 62  ? 0.978   -3.774  -6.187  1.00 8.91  ? 60  LYS A CA  1 
ATOM   359 C C   . LYS A 1 62  ? 1.844   -2.811  -5.401  1.00 14.10 ? 60  LYS A C   1 
ATOM   360 O O   . LYS A 1 62  ? 3.055   -2.737  -5.620  1.00 13.20 ? 60  LYS A O   1 
ATOM   361 C CB  . LYS A 1 62  ? 1.514   -5.197  -6.012  1.00 10.08 ? 60  LYS A CB  1 
ATOM   362 C CG  . LYS A 1 62  ? 1.597   -5.634  -4.545  1.00 12.95 ? 60  LYS A CG  1 
ATOM   363 C CD  . LYS A 1 62  ? 1.852   -7.137  -4.401  1.00 17.91 ? 60  LYS A CD  1 
ATOM   364 C CE  . LYS A 1 62  ? 3.156   -7.559  -5.032  1.00 26.87 ? 60  LYS A CE  1 
ATOM   365 N NZ  . LYS A 1 62  ? 3.451   -9.005  -4.790  1.00 25.68 ? 60  LYS A NZ  1 
ATOM   366 N N   . ILE A 1 63  ? 1.207   -2.064  -4.505  1.00 10.43 ? 61  ILE A N   1 
ATOM   367 C CA  . ILE A 1 63  ? 1.880   -1.096  -3.654  1.00 11.72 ? 61  ILE A CA  1 
ATOM   368 C C   . ILE A 1 63  ? 2.171   -1.768  -2.311  1.00 13.65 ? 61  ILE A C   1 
ATOM   369 O O   . ILE A 1 63  ? 1.280   -2.356  -1.693  1.00 10.80 ? 61  ILE A O   1 
ATOM   370 C CB  . ILE A 1 63  ? 0.985   0.152   -3.431  1.00 14.05 ? 61  ILE A CB  1 
ATOM   371 C CG1 . ILE A 1 63  ? 0.708   0.839   -4.773  1.00 14.09 ? 61  ILE A CG1 1 
ATOM   372 C CG2 . ILE A 1 63  ? 1.670   1.133   -2.498  1.00 16.29 ? 61  ILE A CG2 1 
ATOM   373 C CD1 . ILE A 1 63  ? -0.336  1.957   -4.698  1.00 17.58 ? 61  ILE A CD1 1 
ATOM   374 N N   . GLU A 1 64  ? 3.422   -1.681  -1.869  1.00 9.10  ? 62  GLU A N   1 
ATOM   375 C CA  . GLU A 1 64  ? 3.824   -2.291  -0.610  1.00 11.51 ? 62  GLU A CA  1 
ATOM   376 C C   . GLU A 1 64  ? 4.473   -1.307  0.356   1.00 14.81 ? 62  GLU A C   1 
ATOM   377 O O   . GLU A 1 64  ? 5.350   -0.537  -0.029  1.00 14.10 ? 62  GLU A O   1 
ATOM   378 C CB  . GLU A 1 64  ? 4.811   -3.437  -0.879  1.00 16.05 ? 62  GLU A CB  1 
ATOM   379 C CG  . GLU A 1 64  ? 4.231   -4.587  -1.686  1.00 19.30 ? 62  GLU A CG  1 
ATOM   380 C CD  . GLU A 1 64  ? 5.259   -5.670  -1.975  1.00 26.95 ? 62  GLU A CD  1 
ATOM   381 O OE1 . GLU A 1 64  ? 6.076   -5.495  -2.904  1.00 27.87 ? 62  GLU A OE1 1 
ATOM   382 O OE2 . GLU A 1 64  ? 5.260   -6.697  -1.266  1.00 30.63 ? 62  GLU A OE2 1 
ATOM   383 N N   . LEU A 1 65  ? 4.034   -1.339  1.608   1.00 13.67 ? 63  LEU A N   1 
ATOM   384 C CA  . LEU A 1 65  ? 4.615   -0.488  2.636   1.00 16.25 ? 63  LEU A CA  1 
ATOM   385 C C   . LEU A 1 65  ? 4.647   -1.211  3.972   1.00 12.48 ? 63  LEU A C   1 
ATOM   386 O O   . LEU A 1 65  ? 3.795   -2.047  4.252   1.00 11.73 ? 63  LEU A O   1 
ATOM   387 C CB  . LEU A 1 65  ? 3.838   0.823   2.780   1.00 26.50 ? 63  LEU A CB  1 
ATOM   388 C CG  . LEU A 1 65  ? 2.313   0.811   2.701   1.00 29.82 ? 63  LEU A CG  1 
ATOM   389 C CD1 . LEU A 1 65  ? 1.756   2.029   3.411   1.00 38.08 ? 63  LEU A CD1 1 
ATOM   390 C CD2 . LEU A 1 65  ? 1.881   0.800   1.240   1.00 32.28 ? 63  LEU A CD2 1 
ATOM   391 N N   . VAL A 1 66  ? 5.655   -0.900  4.782   1.00 9.80  ? 64  VAL A N   1 
ATOM   392 C CA  . VAL A 1 66  ? 5.790   -1.482  6.106   1.00 10.71 ? 64  VAL A CA  1 
ATOM   393 C C   . VAL A 1 66  ? 5.821   -0.302  7.077   1.00 13.15 ? 64  VAL A C   1 
ATOM   394 O O   . VAL A 1 66  ? 6.652   0.603   6.951   1.00 15.08 ? 64  VAL A O   1 
ATOM   395 C CB  . VAL A 1 66  ? 7.075   -2.328  6.214   1.00 12.43 ? 64  VAL A CB  1 
ATOM   396 C CG1 . VAL A 1 66  ? 7.276   -2.804  7.648   1.00 12.76 ? 64  VAL A CG1 1 
ATOM   397 C CG2 . VAL A 1 66  ? 6.967   -3.541  5.264   1.00 9.16  ? 64  VAL A CG2 1 
ATOM   398 N N   . LEU A 1 67  ? 4.908   -0.314  8.040   1.00 15.52 ? 65  LEU A N   1 
ATOM   399 C CA  . LEU A 1 67  ? 4.800   0.782   8.991   1.00 15.94 ? 65  LEU A CA  1 
ATOM   400 C C   . LEU A 1 67  ? 4.333   0.334   10.367  1.00 15.68 ? 65  LEU A C   1 
ATOM   401 O O   . LEU A 1 67  ? 3.943   -0.816  10.556  1.00 12.94 ? 65  LEU A O   1 
ATOM   402 C CB  . LEU A 1 67  ? 3.822   1.827   8.444   1.00 15.80 ? 65  LEU A CB  1 
ATOM   403 C CG  . LEU A 1 67  ? 2.338   1.459   8.294   1.00 20.05 ? 65  LEU A CG  1 
ATOM   404 C CD1 . LEU A 1 67  ? 1.605   2.633   7.671   1.00 19.17 ? 65  LEU A CD1 1 
ATOM   405 C CD2 . LEU A 1 67  ? 2.158   0.220   7.419   1.00 19.29 ? 65  LEU A CD2 1 
ATOM   406 N N   . ALA A 1 68  ? 4.360   1.261   11.320  1.00 14.90 ? 66  ALA A N   1 
ATOM   407 C CA  . ALA A 1 68  ? 3.940   0.979   12.690  1.00 17.37 ? 66  ALA A CA  1 
ATOM   408 C C   . ALA A 1 68  ? 2.464   0.593   12.741  1.00 18.56 ? 66  ALA A C   1 
ATOM   409 O O   . ALA A 1 68  ? 1.627   1.189   12.051  1.00 16.68 ? 66  ALA A O   1 
ATOM   410 C CB  . ALA A 1 68  ? 4.202   2.194   13.577  1.00 20.96 ? 66  ALA A CB  1 
ATOM   411 N N   . ASP A 1 69  ? 2.141   -0.396  13.565  1.00 16.79 ? 67  ASP A N   1 
ATOM   412 C CA  . ASP A 1 69  ? 0.763   -0.865  13.665  1.00 23.21 ? 67  ASP A CA  1 
ATOM   413 C C   . ASP A 1 69  ? -0.258  0.242   13.922  1.00 22.62 ? 67  ASP A C   1 
ATOM   414 O O   . ASP A 1 69  ? -1.377  0.180   13.421  1.00 19.25 ? 67  ASP A O   1 
ATOM   415 C CB  . ASP A 1 69  ? 0.637   -1.956  14.735  1.00 25.91 ? 67  ASP A CB  1 
ATOM   416 C CG  . ASP A 1 69  ? 1.226   -1.545  16.068  1.00 40.33 ? 67  ASP A CG  1 
ATOM   417 O OD1 . ASP A 1 69  ? 1.074   -0.369  16.455  1.00 37.86 ? 67  ASP A OD1 1 
ATOM   418 O OD2 . ASP A 1 69  ? 1.830   -2.409  16.738  1.00 46.89 ? 67  ASP A OD2 1 
ATOM   419 N N   . ASP A 1 70  ? 0.127   1.263   14.679  1.00 21.44 ? 68  ASP A N   1 
ATOM   420 C CA  . ASP A 1 70  ? -0.794  2.356   14.981  1.00 28.13 ? 68  ASP A CA  1 
ATOM   421 C C   . ASP A 1 70  ? -1.095  3.261   13.780  1.00 25.55 ? 68  ASP A C   1 
ATOM   422 O O   . ASP A 1 70  ? -2.012  4.078   13.835  1.00 24.06 ? 68  ASP A O   1 
ATOM   423 C CB  . ASP A 1 70  ? -0.245  3.206   16.128  1.00 34.73 ? 68  ASP A CB  1 
ATOM   424 C CG  . ASP A 1 70  ? 1.124   3.779   15.823  1.00 46.28 ? 68  ASP A CG  1 
ATOM   425 O OD1 . ASP A 1 70  ? 2.107   3.013   15.817  1.00 56.33 ? 68  ASP A OD1 1 
ATOM   426 O OD2 . ASP A 1 70  ? 1.220   5.000   15.576  1.00 54.32 ? 68  ASP A OD2 1 
ATOM   427 N N   . ALA A 1 71  ? -0.326  3.121   12.703  1.00 18.87 ? 69  ALA A N   1 
ATOM   428 C CA  . ALA A 1 71  ? -0.525  3.936   11.504  1.00 18.09 ? 69  ALA A CA  1 
ATOM   429 C C   . ALA A 1 71  ? -1.327  3.220   10.416  1.00 16.25 ? 69  ALA A C   1 
ATOM   430 O O   . ALA A 1 71  ? -1.753  3.839   9.438   1.00 19.07 ? 69  ALA A O   1 
ATOM   431 C CB  . ALA A 1 71  ? 0.829   4.364   10.933  1.00 16.42 ? 69  ALA A CB  1 
ATOM   432 N N   . VAL A 1 72  ? -1.534  1.921   10.592  1.00 14.04 ? 70  VAL A N   1 
ATOM   433 C CA  . VAL A 1 72  ? -2.257  1.108   9.616   1.00 13.94 ? 70  VAL A CA  1 
ATOM   434 C C   . VAL A 1 72  ? -3.690  1.533   9.292   1.00 14.46 ? 70  VAL A C   1 
ATOM   435 O O   . VAL A 1 72  ? -4.059  1.610   8.120   1.00 13.92 ? 70  VAL A O   1 
ATOM   436 C CB  . VAL A 1 72  ? -2.262  -0.376  10.049  1.00 12.44 ? 70  VAL A CB  1 
ATOM   437 C CG1 . VAL A 1 72  ? -3.193  -1.198  9.144   1.00 18.05 ? 70  VAL A CG1 1 
ATOM   438 C CG2 . VAL A 1 72  ? -0.845  -0.932  9.979   1.00 17.40 ? 70  VAL A CG2 1 
ATOM   439 N N   . GLU A 1 73  ? -4.495  1.805   10.314  1.00 13.58 ? 71  GLU A N   1 
ATOM   440 C CA  . GLU A 1 73  ? -5.889  2.198   10.098  1.00 14.54 ? 71  GLU A CA  1 
ATOM   441 C C   . GLU A 1 73  ? -6.058  3.439   9.225   1.00 13.61 ? 71  GLU A C   1 
ATOM   442 O O   . GLU A 1 73  ? -6.857  3.439   8.286   1.00 16.72 ? 71  GLU A O   1 
ATOM   443 C CB  . GLU A 1 73  ? -6.598  2.420   11.444  1.00 19.54 ? 71  GLU A CB  1 
ATOM   444 C CG  . GLU A 1 73  ? -8.088  2.729   11.306  1.00 15.68 ? 71  GLU A CG  1 
ATOM   445 C CD  . GLU A 1 73  ? -8.795  2.877   12.654  1.00 18.91 ? 71  GLU A CD  1 
ATOM   446 O OE1 . GLU A 1 73  ? -10.024 3.110   12.663  1.00 22.33 ? 71  GLU A OE1 1 
ATOM   447 O OE2 . GLU A 1 73  ? -8.123  2.766   13.699  1.00 19.36 ? 71  GLU A OE2 1 
ATOM   448 N N   . ARG A 1 74  ? -5.320  4.502   9.538   1.00 13.87 ? 72  ARG A N   1 
ATOM   449 C CA  . ARG A 1 74  ? -5.407  5.736   8.757   1.00 12.92 ? 72  ARG A CA  1 
ATOM   450 C C   . ARG A 1 74  ? -4.914  5.508   7.329   1.00 14.33 ? 72  ARG A C   1 
ATOM   451 O O   . ARG A 1 74  ? -5.496  6.023   6.376   1.00 14.76 ? 72  ARG A O   1 
ATOM   452 C CB  . ARG A 1 74  ? -4.578  6.850   9.411   1.00 17.59 ? 72  ARG A CB  1 
ATOM   453 C CG  . ARG A 1 74  ? -5.170  7.405   10.690  1.00 39.79 ? 72  ARG A CG  1 
ATOM   454 C CD  . ARG A 1 74  ? -5.419  8.901   10.564  1.00 49.29 ? 72  ARG A CD  1 
ATOM   455 N NE  . ARG A 1 74  ? -6.052  9.454   11.758  1.00 56.22 ? 72  ARG A NE  1 
ATOM   456 C CZ  . ARG A 1 74  ? -6.560  10.679  11.831  1.00 60.28 ? 72  ARG A CZ  1 
ATOM   457 N NH1 . ARG A 1 74  ? -6.510  11.481  10.776  1.00 60.72 ? 72  ARG A NH1 1 
ATOM   458 N NH2 . ARG A 1 74  ? -7.119  11.103  12.957  1.00 63.63 ? 72  ARG A NH2 1 
ATOM   459 N N   . ALA A 1 75  ? -3.842  4.734   7.182   1.00 13.16 ? 73  ALA A N   1 
ATOM   460 C CA  . ALA A 1 75  ? -3.303  4.458   5.855   1.00 12.59 ? 73  ALA A CA  1 
ATOM   461 C C   . ALA A 1 75  ? -4.353  3.733   5.009   1.00 11.50 ? 73  ALA A C   1 
ATOM   462 O O   . ALA A 1 75  ? -4.591  4.104   3.865   1.00 15.58 ? 73  ALA A O   1 
ATOM   463 C CB  . ALA A 1 75  ? -2.033  3.623   5.966   1.00 12.82 ? 73  ALA A CB  1 
ATOM   464 N N   . ILE A 1 76  ? -4.976  2.699   5.571   1.00 13.19 ? 74  ILE A N   1 
ATOM   465 C CA  . ILE A 1 76  ? -6.021  1.964   4.850   1.00 16.31 ? 74  ILE A CA  1 
ATOM   466 C C   . ILE A 1 76  ? -7.157  2.909   4.430   1.00 15.96 ? 74  ILE A C   1 
ATOM   467 O O   . ILE A 1 76  ? -7.584  2.905   3.271   1.00 13.55 ? 74  ILE A O   1 
ATOM   468 C CB  . ILE A 1 76  ? -6.625  0.833   5.726   1.00 18.20 ? 74  ILE A CB  1 
ATOM   469 C CG1 . ILE A 1 76  ? -5.593  -0.277  5.928   1.00 19.82 ? 74  ILE A CG1 1 
ATOM   470 C CG2 . ILE A 1 76  ? -7.894  0.280   5.075   1.00 17.65 ? 74  ILE A CG2 1 
ATOM   471 C CD1 . ILE A 1 76  ? -6.023  -1.354  6.923   1.00 17.10 ? 74  ILE A CD1 1 
ATOM   472 N N   . ASP A 1 77  ? -7.645  3.714   5.370   1.00 16.40 ? 75  ASP A N   1 
ATOM   473 C CA  . ASP A 1 77  ? -8.741  4.641   5.075   1.00 15.75 ? 75  ASP A CA  1 
ATOM   474 C C   . ASP A 1 77  ? -8.433  5.599   3.924   1.00 17.78 ? 75  ASP A C   1 
ATOM   475 O O   . ASP A 1 77  ? -9.290  5.865   3.077   1.00 17.96 ? 75  ASP A O   1 
ATOM   476 C CB  . ASP A 1 77  ? -9.126  5.451   6.324   1.00 15.97 ? 75  ASP A CB  1 
ATOM   477 C CG  . ASP A 1 77  ? -9.758  4.592   7.412   1.00 23.58 ? 75  ASP A CG  1 
ATOM   478 O OD1 . ASP A 1 77  ? -10.264 3.495   7.092   1.00 20.05 ? 75  ASP A OD1 1 
ATOM   479 O OD2 . ASP A 1 77  ? -9.764  5.024   8.588   1.00 23.75 ? 75  ASP A OD2 1 
ATOM   480 N N   . VAL A 1 78  ? -7.211  6.120   3.891   1.00 18.52 ? 76  VAL A N   1 
ATOM   481 C CA  . VAL A 1 78  ? -6.813  7.038   2.832   1.00 17.99 ? 76  VAL A CA  1 
ATOM   482 C C   . VAL A 1 78  ? -6.730  6.341   1.469   1.00 19.56 ? 76  VAL A C   1 
ATOM   483 O O   . VAL A 1 78  ? -7.092  6.920   0.443   1.00 20.64 ? 76  VAL A O   1 
ATOM   484 C CB  . VAL A 1 78  ? -5.457  7.706   3.169   1.00 23.71 ? 76  VAL A CB  1 
ATOM   485 C CG1 . VAL A 1 78  ? -4.837  8.311   1.930   1.00 28.48 ? 76  VAL A CG1 1 
ATOM   486 C CG2 . VAL A 1 78  ? -5.671  8.790   4.216   1.00 24.73 ? 76  VAL A CG2 1 
ATOM   487 N N   . ILE A 1 79  ? -6.253  5.101   1.455   1.00 16.81 ? 77  ILE A N   1 
ATOM   488 C CA  . ILE A 1 79  ? -6.149  4.357   0.205   1.00 17.06 ? 77  ILE A CA  1 
ATOM   489 C C   . ILE A 1 79  ? -7.552  4.070   -0.338  1.00 15.92 ? 77  ILE A C   1 
ATOM   490 O O   . ILE A 1 79  ? -7.806  4.219   -1.534  1.00 16.41 ? 77  ILE A O   1 
ATOM   491 C CB  . ILE A 1 79  ? -5.381  3.025   0.410   1.00 14.46 ? 77  ILE A CB  1 
ATOM   492 C CG1 . ILE A 1 79  ? -3.921  3.319   0.772   1.00 14.57 ? 77  ILE A CG1 1 
ATOM   493 C CG2 . ILE A 1 79  ? -5.452  2.177   -0.859  1.00 16.59 ? 77  ILE A CG2 1 
ATOM   494 C CD1 . ILE A 1 79  ? -3.141  2.089   1.205   1.00 13.47 ? 77  ILE A CD1 1 
ATOM   495 N N   . VAL A 1 80  ? -8.461  3.679   0.549   1.00 16.74 ? 78  VAL A N   1 
ATOM   496 C CA  . VAL A 1 80  ? -9.838  3.390   0.154   1.00 20.14 ? 78  VAL A CA  1 
ATOM   497 C C   . VAL A 1 80  ? -10.520 4.655   -0.365  1.00 20.89 ? 78  VAL A C   1 
ATOM   498 O O   . VAL A 1 80  ? -11.299 4.613   -1.319  1.00 23.93 ? 78  VAL A O   1 
ATOM   499 C CB  . VAL A 1 80  ? -10.659 2.834   1.348   1.00 21.45 ? 78  VAL A CB  1 
ATOM   500 C CG1 . VAL A 1 80  ? -12.132 2.710   0.963   1.00 24.47 ? 78  VAL A CG1 1 
ATOM   501 C CG2 . VAL A 1 80  ? -10.119 1.473   1.769   1.00 21.44 ? 78  VAL A CG2 1 
ATOM   502 N N   . GLU A 1 81  ? -10.212 5.782   0.267   1.00 24.42 ? 79  GLU A N   1 
ATOM   503 C CA  . GLU A 1 81  ? -10.801 7.063   -0.101  1.00 28.57 ? 79  GLU A CA  1 
ATOM   504 C C   . GLU A 1 81  ? -10.492 7.466   -1.540  1.00 30.07 ? 79  GLU A C   1 
ATOM   505 O O   . GLU A 1 81  ? -11.378 7.913   -2.269  1.00 29.41 ? 79  GLU A O   1 
ATOM   506 C CB  . GLU A 1 81  ? -10.303 8.154   0.847   1.00 36.66 ? 79  GLU A CB  1 
ATOM   507 C CG  . GLU A 1 81  ? -11.105 9.439   0.788   1.00 48.30 ? 79  GLU A CG  1 
ATOM   508 C CD  . GLU A 1 81  ? -12.500 9.277   1.359   1.00 58.34 ? 79  GLU A CD  1 
ATOM   509 O OE1 . GLU A 1 81  ? -12.616 8.968   2.566   1.00 66.60 ? 79  GLU A OE1 1 
ATOM   510 O OE2 . GLU A 1 81  ? -13.480 9.453   0.605   1.00 63.13 ? 79  GLU A OE2 1 
ATOM   511 N N   . VAL A 1 82  ? -9.239  7.309   -1.954  1.00 23.68 ? 80  VAL A N   1 
ATOM   512 C CA  . VAL A 1 82  ? -8.860  7.688   -3.308  1.00 25.71 ? 80  VAL A CA  1 
ATOM   513 C C   . VAL A 1 82  ? -9.166  6.631   -4.370  1.00 27.71 ? 80  VAL A C   1 
ATOM   514 O O   . VAL A 1 82  ? -9.320  6.964   -5.544  1.00 29.96 ? 80  VAL A O   1 
ATOM   515 C CB  . VAL A 1 82  ? -7.357  8.063   -3.395  1.00 28.22 ? 80  VAL A CB  1 
ATOM   516 C CG1 . VAL A 1 82  ? -7.066  9.253   -2.490  1.00 30.76 ? 80  VAL A CG1 1 
ATOM   517 C CG2 . VAL A 1 82  ? -6.492  6.878   -3.010  1.00 29.15 ? 80  VAL A CG2 1 
ATOM   518 N N   . ALA A 1 83  ? -9.272  5.367   -3.960  1.00 26.53 ? 81  ALA A N   1 
ATOM   519 C CA  . ALA A 1 83  ? -9.537  4.281   -4.904  1.00 29.62 ? 81  ALA A CA  1 
ATOM   520 C C   . ALA A 1 83  ? -10.994 3.807   -5.004  1.00 29.80 ? 81  ALA A C   1 
ATOM   521 O O   . ALA A 1 83  ? -11.409 3.310   -6.049  1.00 37.34 ? 81  ALA A O   1 
ATOM   522 C CB  . ALA A 1 83  ? -8.630  3.090   -4.581  1.00 29.88 ? 81  ALA A CB  1 
ATOM   523 N N   . ARG A 1 84  ? -11.766 3.945   -3.932  1.00 33.12 ? 82  ARG A N   1 
ATOM   524 C CA  . ARG A 1 84  ? -13.161 3.506   -3.958  1.00 35.12 ? 82  ARG A CA  1 
ATOM   525 C C   . ARG A 1 84  ? -13.998 4.345   -4.918  1.00 41.99 ? 82  ARG A C   1 
ATOM   526 O O   . ARG A 1 84  ? -14.040 5.570   -4.805  1.00 37.16 ? 82  ARG A O   1 
ATOM   527 C CB  . ARG A 1 84  ? -13.779 3.579   -2.558  1.00 40.16 ? 82  ARG A CB  1 
ATOM   528 C CG  . ARG A 1 84  ? -15.273 3.268   -2.518  1.00 39.93 ? 82  ARG A CG  1 
ATOM   529 C CD  . ARG A 1 84  ? -15.828 3.320   -1.097  1.00 43.90 ? 82  ARG A CD  1 
ATOM   530 N NE  . ARG A 1 84  ? -15.348 2.214   -0.271  1.00 42.01 ? 82  ARG A NE  1 
ATOM   531 C CZ  . ARG A 1 84  ? -15.675 2.032   1.005   1.00 43.36 ? 82  ARG A CZ  1 
ATOM   532 N NH1 . ARG A 1 84  ? -16.485 2.885   1.618   1.00 45.19 ? 82  ARG A NH1 1 
ATOM   533 N NH2 . ARG A 1 84  ? -15.197 0.991   1.674   1.00 43.85 ? 82  ARG A NH2 1 
ATOM   534 N N   . SER A 1 85  ? -14.663 3.678   -5.860  1.00 47.55 ? 83  SER A N   1 
ATOM   535 C CA  . SER A 1 85  ? -15.512 4.360   -6.834  1.00 51.85 ? 83  SER A CA  1 
ATOM   536 C C   . SER A 1 85  ? -16.932 3.799   -6.784  1.00 55.74 ? 83  SER A C   1 
ATOM   537 O O   . SER A 1 85  ? -17.869 4.412   -7.298  1.00 58.67 ? 83  SER A O   1 
ATOM   538 C CB  . SER A 1 85  ? -14.947 4.200   -8.249  1.00 47.95 ? 83  SER A CB  1 
ATOM   539 O OG  . SER A 1 85  ? -15.055 2.862   -8.700  1.00 46.79 ? 83  SER A OG  1 
ATOM   540 N N   . GLY A 1 86  ? -17.081 2.630   -6.167  1.00 57.14 ? 84  GLY A N   1 
ATOM   541 C CA  . GLY A 1 86  ? -18.391 2.010   -6.054  1.00 57.46 ? 84  GLY A CA  1 
ATOM   542 C C   . GLY A 1 86  ? -18.660 0.885   -7.038  1.00 59.66 ? 84  GLY A C   1 
ATOM   543 O O   . GLY A 1 86  ? -19.653 0.169   -6.898  1.00 59.90 ? 84  GLY A O   1 
ATOM   544 N N   . LYS A 1 87  ? -17.791 0.724   -8.034  1.00 60.26 ? 85  LYS A N   1 
ATOM   545 C CA  . LYS A 1 87  ? -17.965 -0.330  -9.033  1.00 58.75 ? 85  LYS A CA  1 
ATOM   546 C C   . LYS A 1 87  ? -16.778 -1.286  -9.137  1.00 56.44 ? 85  LYS A C   1 
ATOM   547 O O   . LYS A 1 87  ? -15.655 -0.951  -8.764  1.00 55.18 ? 85  LYS A O   1 
ATOM   548 C CB  . LYS A 1 87  ? -18.251 0.277   -10.408 1.00 62.11 ? 85  LYS A CB  1 
ATOM   549 C CG  . LYS A 1 87  ? -19.656 0.855   -10.566 1.00 65.86 ? 85  LYS A CG  1 
ATOM   550 C CD  . LYS A 1 87  ? -19.900 2.072   -9.679  1.00 67.34 ? 85  LYS A CD  1 
ATOM   551 C CE  . LYS A 1 87  ? -19.037 3.263   -10.082 1.00 70.04 ? 85  LYS A CE  1 
ATOM   552 N NZ  . LYS A 1 87  ? -17.582 3.017   -9.879  1.00 73.56 ? 85  LYS A NZ  1 
ATOM   553 N N   . ILE A 1 88  ? -17.058 -2.478  -9.656  1.00 54.28 ? 86  ILE A N   1 
ATOM   554 C CA  . ILE A 1 88  ? -16.077 -3.550  -9.830  1.00 49.22 ? 86  ILE A CA  1 
ATOM   555 C C   . ILE A 1 88  ? -14.659 -3.113  -10.207 1.00 46.80 ? 86  ILE A C   1 
ATOM   556 O O   . ILE A 1 88  ? -14.469 -2.194  -11.007 1.00 45.20 ? 86  ILE A O   1 
ATOM   557 C CB  . ILE A 1 88  ? -16.565 -4.571  -10.896 1.00 50.67 ? 86  ILE A CB  1 
ATOM   558 C CG1 . ILE A 1 88  ? -17.897 -5.194  -10.465 1.00 55.51 ? 86  ILE A CG1 1 
ATOM   559 C CG2 . ILE A 1 88  ? -15.529 -5.667  -11.086 1.00 51.48 ? 86  ILE A CG2 1 
ATOM   560 C CD1 . ILE A 1 88  ? -19.091 -4.252  -10.542 1.00 57.48 ? 86  ILE A CD1 1 
ATOM   561 N N   . GLY A 1 89  ? -13.673 -3.785  -9.617  1.00 41.20 ? 87  GLY A N   1 
ATOM   562 C CA  . GLY A 1 89  ? -12.280 -3.494  -9.911  1.00 37.71 ? 87  GLY A CA  1 
ATOM   563 C C   . GLY A 1 89  ? -11.582 -2.409  -9.106  1.00 35.65 ? 87  GLY A C   1 
ATOM   564 O O   . GLY A 1 89  ? -10.474 -2.012  -9.465  1.00 35.89 ? 87  GLY A O   1 
ATOM   565 N N   . ASP A 1 90  ? -12.197 -1.926  -8.030  1.00 32.86 ? 88  ASP A N   1 
ATOM   566 C CA  . ASP A 1 90  ? -11.565 -0.881  -7.221  1.00 30.13 ? 88  ASP A CA  1 
ATOM   567 C C   . ASP A 1 90  ? -10.267 -1.338  -6.561  1.00 28.79 ? 88  ASP A C   1 
ATOM   568 O O   . ASP A 1 90  ? -9.447  -0.510  -6.164  1.00 32.22 ? 88  ASP A O   1 
ATOM   569 C CB  . ASP A 1 90  ? -12.523 -0.366  -6.139  1.00 31.84 ? 88  ASP A CB  1 
ATOM   570 C CG  . ASP A 1 90  ? -13.494 0.668   -6.667  1.00 35.73 ? 88  ASP A CG  1 
ATOM   571 O OD1 . ASP A 1 90  ? -13.157 1.329   -7.670  1.00 39.45 ? 88  ASP A OD1 1 
ATOM   572 O OD2 . ASP A 1 90  ? -14.581 0.836   -6.073  1.00 32.81 ? 88  ASP A OD2 1 
ATOM   573 N N   . GLY A 1 91  ? -10.084 -2.649  -6.434  1.00 22.11 ? 89  GLY A N   1 
ATOM   574 C CA  . GLY A 1 91  ? -8.867  -3.154  -5.821  1.00 20.72 ? 89  GLY A CA  1 
ATOM   575 C C   . GLY A 1 91  ? -9.036  -3.905  -4.511  1.00 18.68 ? 89  GLY A C   1 
ATOM   576 O O   . GLY A 1 91  ? -10.158 -4.140  -4.036  1.00 16.55 ? 89  GLY A O   1 
ATOM   577 N N   . LYS A 1 92  ? -7.902  -4.272  -3.916  1.00 16.39 ? 90  LYS A N   1 
ATOM   578 C CA  . LYS A 1 92  ? -7.883  -5.024  -2.667  1.00 15.19 ? 90  LYS A CA  1 
ATOM   579 C C   . LYS A 1 92  ? -6.751  -4.559  -1.767  1.00 11.55 ? 90  LYS A C   1 
ATOM   580 O O   . LYS A 1 92  ? -5.715  -4.105  -2.242  1.00 12.32 ? 90  LYS A O   1 
ATOM   581 C CB  . LYS A 1 92  ? -7.701  -6.521  -2.960  1.00 15.05 ? 90  LYS A CB  1 
ATOM   582 C CG  . LYS A 1 92  ? -8.694  -7.086  -3.966  1.00 26.38 ? 90  LYS A CG  1 
ATOM   583 C CD  . LYS A 1 92  ? -8.262  -8.459  -4.467  1.00 26.74 ? 90  LYS A CD  1 
ATOM   584 C CE  . LYS A 1 92  ? -9.159  -8.940  -5.598  1.00 36.92 ? 90  LYS A CE  1 
ATOM   585 N NZ  . LYS A 1 92  ? -8.684  -10.230 -6.169  1.00 42.56 ? 90  LYS A NZ  1 
ATOM   586 N N   . ILE A 1 93  ? -6.948  -4.692  -0.462  1.00 10.41 ? 91  ILE A N   1 
ATOM   587 C CA  . ILE A 1 93  ? -5.931  -4.294  0.509   1.00 14.50 ? 91  ILE A CA  1 
ATOM   588 C C   . ILE A 1 93  ? -5.724  -5.431  1.509   1.00 11.35 ? 91  ILE A C   1 
ATOM   589 O O   . ILE A 1 93  ? -6.687  -5.925  2.096   1.00 11.73 ? 91  ILE A O   1 
ATOM   590 C CB  . ILE A 1 93  ? -6.360  -3.043  1.309   1.00 15.82 ? 91  ILE A CB  1 
ATOM   591 C CG1 . ILE A 1 93  ? -6.736  -1.898  0.362   1.00 23.62 ? 91  ILE A CG1 1 
ATOM   592 C CG2 . ILE A 1 93  ? -5.223  -2.618  2.252   1.00 15.07 ? 91  ILE A CG2 1 
ATOM   593 C CD1 . ILE A 1 93  ? -5.590  -1.348  -0.427  1.00 38.65 ? 91  ILE A CD1 1 
ATOM   594 N N   . PHE A 1 94  ? -4.473  -5.847  1.697   1.00 13.21 ? 92  PHE A N   1 
ATOM   595 C CA  . PHE A 1 94  ? -4.156  -6.913  2.649   1.00 12.24 ? 92  PHE A CA  1 
ATOM   596 C C   . PHE A 1 94  ? -3.179  -6.417  3.712   1.00 15.90 ? 92  PHE A C   1 
ATOM   597 O O   . PHE A 1 94  ? -2.300  -5.611  3.419   1.00 14.13 ? 92  PHE A O   1 
ATOM   598 C CB  . PHE A 1 94  ? -3.516  -8.105  1.926   1.00 10.52 ? 92  PHE A CB  1 
ATOM   599 C CG  . PHE A 1 94  ? -4.277  -8.560  0.717   1.00 10.81 ? 92  PHE A CG  1 
ATOM   600 C CD1 . PHE A 1 94  ? -5.598  -8.985  0.832   1.00 16.03 ? 92  PHE A CD1 1 
ATOM   601 C CD2 . PHE A 1 94  ? -3.675  -8.566  -0.538  1.00 11.84 ? 92  PHE A CD2 1 
ATOM   602 C CE1 . PHE A 1 94  ? -6.310  -9.417  -0.288  1.00 15.94 ? 92  PHE A CE1 1 
ATOM   603 C CE2 . PHE A 1 94  ? -4.383  -9.000  -1.671  1.00 16.80 ? 92  PHE A CE2 1 
ATOM   604 C CZ  . PHE A 1 94  ? -5.699  -9.423  -1.542  1.00 14.77 ? 92  PHE A CZ  1 
ATOM   605 N N   . VAL A 1 95  ? -3.346  -6.886  4.949   1.00 9.62  ? 93  VAL A N   1 
ATOM   606 C CA  . VAL A 1 95  ? -2.431  -6.515  6.023   1.00 15.00 ? 93  VAL A CA  1 
ATOM   607 C C   . VAL A 1 95  ? -1.810  -7.794  6.592   1.00 12.82 ? 93  VAL A C   1 
ATOM   608 O O   . VAL A 1 95  ? -2.522  -8.721  6.962   1.00 13.24 ? 93  VAL A O   1 
ATOM   609 C CB  . VAL A 1 95  ? -3.151  -5.761  7.164   1.00 17.44 ? 93  VAL A CB  1 
ATOM   610 C CG1 . VAL A 1 95  ? -2.160  -5.451  8.281   1.00 12.89 ? 93  VAL A CG1 1 
ATOM   611 C CG2 . VAL A 1 95  ? -3.762  -4.467  6.634   1.00 11.74 ? 93  VAL A CG2 1 
ATOM   612 N N   . LEU A 1 96  ? -0.482  -7.844  6.643   1.00 13.26 ? 94  LEU A N   1 
ATOM   613 C CA  . LEU A 1 96  ? 0.214   -9.011  7.176   1.00 13.23 ? 94  LEU A CA  1 
ATOM   614 C C   . LEU A 1 96  ? 1.170   -8.597  8.290   1.00 10.28 ? 94  LEU A C   1 
ATOM   615 O O   . LEU A 1 96  ? 1.713   -7.489  8.283   1.00 11.01 ? 94  LEU A O   1 
ATOM   616 C CB  . LEU A 1 96  ? 1.003   -9.734  6.078   1.00 9.13  ? 94  LEU A CB  1 
ATOM   617 C CG  . LEU A 1 96  ? 0.242   -10.223 4.843   1.00 11.83 ? 94  LEU A CG  1 
ATOM   618 C CD1 . LEU A 1 96  ? 0.180   -9.115  3.805   1.00 12.73 ? 94  LEU A CD1 1 
ATOM   619 C CD2 . LEU A 1 96  ? 0.952   -11.443 4.258   1.00 16.93 ? 94  LEU A CD2 1 
ATOM   620 N N   . PRO A 1 97  ? 1.381   -9.486  9.267   1.00 11.42 ? 95  PRO A N   1 
ATOM   621 C CA  . PRO A 1 97  ? 2.282   -9.188  10.380  1.00 11.87 ? 95  PRO A CA  1 
ATOM   622 C C   . PRO A 1 97  ? 3.746   -9.211  9.947   1.00 14.35 ? 95  PRO A C   1 
ATOM   623 O O   . PRO A 1 97  ? 4.138   -9.998  9.085   1.00 9.87  ? 95  PRO A O   1 
ATOM   624 C CB  . PRO A 1 97  ? 1.945   -10.281 11.391  1.00 14.40 ? 95  PRO A CB  1 
ATOM   625 C CG  . PRO A 1 97  ? 1.586   -11.446 10.508  1.00 18.17 ? 95  PRO A CG  1 
ATOM   626 C CD  . PRO A 1 97  ? 0.744   -10.808 9.433   1.00 13.15 ? 95  PRO A CD  1 
ATOM   627 N N   . VAL A 1 98  ? 4.536   -8.314  10.533  1.00 12.05 ? 96  VAL A N   1 
ATOM   628 C CA  . VAL A 1 98  ? 5.966   -8.218  10.258  1.00 12.72 ? 96  VAL A CA  1 
ATOM   629 C C   . VAL A 1 98  ? 6.692   -8.364  11.597  1.00 17.00 ? 96  VAL A C   1 
ATOM   630 O O   . VAL A 1 98  ? 6.408   -7.638  12.547  1.00 14.90 ? 96  VAL A O   1 
ATOM   631 C CB  . VAL A 1 98  ? 6.326   -6.856  9.610   1.00 15.90 ? 96  VAL A CB  1 
ATOM   632 C CG1 . VAL A 1 98  ? 7.842   -6.659  9.592   1.00 15.96 ? 96  VAL A CG1 1 
ATOM   633 C CG2 . VAL A 1 98  ? 5.778   -6.803  8.170   1.00 17.75 ? 96  VAL A CG2 1 
ATOM   634 N N   . GLU A 1 99  ? 7.625   -9.310  11.672  1.00 14.42 ? 97  GLU A N   1 
ATOM   635 C CA  . GLU A 1 99  ? 8.371   -9.551  12.905  1.00 16.09 ? 97  GLU A CA  1 
ATOM   636 C C   . GLU A 1 99  ? 9.619   -8.685  13.041  1.00 21.35 ? 97  GLU A C   1 
ATOM   637 O O   . GLU A 1 99  ? 10.087  -8.420  14.153  1.00 18.47 ? 97  GLU A O   1 
ATOM   638 C CB  . GLU A 1 99  ? 8.761   -11.027 13.000  1.00 16.93 ? 97  GLU A CB  1 
ATOM   639 C CG  . GLU A 1 99  ? 7.574   -11.959 13.147  1.00 22.44 ? 97  GLU A CG  1 
ATOM   640 C CD  . GLU A 1 99  ? 7.979   -13.425 13.237  1.00 25.93 ? 97  GLU A CD  1 
ATOM   641 O OE1 . GLU A 1 99  ? 9.190   -13.706 13.363  1.00 28.00 ? 97  GLU A OE1 1 
ATOM   642 O OE2 . GLU A 1 99  ? 7.083   -14.293 13.192  1.00 31.67 ? 97  GLU A OE2 1 
ATOM   643 N N   . GLU A 1 100 ? 10.165  -8.255  11.910  1.00 17.35 ? 98  GLU A N   1 
ATOM   644 C CA  . GLU A 1 100 ? 11.355  -7.417  11.912  1.00 20.67 ? 98  GLU A CA  1 
ATOM   645 C C   . GLU A 1 100 ? 11.305  -6.476  10.713  1.00 18.27 ? 98  GLU A C   1 
ATOM   646 O O   . GLU A 1 100 ? 10.966  -6.899  9.612   1.00 15.11 ? 98  GLU A O   1 
ATOM   647 C CB  . GLU A 1 100 ? 12.610  -8.291  11.815  1.00 26.30 ? 98  GLU A CB  1 
ATOM   648 C CG  . GLU A 1 100 ? 13.653  -8.015  12.880  1.00 40.06 ? 98  GLU A CG  1 
ATOM   649 C CD  . GLU A 1 100 ? 13.189  -8.408  14.269  1.00 36.38 ? 98  GLU A CD  1 
ATOM   650 O OE1 . GLU A 1 100 ? 13.023  -9.621  14.526  1.00 42.14 ? 98  GLU A OE1 1 
ATOM   651 O OE2 . GLU A 1 100 ? 12.988  -7.503  15.104  1.00 40.16 ? 98  GLU A OE2 1 
ATOM   652 N N   . ALA A 1 101 ? 11.623  -5.201  10.938  1.00 15.61 ? 99  ALA A N   1 
ATOM   653 C CA  . ALA A 1 101 ? 11.653  -4.194  9.870   1.00 14.81 ? 99  ALA A CA  1 
ATOM   654 C C   . ALA A 1 101 ? 12.976  -3.475  10.090  1.00 17.43 ? 99  ALA A C   1 
ATOM   655 O O   . ALA A 1 101 ? 13.108  -2.680  11.019  1.00 17.09 ? 99  ALA A O   1 
ATOM   656 C CB  . ALA A 1 101 ? 10.490  -3.227  10.011  1.00 18.67 ? 99  ALA A CB  1 
ATOM   657 N N   . ILE A 1 102 ? 13.948  -3.752  9.229   1.00 13.51 ? 100 ILE A N   1 
ATOM   658 C CA  . ILE A 1 102 ? 15.289  -3.200  9.383   1.00 17.14 ? 100 ILE A CA  1 
ATOM   659 C C   . ILE A 1 102 ? 15.782  -2.265  8.295   1.00 18.60 ? 100 ILE A C   1 
ATOM   660 O O   . ILE A 1 102 ? 15.699  -2.573  7.109   1.00 15.00 ? 100 ILE A O   1 
ATOM   661 C CB  . ILE A 1 102 ? 16.312  -4.351  9.493   1.00 14.90 ? 100 ILE A CB  1 
ATOM   662 C CG1 . ILE A 1 102 ? 15.885  -5.322  10.594  1.00 16.79 ? 100 ILE A CG1 1 
ATOM   663 C CG2 . ILE A 1 102 ? 17.706  -3.801  9.786   1.00 21.77 ? 100 ILE A CG2 1 
ATOM   664 C CD1 . ILE A 1 102 ? 16.565  -6.679  10.510  1.00 19.53 ? 100 ILE A CD1 1 
ATOM   665 N N   . ARG A 1 103 ? 16.313  -1.125  8.720   1.00 17.39 ? 101 ARG A N   1 
ATOM   666 C CA  . ARG A 1 103 ? 16.892  -0.152  7.806   1.00 21.27 ? 101 ARG A CA  1 
ATOM   667 C C   . ARG A 1 103 ? 18.361  -0.578  7.716   1.00 25.27 ? 101 ARG A C   1 
ATOM   668 O O   . ARG A 1 103 ? 19.125  -0.411  8.668   1.00 25.46 ? 101 ARG A O   1 
ATOM   669 C CB  . ARG A 1 103 ? 16.770  1.246   8.405   1.00 22.89 ? 101 ARG A CB  1 
ATOM   670 C CG  . ARG A 1 103 ? 17.303  2.367   7.544   1.00 40.55 ? 101 ARG A CG  1 
ATOM   671 C CD  . ARG A 1 103 ? 17.173  3.678   8.296   1.00 49.74 ? 101 ARG A CD  1 
ATOM   672 N NE  . ARG A 1 103 ? 17.832  4.789   7.621   1.00 55.38 ? 101 ARG A NE  1 
ATOM   673 C CZ  . ARG A 1 103 ? 18.032  5.977   8.183   1.00 55.32 ? 101 ARG A CZ  1 
ATOM   674 N NH1 . ARG A 1 103 ? 17.620  6.195   9.425   1.00 53.26 ? 101 ARG A NH1 1 
ATOM   675 N NH2 . ARG A 1 103 ? 18.640  6.943   7.510   1.00 57.15 ? 101 ARG A NH2 1 
ATOM   676 N N   . ILE A 1 104 ? 18.744  -1.148  6.579   1.00 21.96 ? 102 ILE A N   1 
ATOM   677 C CA  . ILE A 1 104 ? 20.104  -1.640  6.377   1.00 26.40 ? 102 ILE A CA  1 
ATOM   678 C C   . ILE A 1 104 ? 21.226  -0.692  6.805   1.00 30.60 ? 102 ILE A C   1 
ATOM   679 O O   . ILE A 1 104 ? 22.247  -1.136  7.330   1.00 29.25 ? 102 ILE A O   1 
ATOM   680 C CB  . ILE A 1 104 ? 20.317  -2.060  4.898   1.00 21.53 ? 102 ILE A CB  1 
ATOM   681 C CG1 . ILE A 1 104 ? 19.482  -3.312  4.600   1.00 19.94 ? 102 ILE A CG1 1 
ATOM   682 C CG2 . ILE A 1 104 ? 21.789  -2.335  4.629   1.00 25.72 ? 102 ILE A CG2 1 
ATOM   683 C CD1 . ILE A 1 104 ? 19.596  -3.814  3.171   1.00 21.28 ? 102 ILE A CD1 1 
ATOM   684 N N   . ARG A 1 105 ? 21.035  0.607   6.601   1.00 32.48 ? 103 ARG A N   1 
ATOM   685 C CA  . ARG A 1 105 ? 22.060  1.587   6.952   1.00 36.69 ? 103 ARG A CA  1 
ATOM   686 C C   . ARG A 1 105 ? 22.522  1.585   8.409   1.00 39.14 ? 103 ARG A C   1 
ATOM   687 O O   . ARG A 1 105 ? 23.724  1.547   8.676   1.00 38.81 ? 103 ARG A O   1 
ATOM   688 C CB  . ARG A 1 105 ? 21.592  2.997   6.610   1.00 38.70 ? 103 ARG A CB  1 
ATOM   689 C CG  . ARG A 1 105 ? 22.732  4.003   6.574   1.00 46.50 ? 103 ARG A CG  1 
ATOM   690 C CD  . ARG A 1 105 ? 22.305  5.397   7.008   1.00 55.73 ? 103 ARG A CD  1 
ATOM   691 N NE  . ARG A 1 105 ? 20.970  5.778   6.547   1.00 66.83 ? 103 ARG A NE  1 
ATOM   692 C CZ  . ARG A 1 105 ? 20.517  5.606   5.309   1.00 72.04 ? 103 ARG A CZ  1 
ATOM   693 N NH1 . ARG A 1 105 ? 21.285  5.046   4.386   1.00 69.66 ? 103 ARG A NH1 1 
ATOM   694 N NH2 . ARG A 1 105 ? 19.293  6.007   4.992   1.00 73.86 ? 103 ARG A NH2 1 
ATOM   695 N N   . THR A 1 106 ? 21.576  1.630   9.345   1.00 39.80 ? 104 THR A N   1 
ATOM   696 C CA  . THR A 1 106 ? 21.916  1.677   10.770  1.00 41.57 ? 104 THR A CA  1 
ATOM   697 C C   . THR A 1 106 ? 21.410  0.526   11.637  1.00 41.35 ? 104 THR A C   1 
ATOM   698 O O   . THR A 1 106 ? 21.858  0.360   12.775  1.00 39.19 ? 104 THR A O   1 
ATOM   699 C CB  . THR A 1 106 ? 21.400  2.980   11.404  1.00 41.01 ? 104 THR A CB  1 
ATOM   700 O OG1 . THR A 1 106 ? 19.981  3.057   11.234  1.00 45.75 ? 104 THR A OG1 1 
ATOM   701 C CG2 . THR A 1 106 ? 22.047  4.189   10.748  1.00 43.85 ? 104 THR A CG2 1 
ATOM   702 N N   . GLY A 1 107 ? 20.481  -0.265  11.115  1.00 39.91 ? 105 GLY A N   1 
ATOM   703 C CA  . GLY A 1 107 ? 19.944  -1.360  11.900  1.00 33.89 ? 105 GLY A CA  1 
ATOM   704 C C   . GLY A 1 107 ? 18.723  -0.882  12.659  1.00 35.74 ? 105 GLY A C   1 
ATOM   705 O O   . GLY A 1 107 ? 18.109  -1.634  13.419  1.00 33.47 ? 105 GLY A O   1 
ATOM   706 N N   . GLU A 1 108 ? 18.382  0.389   12.465  1.00 33.06 ? 106 GLU A N   1 
ATOM   707 C CA  . GLU A 1 108 ? 17.215  0.975   13.110  1.00 34.13 ? 106 GLU A CA  1 
ATOM   708 C C   . GLU A 1 108 ? 15.986  0.402   12.416  1.00 33.49 ? 106 GLU A C   1 
ATOM   709 O O   . GLU A 1 108 ? 16.106  -0.240  11.369  1.00 30.05 ? 106 GLU A O   1 
ATOM   710 C CB  . GLU A 1 108 ? 17.235  2.499   12.960  1.00 41.58 ? 106 GLU A CB  1 
ATOM   711 C CG  . GLU A 1 108 ? 18.420  3.176   13.635  1.00 50.62 ? 106 GLU A CG  1 
ATOM   712 C CD  . GLU A 1 108 ? 18.454  4.674   13.387  1.00 58.80 ? 106 GLU A CD  1 
ATOM   713 O OE1 . GLU A 1 108 ? 19.356  5.348   13.931  1.00 60.70 ? 106 GLU A OE1 1 
ATOM   714 O OE2 . GLU A 1 108 ? 17.582  5.176   12.647  1.00 58.93 ? 106 GLU A OE2 1 
ATOM   715 N N   . ARG A 1 109 ? 14.808  0.630   12.988  1.00 32.49 ? 107 ARG A N   1 
ATOM   716 C CA  . ARG A 1 109 ? 13.581  0.107   12.394  1.00 35.58 ? 107 ARG A CA  1 
ATOM   717 C C   . ARG A 1 109 ? 13.184  0.871   11.134  1.00 36.28 ? 107 ARG A C   1 
ATOM   718 O O   . ARG A 1 109 ? 13.344  2.094   11.052  1.00 37.23 ? 107 ARG A O   1 
ATOM   719 C CB  . ARG A 1 109 ? 12.425  0.165   13.398  1.00 43.98 ? 107 ARG A CB  1 
ATOM   720 C CG  . ARG A 1 109 ? 11.946  1.568   13.706  1.00 48.98 ? 107 ARG A CG  1 
ATOM   721 C CD  . ARG A 1 109 ? 10.530  1.551   14.259  1.00 50.38 ? 107 ARG A CD  1 
ATOM   722 N NE  . ARG A 1 109 ? 10.425  0.817   15.515  1.00 47.65 ? 107 ARG A NE  1 
ATOM   723 C CZ  . ARG A 1 109 ? 9.303   0.711   16.221  1.00 55.20 ? 107 ARG A CZ  1 
ATOM   724 N NH1 . ARG A 1 109 ? 9.294   0.025   17.355  1.00 54.85 ? 107 ARG A NH1 1 
ATOM   725 N NH2 . ARG A 1 109 ? 8.189   1.293   15.795  1.00 54.86 ? 107 ARG A NH2 1 
ATOM   726 N N   . SER A 1 110 ? 12.672  0.133   10.152  1.00 29.28 ? 108 SER A N   1 
ATOM   727 C CA  . SER A 1 110 ? 12.227  0.716   8.892   1.00 23.34 ? 108 SER A CA  1 
ATOM   728 C C   . SER A 1 110 ? 10.733  0.961   9.017   1.00 25.87 ? 108 SER A C   1 
ATOM   729 O O   . SER A 1 110 ? 9.929   0.046   8.843   1.00 28.22 ? 108 SER A O   1 
ATOM   730 C CB  . SER A 1 110 ? 12.496  -0.247  7.735   1.00 24.65 ? 108 SER A CB  1 
ATOM   731 O OG  . SER A 1 110 ? 12.050  0.301   6.509   1.00 25.23 ? 108 SER A OG  1 
ATOM   732 N N   . ASP A 1 111 ? 10.372  2.202   9.322   1.00 24.40 ? 109 ASP A N   1 
ATOM   733 C CA  . ASP A 1 111 ? 8.973   2.581   9.506   1.00 27.68 ? 109 ASP A CA  1 
ATOM   734 C C   . ASP A 1 111 ? 8.544   3.657   8.508   1.00 29.44 ? 109 ASP A C   1 
ATOM   735 O O   . ASP A 1 111 ? 9.054   4.776   8.531   1.00 28.55 ? 109 ASP A O   1 
ATOM   736 C CB  . ASP A 1 111 ? 8.792   3.086   10.941  1.00 29.05 ? 109 ASP A CB  1 
ATOM   737 C CG  . ASP A 1 111 ? 7.344   3.315   11.311  1.00 33.45 ? 109 ASP A CG  1 
ATOM   738 O OD1 . ASP A 1 111 ? 6.461   3.214   10.429  1.00 30.41 ? 109 ASP A OD1 1 
ATOM   739 O OD2 . ASP A 1 111 ? 7.092   3.607   12.500  1.00 29.94 ? 109 ASP A OD2 1 
ATOM   740 N N   . ALA A 1 112 ? 7.604   3.319   7.629   1.00 28.38 ? 110 ALA A N   1 
ATOM   741 C CA  . ALA A 1 112 ? 7.122   4.274   6.630   1.00 25.78 ? 110 ALA A CA  1 
ATOM   742 C C   . ALA A 1 112 ? 6.438   5.464   7.292   1.00 28.04 ? 110 ALA A C   1 
ATOM   743 O O   . ALA A 1 112 ? 6.444   6.574   6.757   1.00 28.47 ? 110 ALA A O   1 
ATOM   744 C CB  . ALA A 1 112 ? 6.160   3.588   5.665   1.00 27.65 ? 110 ALA A CB  1 
ATOM   745 N N   . ALA A 1 113 ? 5.846   5.229   8.459   1.00 27.15 ? 111 ALA A N   1 
ATOM   746 C CA  . ALA A 1 113 ? 5.162   6.291   9.191   1.00 35.70 ? 111 ALA A CA  1 
ATOM   747 C C   . ALA A 1 113 ? 6.159   7.050   10.054  1.00 42.31 ? 111 ALA A C   1 
ATOM   748 O O   . ALA A 1 113 ? 5.794   8.013   10.729  1.00 46.69 ? 111 ALA A O   1 
ATOM   749 C CB  . ALA A 1 113 ? 4.054   5.706   10.062  1.00 34.91 ? 111 ALA A CB  1 
ATOM   750 N N   . VAL A 1 114 ? 7.414   6.600   10.017  1.00 48.30 ? 112 VAL A N   1 
ATOM   751 C CA  . VAL A 1 114 ? 8.528   7.188   10.768  1.00 52.46 ? 112 VAL A CA  1 
ATOM   752 C C   . VAL A 1 114 ? 8.258   7.533   12.233  1.00 55.16 ? 112 VAL A C   1 
ATOM   753 O O   . VAL A 1 114 ? 9.251   7.710   12.969  1.00 57.07 ? 112 VAL A O   1 
ATOM   754 C CB  . VAL A 1 114 ? 9.089   8.451   10.058  1.00 48.01 ? 112 VAL A CB  1 
ATOM   755 C CG1 . VAL A 1 114 ? 9.628   8.075   8.689   1.00 42.37 ? 112 VAL A CG1 1 
ATOM   756 C CG2 . VAL A 1 114 ? 8.018   9.515   9.934   1.00 47.62 ? 112 VAL A CG2 1 
ATOM   757 O OXT . VAL A 1 114 ? 7.080   7.629   12.634  1.00 58.15 ? 112 VAL A OXT 1 
HETATM 758 O O   . HOH B 2 .   ? 13.266  -4.967  13.513  1.00 29.48 ? 113 HOH A O   1 
HETATM 759 O O   . HOH B 2 .   ? -3.972  1.057   13.163  1.00 19.44 ? 114 HOH A O   1 
HETATM 760 O O   . HOH B 2 .   ? -8.055  0.943   -8.124  1.00 20.39 ? 115 HOH A O   1 
HETATM 761 O O   . HOH B 2 .   ? -4.107  4.864   12.197  1.00 19.30 ? 116 HOH A O   1 
HETATM 762 O O   . HOH B 2 .   ? 7.790   0.482   3.345   1.00 23.54 ? 117 HOH A O   1 
HETATM 763 O O   . HOH B 2 .   ? 3.673   7.973   -0.104  1.00 26.82 ? 118 HOH A O   1 
HETATM 764 O O   . HOH B 2 .   ? -3.403  8.704   -10.027 1.00 24.88 ? 119 HOH A O   1 
HETATM 765 O O   . HOH B 2 .   ? 5.714   -3.789  -4.707  1.00 24.32 ? 120 HOH A O   1 
HETATM 766 O O   . HOH B 2 .   ? 9.496   0.697   5.906   1.00 22.11 ? 121 HOH A O   1 
HETATM 767 O O   . HOH B 2 .   ? 10.458  5.955   4.606   1.00 55.06 ? 122 HOH A O   1 
HETATM 768 O O   . HOH B 2 .   ? -0.429  -9.465  -3.019  1.00 24.70 ? 123 HOH A O   1 
HETATM 769 O O   . HOH B 2 .   ? 5.158   -8.963  -13.324 1.00 26.52 ? 124 HOH A O   1 
HETATM 770 O O   . HOH B 2 .   ? 6.832   -6.406  14.698  1.00 24.45 ? 125 HOH A O   1 
HETATM 771 O O   . HOH B 2 .   ? -12.887 -3.602  -4.524  1.00 26.56 ? 126 HOH A O   1 
HETATM 772 O O   . HOH B 2 .   ? -4.757  12.015  -3.765  1.00 33.69 ? 127 HOH A O   1 
HETATM 773 O O   . HOH B 2 .   ? -11.112 -5.165  -7.163  1.00 34.47 ? 128 HOH A O   1 
HETATM 774 O O   . HOH B 2 .   ? 3.897   -9.407  -1.882  1.00 28.94 ? 129 HOH A O   1 
HETATM 775 O O   . HOH B 2 .   ? 9.294   -0.188  1.298   1.00 39.41 ? 130 HOH A O   1 
HETATM 776 O O   . HOH B 2 .   ? -7.906  -2.835  -9.176  1.00 32.32 ? 131 HOH A O   1 
HETATM 777 O O   . HOH B 2 .   ? 1.450   -5.742  -15.872 1.00 36.09 ? 132 HOH A O   1 
HETATM 778 O O   . HOH B 2 .   ? -9.401  9.296   -6.822  1.00 39.14 ? 133 HOH A O   1 
HETATM 779 O O   . HOH B 2 .   ? -0.520  7.216   -11.589 1.00 28.08 ? 134 HOH A O   1 
HETATM 780 O O   . HOH B 2 .   ? -15.503 6.838   -0.581  1.00 45.17 ? 135 HOH A O   1 
HETATM 781 O O   . HOH B 2 .   ? -13.774 0.008   4.847   1.00 39.10 ? 136 HOH A O   1 
HETATM 782 O O   . HOH B 2 .   ? 6.977   -1.033  -10.873 1.00 44.10 ? 137 HOH A O   1 
HETATM 783 O O   . HOH B 2 .   ? 1.128   -3.145  -14.418 1.00 26.87 ? 138 HOH A O   1 
HETATM 784 O O   . HOH B 2 .   ? 1.623   2.634   -12.345 1.00 33.38 ? 139 HOH A O   1 
HETATM 785 O O   . HOH B 2 .   ? -4.411  12.312  2.705   1.00 32.44 ? 140 HOH A O   1 
HETATM 786 O O   . HOH B 2 .   ? 3.340   -7.698  13.655  1.00 19.57 ? 141 HOH A O   1 
HETATM 787 O O   . HOH B 2 .   ? -5.863  1.602   14.852  1.00 43.42 ? 142 HOH A O   1 
HETATM 788 O O   . HOH B 2 .   ? -9.870  3.213   -8.372  1.00 33.21 ? 143 HOH A O   1 
HETATM 789 O O   . HOH B 2 .   ? 1.648   -0.639  19.461  1.00 56.03 ? 144 HOH A O   1 
HETATM 790 O O   . HOH B 2 .   ? -12.543 2.012   5.896   1.00 40.33 ? 145 HOH A O   1 
HETATM 791 O O   . HOH B 2 .   ? 4.006   -12.624 13.904  1.00 48.54 ? 146 HOH A O   1 
HETATM 792 O O   . HOH B 2 .   ? 20.119  0.545   15.800  1.00 46.06 ? 147 HOH A O   1 
HETATM 793 O O   . HOH B 2 .   ? 5.552   5.554   13.532  1.00 40.91 ? 148 HOH A O   1 
HETATM 794 O O   . HOH B 2 .   ? -13.755 6.524   1.828   1.00 44.47 ? 149 HOH A O   1 
HETATM 795 O O   . HOH B 2 .   ? 9.058   -9.198  16.621  1.00 33.84 ? 150 HOH A O   1 
HETATM 796 O O   . HOH B 2 .   ? -11.871 6.149   4.180   1.00 41.39 ? 151 HOH A O   1 
HETATM 797 O O   . HOH B 2 .   ? -6.043  13.197  -0.562  1.00 43.92 ? 152 HOH A O   1 
HETATM 798 O O   . HOH B 2 .   ? -2.406  15.253  7.261   1.00 59.97 ? 153 HOH A O   1 
HETATM 799 O O   . HOH B 2 .   ? -10.302 -5.826  -12.176 1.00 45.91 ? 154 HOH A O   1 
HETATM 800 O O   . HOH B 2 .   ? -7.657  -5.342  -8.035  1.00 39.55 ? 155 HOH A O   1 
HETATM 801 O O   . HOH B 2 .   ? -1.550  6.833   9.553   1.00 47.55 ? 156 HOH A O   1 
HETATM 802 O O   . HOH B 2 .   ? -16.048 2.300   4.542   1.00 51.78 ? 157 HOH A O   1 
HETATM 803 O O   . HOH B 2 .   ? 9.480   8.076   5.670   1.00 51.51 ? 158 HOH A O   1 
HETATM 804 O O   . HOH B 2 .   ? 23.625  8.593   6.800   1.00 46.38 ? 159 HOH A O   1 
HETATM 805 O O   . HOH B 2 .   ? -7.099  11.594  7.132   1.00 58.10 ? 160 HOH A O   1 
HETATM 806 O O   . HOH B 2 .   ? -14.143 4.224   5.396   1.00 36.18 ? 161 HOH A O   1 
HETATM 807 O O   . HOH B 2 .   ? 13.402  2.499   6.131   1.00 42.44 ? 162 HOH A O   1 
HETATM 808 O O   . HOH B 2 .   ? -10.246 -12.450 -4.662  1.00 55.33 ? 163 HOH A O   1 
HETATM 809 O O   . HOH B 2 .   ? -12.368 -4.905  -13.662 1.00 49.05 ? 164 HOH A O   1 
HETATM 810 O O   . HOH B 2 .   ? 8.711   -2.266  -12.351 1.00 58.25 ? 165 HOH A O   1 
HETATM 811 O O   . HOH B 2 .   ? -6.970  11.462  1.196   1.00 50.17 ? 166 HOH A O   1 
HETATM 812 O O   . HOH B 2 .   ? -6.085  13.452  4.986   1.00 57.39 ? 167 HOH A O   1 
HETATM 813 O O   . HOH B 2 .   ? -9.444  -8.550  -13.319 1.00 52.60 ? 168 HOH A O   1 
HETATM 814 O O   . HOH B 2 .   ? -11.651 10.694  6.350   1.00 40.42 ? 169 HOH A O   1 
HETATM 815 O O   . HOH B 2 .   ? -9.937  -6.504  -9.551  1.00 61.74 ? 170 HOH A O   1 
HETATM 816 O O   . HOH B 2 .   ? -18.325 1.404   5.787   1.00 59.97 ? 171 HOH A O   1 
HETATM 817 O O   . HOH B 2 .   ? -16.063 7.819   4.651   1.00 52.73 ? 172 HOH A O   1 
HETATM 818 O O   . HOH B 2 .   ? 1.003   8.316   9.684   1.00 46.96 ? 173 HOH A O   1 
HETATM 819 O O   . HOH B 2 .   ? 12.415  5.519   2.669   1.00 57.19 ? 174 HOH A O   1 
HETATM 820 O O   . HOH B 2 .   ? 6.782   -7.631  -15.375 1.00 47.15 ? 175 HOH A O   1 
HETATM 821 O O   . HOH B 2 .   ? -17.167 3.867   6.496   1.00 63.99 ? 176 HOH A O   1 
HETATM 822 O O   . HOH B 2 .   ? 4.649   -4.177  -16.978 1.00 42.27 ? 177 HOH A O   1 
HETATM 823 O O   . HOH B 2 .   ? -7.773  -17.569 -12.431 1.00 59.17 ? 178 HOH A O   1 
HETATM 824 O O   . HOH B 2 .   ? 11.804  -13.628 13.134  1.00 47.29 ? 179 HOH A O   1 
HETATM 825 O O   . HOH B 2 .   ? 8.948   4.069   14.386  1.00 58.69 ? 180 HOH A O   1 
HETATM 826 O O   . HOH B 2 .   ? -19.193 6.939   -6.120  1.00 61.44 ? 181 HOH A O   1 
HETATM 827 O O   . HOH B 2 .   ? 11.106  17.210  0.466   1.00 71.75 ? 182 HOH A O   1 
HETATM 828 O O   . HOH B 2 .   ? 6.427   -10.107 16.408  1.00 41.57 ? 183 HOH A O   1 
HETATM 829 O O   . HOH B 2 .   ? 25.425  0.006   14.231  1.00 68.88 ? 184 HOH A O   1 
HETATM 830 O O   . HOH B 2 .   ? -11.142 3.707   10.268  1.00 19.75 ? 185 HOH A O   1 
HETATM 831 O O   . HOH B 2 .   ? -13.692 0.302   -10.293 1.00 35.56 ? 186 HOH A O   1 
HETATM 832 O O   . HOH B 2 .   ? 4.609   -10.147 14.528  1.00 43.19 ? 187 HOH A O   1 
HETATM 833 O O   . HOH B 2 .   ? 10.802  -5.704  15.734  1.00 46.03 ? 188 HOH A O   1 
HETATM 834 O O   . HOH B 2 .   ? 20.097  7.637   11.928  1.00 67.21 ? 189 HOH A O   1 
HETATM 835 O O   . HOH B 2 .   ? 4.539   -9.678  18.921  1.00 54.12 ? 190 HOH A O   1 
HETATM 836 O O   . HOH B 2 .   ? -6.821  -7.522  -9.070  1.00 41.60 ? 191 HOH A O   1 
HETATM 837 O O   . HOH B 2 .   ? -11.531 5.836   -7.779  1.00 58.51 ? 192 HOH A O   1 
HETATM 838 O O   . HOH B 2 .   ? -23.078 5.550   -5.142  1.00 49.63 ? 193 HOH A O   1 
HETATM 839 O O   . HOH B 2 .   ? 18.401  9.399   9.569   1.00 52.72 ? 194 HOH A O   1 
HETATM 840 O O   . HOH B 2 .   ? -1.950  7.855   11.931  1.00 48.08 ? 195 HOH A O   1 
HETATM 841 O O   . HOH B 2 .   ? 7.509   10.343  5.307   1.00 61.65 ? 196 HOH A O   1 
HETATM 842 O O   . HOH B 2 .   ? -9.567  -10.543 -15.127 1.00 63.22 ? 197 HOH A O   1 
HETATM 843 O O   . HOH B 2 .   ? 2.274   13.404  -6.450  1.00 66.71 ? 198 HOH A O   1 
HETATM 844 O O   . HOH B 2 .   ? 3.724   12.544  -4.134  1.00 50.89 ? 199 HOH A O   1 
HETATM 845 O O   . HOH B 2 .   ? 3.021   5.818   13.864  1.00 47.92 ? 200 HOH A O   1 
HETATM 846 O O   . HOH B 2 .   ? -7.465  12.332  -4.054  1.00 43.83 ? 201 HOH A O   1 
HETATM 847 O O   . HOH B 2 .   ? 0.925   15.038  -0.734  1.00 41.46 ? 202 HOH A O   1 
HETATM 848 O O   . HOH B 2 .   ? 2.396   13.287  -11.751 1.00 61.50 ? 203 HOH A O   1 
HETATM 849 O O   . HOH B 2 .   ? 14.174  4.513   10.411  1.00 69.01 ? 204 HOH A O   1 
HETATM 850 O O   . HOH B 2 .   ? 10.960  1.281   -0.992  1.00 47.23 ? 205 HOH A O   1 
HETATM 851 O O   . HOH B 2 .   ? 1.083   -9.956  -21.201 1.00 51.73 ? 206 HOH A O   1 
HETATM 852 O O   . HOH B 2 .   ? 23.224  6.197   13.184  1.00 51.11 ? 207 HOH A O   1 
HETATM 853 O O   . HOH B 2 .   ? 6.650   15.513  12.607  1.00 61.22 ? 208 HOH A O   1 
HETATM 854 O O   . HOH B 2 .   ? -19.015 -23.208 -14.183 1.00 70.73 ? 209 HOH A O   1 
HETATM 855 O O   . HOH B 2 .   ? -5.773  -1.260  12.098  1.00 31.07 ? 210 HOH A O   1 
HETATM 856 O O   . HOH B 2 .   ? -15.775 -8.897  -15.622 1.00 56.41 ? 211 HOH A O   1 
HETATM 857 O O   . HOH B 2 .   ? -7.001  -11.205 -26.086 1.00 56.10 ? 212 HOH A O   1 
HETATM 858 O O   . HOH B 2 .   ? 3.328   -7.371  -17.371 1.00 47.19 ? 213 HOH A O   1 
HETATM 859 O O   . HOH B 2 .   ? -14.239 -18.528 -28.594 1.00 69.29 ? 214 HOH A O   1 
HETATM 860 O O   . HOH B 2 .   ? -8.452  12.696  3.838   1.00 48.32 ? 215 HOH A O   1 
HETATM 861 O O   . HOH B 2 .   ? -17.754 -12.728 -13.138 1.00 56.36 ? 216 HOH A O   1 
HETATM 862 O O   . HOH B 2 .   ? 23.965  2.099   13.773  1.00 58.71 ? 217 HOH A O   1 
HETATM 863 O O   . HOH B 2 .   ? -23.901 -21.277 -16.831 1.00 59.73 ? 218 HOH A O   1 
HETATM 864 O O   . HOH B 2 .   ? 7.868   10.066  14.506  1.00 63.47 ? 219 HOH A O   1 
HETATM 865 O O   . HOH B 2 .   ? -24.548 -24.042 -15.970 1.00 62.16 ? 220 HOH A O   1 
HETATM 866 O O   . HOH B 2 .   ? 16.547  7.572   13.184  1.00 68.09 ? 221 HOH A O   1 
HETATM 867 O O   . HOH B 2 .   ? -2.685  -10.256 -4.594  1.00 29.11 ? 222 HOH A O   1 
HETATM 868 O O   . HOH B 2 .   ? 3.527   8.241   -8.876  1.00 46.44 ? 223 HOH A O   1 
HETATM 869 O O   . HOH B 2 .   ? 4.060   -10.004 2.109   1.00 41.20 ? 224 HOH A O   1 
HETATM 870 O O   . HOH B 2 .   ? 3.583   -3.333  19.305  1.00 62.88 ? 225 HOH A O   1 
HETATM 871 O O   . HOH B 2 .   ? 9.735   -11.647 17.372  1.00 53.02 ? 226 HOH A O   1 
HETATM 872 O O   . HOH B 2 .   ? -22.736 -20.530 -10.787 1.00 62.69 ? 227 HOH A O   1 
HETATM 873 O O   . HOH B 2 .   ? -8.143  -15.755 -22.588 1.00 62.33 ? 228 HOH A O   1 
HETATM 874 O O   . HOH B 2 .   ? 2.512   1.328   17.365  1.00 52.05 ? 229 HOH A O   1 
HETATM 875 O O   . HOH B 2 .   ? 0.951   18.546  7.642   1.00 60.77 ? 230 HOH A O   1 
HETATM 876 O O   . HOH B 2 .   ? -9.504  -16.378 -13.588 1.00 53.35 ? 231 HOH A O   1 
HETATM 877 O O   . HOH B 2 .   ? 4.359   10.713  -11.175 1.00 66.98 ? 232 HOH A O   1 
HETATM 878 O O   . HOH B 2 .   ? 6.528   12.095  12.966  1.00 61.44 ? 233 HOH A O   1 
HETATM 879 O O   . HOH B 2 .   ? 2.571   19.366  0.936   1.00 56.72 ? 234 HOH A O   1 
HETATM 880 O O   . HOH B 2 .   ? 10.046  9.367   16.214  1.00 64.79 ? 235 HOH A O   1 
HETATM 881 O O   . HOH B 2 .   ? 15.143  -2.814  13.424  1.00 29.54 ? 236 HOH A O   1 
HETATM 882 O O   . HOH B 2 .   ? 2.397   16.098  7.417   1.00 55.20 ? 237 HOH A O   1 
HETATM 883 O O   . HOH B 2 .   ? 5.084   -1.207  19.455  1.00 52.83 ? 238 HOH A O   1 
HETATM 884 O O   . HOH B 2 .   ? -12.759 -18.697 -32.226 1.00 53.86 ? 239 HOH A O   1 
HETATM 885 O O   . HOH B 2 .   ? -6.936  16.875  0.987   1.00 49.89 ? 240 HOH A O   1 
HETATM 886 O O   . HOH B 2 .   ? -9.460  11.579  1.748   1.00 64.92 ? 241 HOH A O   1 
HETATM 887 O O   . HOH B 2 .   ? 4.099   17.236  0.257   1.00 57.09 ? 242 HOH A O   1 
HETATM 888 O O   . HOH B 2 .   ? -20.883 -22.433 -11.735 1.00 62.88 ? 243 HOH A O   1 
HETATM 889 O O   . HOH B 2 .   ? -23.127 -23.352 -13.680 1.00 58.16 ? 244 HOH A O   1 
HETATM 890 O O   . HOH B 2 .   ? 21.256  8.351   6.061   1.00 51.36 ? 245 HOH A O   1 
HETATM 891 O O   . HOH B 2 .   ? 4.556   -14.470 15.765  1.00 56.40 ? 246 HOH A O   1 
# 
loop_
_pdbx_poly_seq_scheme.asym_id 
_pdbx_poly_seq_scheme.entity_id 
_pdbx_poly_seq_scheme.seq_id 
_pdbx_poly_seq_scheme.mon_id 
_pdbx_poly_seq_scheme.ndb_seq_num 
_pdbx_poly_seq_scheme.pdb_seq_num 
_pdbx_poly_seq_scheme.auth_seq_num 
_pdbx_poly_seq_scheme.pdb_mon_id 
_pdbx_poly_seq_scheme.auth_mon_id 
_pdbx_poly_seq_scheme.pdb_strand_id 
_pdbx_poly_seq_scheme.pdb_ins_code 
_pdbx_poly_seq_scheme.hetero 
A 1 1   GLY 1   -1  ?   ?   ?   A . n 
A 1 2   PRO 2   0   0   PRO PRO A . n 
A 1 3   MET 3   1   1   MET MET A . n 
A 1 4   LYS 4   2   2   LYS LYS A . n 
A 1 5   LYS 5   3   3   LYS LYS A . n 
A 1 6   ILE 6   4   4   ILE ILE A . n 
A 1 7   GLU 7   5   5   GLU GLU A . n 
A 1 8   ALA 8   6   6   ALA ALA A . n 
A 1 9   ILE 9   7   7   ILE ILE A . n 
A 1 10  VAL 10  8   8   VAL VAL A . n 
A 1 11  LYS 11  9   9   LYS LYS A . n 
A 1 12  PRO 12  10  10  PRO PRO A . n 
A 1 13  PHE 13  11  11  PHE PHE A . n 
A 1 14  LYS 14  12  12  LYS LYS A . n 
A 1 15  LEU 15  13  13  LEU LEU A . n 
A 1 16  ASP 16  14  14  ASP ASP A . n 
A 1 17  ASP 17  15  15  ASP ASP A . n 
A 1 18  VAL 18  16  16  VAL VAL A . n 
A 1 19  ARG 19  17  17  ARG ARG A . n 
A 1 20  GLU 20  18  18  GLU GLU A . n 
A 1 21  ALA 21  19  19  ALA ALA A . n 
A 1 22  LEU 22  20  20  LEU LEU A . n 
A 1 23  THR 23  21  21  THR THR A . n 
A 1 24  GLU 24  22  22  GLU GLU A . n 
A 1 25  ILE 25  23  23  ILE ILE A . n 
A 1 26  GLY 26  24  24  GLY GLY A . n 
A 1 27  ILE 27  25  25  ILE ILE A . n 
A 1 28  THR 28  26  26  THR THR A . n 
A 1 29  GLY 29  27  27  GLY GLY A . n 
A 1 30  MET 30  28  28  MET MET A . n 
A 1 31  THR 31  29  29  THR THR A . n 
A 1 32  VAL 32  30  30  VAL VAL A . n 
A 1 33  SER 33  31  31  SER SER A . n 
A 1 34  GLU 34  32  32  GLU GLU A . n 
A 1 35  VAL 35  33  33  VAL VAL A . n 
A 1 36  LYS 36  34  34  LYS LYS A . n 
A 1 37  GLY 37  35  35  GLY GLY A . n 
A 1 38  PHE 38  36  36  PHE PHE A . n 
A 1 39  GLY 39  37  37  GLY GLY A . n 
A 1 40  ARG 40  38  38  ARG ARG A . n 
A 1 41  GLN 41  39  ?   ?   ?   A . n 
A 1 42  LYS 42  40  ?   ?   ?   A . n 
A 1 43  GLY 43  41  ?   ?   ?   A . n 
A 1 44  HIS 44  42  ?   ?   ?   A . n 
A 1 45  THR 45  43  ?   ?   ?   A . n 
A 1 46  GLU 46  44  ?   ?   ?   A . n 
A 1 47  ILE 47  45  ?   ?   ?   A . n 
A 1 48  TYR 48  46  ?   ?   ?   A . n 
A 1 49  ARG 49  47  ?   ?   ?   A . n 
A 1 50  GLY 50  48  ?   ?   ?   A . n 
A 1 51  ALA 51  49  ?   ?   ?   A . n 
A 1 52  GLU 52  50  ?   ?   ?   A . n 
A 1 53  TYR 53  51  ?   ?   ?   A . n 
A 1 54  ALA 54  52  ?   ?   ?   A . n 
A 1 55  VAL 55  53  53  VAL VAL A . n 
A 1 56  ASP 56  54  54  ASP ASP A . n 
A 1 57  PHE 57  55  55  PHE PHE A . n 
A 1 58  LEU 58  56  56  LEU LEU A . n 
A 1 59  PRO 59  57  57  PRO PRO A . n 
A 1 60  LYS 60  58  58  LYS LYS A . n 
A 1 61  ILE 61  59  59  ILE ILE A . n 
A 1 62  LYS 62  60  60  LYS LYS A . n 
A 1 63  ILE 63  61  61  ILE ILE A . n 
A 1 64  GLU 64  62  62  GLU GLU A . n 
A 1 65  LEU 65  63  63  LEU LEU A . n 
A 1 66  VAL 66  64  64  VAL VAL A . n 
A 1 67  LEU 67  65  65  LEU LEU A . n 
A 1 68  ALA 68  66  66  ALA ALA A . n 
A 1 69  ASP 69  67  67  ASP ASP A . n 
A 1 70  ASP 70  68  68  ASP ASP A . n 
A 1 71  ALA 71  69  69  ALA ALA A . n 
A 1 72  VAL 72  70  70  VAL VAL A . n 
A 1 73  GLU 73  71  71  GLU GLU A . n 
A 1 74  ARG 74  72  72  ARG ARG A . n 
A 1 75  ALA 75  73  73  ALA ALA A . n 
A 1 76  ILE 76  74  74  ILE ILE A . n 
A 1 77  ASP 77  75  75  ASP ASP A . n 
A 1 78  VAL 78  76  76  VAL VAL A . n 
A 1 79  ILE 79  77  77  ILE ILE A . n 
A 1 80  VAL 80  78  78  VAL VAL A . n 
A 1 81  GLU 81  79  79  GLU GLU A . n 
A 1 82  VAL 82  80  80  VAL VAL A . n 
A 1 83  ALA 83  81  81  ALA ALA A . n 
A 1 84  ARG 84  82  82  ARG ARG A . n 
A 1 85  SER 85  83  83  SER SER A . n 
A 1 86  GLY 86  84  84  GLY GLY A . n 
A 1 87  LYS 87  85  85  LYS LYS A . n 
A 1 88  ILE 88  86  86  ILE ILE A . n 
A 1 89  GLY 89  87  87  GLY GLY A . n 
A 1 90  ASP 90  88  88  ASP ASP A . n 
A 1 91  GLY 91  89  89  GLY GLY A . n 
A 1 92  LYS 92  90  90  LYS LYS A . n 
A 1 93  ILE 93  91  91  ILE ILE A . n 
A 1 94  PHE 94  92  92  PHE PHE A . n 
A 1 95  VAL 95  93  93  VAL VAL A . n 
A 1 96  LEU 96  94  94  LEU LEU A . n 
A 1 97  PRO 97  95  95  PRO PRO A . n 
A 1 98  VAL 98  96  96  VAL VAL A . n 
A 1 99  GLU 99  97  97  GLU GLU A . n 
A 1 100 GLU 100 98  98  GLU GLU A . n 
A 1 101 ALA 101 99  99  ALA ALA A . n 
A 1 102 ILE 102 100 100 ILE ILE A . n 
A 1 103 ARG 103 101 101 ARG ARG A . n 
A 1 104 ILE 104 102 102 ILE ILE A . n 
A 1 105 ARG 105 103 103 ARG ARG A . n 
A 1 106 THR 106 104 104 THR THR A . n 
A 1 107 GLY 107 105 105 GLY GLY A . n 
A 1 108 GLU 108 106 106 GLU GLU A . n 
A 1 109 ARG 109 107 107 ARG ARG A . n 
A 1 110 SER 110 108 108 SER SER A . n 
A 1 111 ASP 111 109 109 ASP ASP A . n 
A 1 112 ALA 112 110 110 ALA ALA A . n 
A 1 113 ALA 113 111 111 ALA ALA A . n 
A 1 114 VAL 114 112 112 VAL VAL A . n 
# 
_pdbx_SG_project.id                    1 
_pdbx_SG_project.project_name          ? 
_pdbx_SG_project.full_name_of_center   'Oxford Protein Production Facility' 
_pdbx_SG_project.initial_of_center     OPPF 
# 
loop_
_pdbx_nonpoly_scheme.asym_id 
_pdbx_nonpoly_scheme.entity_id 
_pdbx_nonpoly_scheme.mon_id 
_pdbx_nonpoly_scheme.ndb_seq_num 
_pdbx_nonpoly_scheme.pdb_seq_num 
_pdbx_nonpoly_scheme.auth_seq_num 
_pdbx_nonpoly_scheme.pdb_mon_id 
_pdbx_nonpoly_scheme.auth_mon_id 
_pdbx_nonpoly_scheme.pdb_strand_id 
_pdbx_nonpoly_scheme.pdb_ins_code 
B 2 HOH 1   113 1   HOH HOH A . 
B 2 HOH 2   114 2   HOH HOH A . 
B 2 HOH 3   115 3   HOH HOH A . 
B 2 HOH 4   116 4   HOH HOH A . 
B 2 HOH 5   117 5   HOH HOH A . 
B 2 HOH 6   118 6   HOH HOH A . 
B 2 HOH 7   119 7   HOH HOH A . 
B 2 HOH 8   120 8   HOH HOH A . 
B 2 HOH 9   121 9   HOH HOH A . 
B 2 HOH 10  122 10  HOH HOH A . 
B 2 HOH 11  123 11  HOH HOH A . 
B 2 HOH 12  124 12  HOH HOH A . 
B 2 HOH 13  125 14  HOH HOH A . 
B 2 HOH 14  126 15  HOH HOH A . 
B 2 HOH 15  127 16  HOH HOH A . 
B 2 HOH 16  128 17  HOH HOH A . 
B 2 HOH 17  129 18  HOH HOH A . 
B 2 HOH 18  130 19  HOH HOH A . 
B 2 HOH 19  131 20  HOH HOH A . 
B 2 HOH 20  132 22  HOH HOH A . 
B 2 HOH 21  133 23  HOH HOH A . 
B 2 HOH 22  134 24  HOH HOH A . 
B 2 HOH 23  135 25  HOH HOH A . 
B 2 HOH 24  136 27  HOH HOH A . 
B 2 HOH 25  137 28  HOH HOH A . 
B 2 HOH 26  138 29  HOH HOH A . 
B 2 HOH 27  139 30  HOH HOH A . 
B 2 HOH 28  140 31  HOH HOH A . 
B 2 HOH 29  141 32  HOH HOH A . 
B 2 HOH 30  142 33  HOH HOH A . 
B 2 HOH 31  143 34  HOH HOH A . 
B 2 HOH 32  144 35  HOH HOH A . 
B 2 HOH 33  145 36  HOH HOH A . 
B 2 HOH 34  146 37  HOH HOH A . 
B 2 HOH 35  147 38  HOH HOH A . 
B 2 HOH 36  148 39  HOH HOH A . 
B 2 HOH 37  149 40  HOH HOH A . 
B 2 HOH 38  150 41  HOH HOH A . 
B 2 HOH 39  151 42  HOH HOH A . 
B 2 HOH 40  152 45  HOH HOH A . 
B 2 HOH 41  153 46  HOH HOH A . 
B 2 HOH 42  154 47  HOH HOH A . 
B 2 HOH 43  155 48  HOH HOH A . 
B 2 HOH 44  156 49  HOH HOH A . 
B 2 HOH 45  157 51  HOH HOH A . 
B 2 HOH 46  158 52  HOH HOH A . 
B 2 HOH 47  159 53  HOH HOH A . 
B 2 HOH 48  160 55  HOH HOH A . 
B 2 HOH 49  161 56  HOH HOH A . 
B 2 HOH 50  162 57  HOH HOH A . 
B 2 HOH 51  163 58  HOH HOH A . 
B 2 HOH 52  164 59  HOH HOH A . 
B 2 HOH 53  165 61  HOH HOH A . 
B 2 HOH 54  166 63  HOH HOH A . 
B 2 HOH 55  167 64  HOH HOH A . 
B 2 HOH 56  168 67  HOH HOH A . 
B 2 HOH 57  169 68  HOH HOH A . 
B 2 HOH 58  170 69  HOH HOH A . 
B 2 HOH 59  171 70  HOH HOH A . 
B 2 HOH 60  172 72  HOH HOH A . 
B 2 HOH 61  173 73  HOH HOH A . 
B 2 HOH 62  174 74  HOH HOH A . 
B 2 HOH 63  175 75  HOH HOH A . 
B 2 HOH 64  176 76  HOH HOH A . 
B 2 HOH 65  177 77  HOH HOH A . 
B 2 HOH 66  178 78  HOH HOH A . 
B 2 HOH 67  179 81  HOH HOH A . 
B 2 HOH 68  180 82  HOH HOH A . 
B 2 HOH 69  181 83  HOH HOH A . 
B 2 HOH 70  182 84  HOH HOH A . 
B 2 HOH 71  183 87  HOH HOH A . 
B 2 HOH 72  184 90  HOH HOH A . 
B 2 HOH 73  185 92  HOH HOH A . 
B 2 HOH 74  186 93  HOH HOH A . 
B 2 HOH 75  187 94  HOH HOH A . 
B 2 HOH 76  188 95  HOH HOH A . 
B 2 HOH 77  189 96  HOH HOH A . 
B 2 HOH 78  190 97  HOH HOH A . 
B 2 HOH 79  191 99  HOH HOH A . 
B 2 HOH 80  192 100 HOH HOH A . 
B 2 HOH 81  193 101 HOH HOH A . 
B 2 HOH 82  194 102 HOH HOH A . 
B 2 HOH 83  195 103 HOH HOH A . 
B 2 HOH 84  196 105 HOH HOH A . 
B 2 HOH 85  197 106 HOH HOH A . 
B 2 HOH 86  198 107 HOH HOH A . 
B 2 HOH 87  199 108 HOH HOH A . 
B 2 HOH 88  200 110 HOH HOH A . 
B 2 HOH 89  201 114 HOH HOH A . 
B 2 HOH 90  202 115 HOH HOH A . 
B 2 HOH 91  203 118 HOH HOH A . 
B 2 HOH 92  204 119 HOH HOH A . 
B 2 HOH 93  205 120 HOH HOH A . 
B 2 HOH 94  206 123 HOH HOH A . 
B 2 HOH 95  207 124 HOH HOH A . 
B 2 HOH 96  208 126 HOH HOH A . 
B 2 HOH 97  209 134 HOH HOH A . 
B 2 HOH 98  210 135 HOH HOH A . 
B 2 HOH 99  211 137 HOH HOH A . 
B 2 HOH 100 212 138 HOH HOH A . 
B 2 HOH 101 213 139 HOH HOH A . 
B 2 HOH 102 214 141 HOH HOH A . 
B 2 HOH 103 215 142 HOH HOH A . 
B 2 HOH 104 216 147 HOH HOH A . 
B 2 HOH 105 217 148 HOH HOH A . 
B 2 HOH 106 218 150 HOH HOH A . 
B 2 HOH 107 219 154 HOH HOH A . 
B 2 HOH 108 220 155 HOH HOH A . 
B 2 HOH 109 221 156 HOH HOH A . 
B 2 HOH 110 222 157 HOH HOH A . 
B 2 HOH 111 223 158 HOH HOH A . 
B 2 HOH 112 224 159 HOH HOH A . 
B 2 HOH 113 225 161 HOH HOH A . 
B 2 HOH 114 226 171 HOH HOH A . 
B 2 HOH 115 227 175 HOH HOH A . 
B 2 HOH 116 228 177 HOH HOH A . 
B 2 HOH 117 229 180 HOH HOH A . 
B 2 HOH 118 230 183 HOH HOH A . 
B 2 HOH 119 231 185 HOH HOH A . 
B 2 HOH 120 232 186 HOH HOH A . 
B 2 HOH 121 233 193 HOH HOH A . 
B 2 HOH 122 234 197 HOH HOH A . 
B 2 HOH 123 235 199 HOH HOH A . 
B 2 HOH 124 236 201 HOH HOH A . 
B 2 HOH 125 237 202 HOH HOH A . 
B 2 HOH 126 238 204 HOH HOH A . 
B 2 HOH 127 239 206 HOH HOH A . 
B 2 HOH 128 240 212 HOH HOH A . 
B 2 HOH 129 241 217 HOH HOH A . 
B 2 HOH 130 242 221 HOH HOH A . 
B 2 HOH 131 243 243 HOH HOH A . 
B 2 HOH 132 244 248 HOH HOH A . 
B 2 HOH 133 245 251 HOH HOH A . 
B 2 HOH 134 246 257 HOH HOH A . 
# 
_pdbx_struct_assembly.id                   1 
_pdbx_struct_assembly.details              author_and_software_defined_assembly 
_pdbx_struct_assembly.method_details       PISA,PQS 
_pdbx_struct_assembly.oligomeric_details   trimeric 
_pdbx_struct_assembly.oligomeric_count     3 
# 
_pdbx_struct_assembly_gen.assembly_id       1 
_pdbx_struct_assembly_gen.oper_expression   1,2,3 
_pdbx_struct_assembly_gen.asym_id_list      A,B 
# 
loop_
_pdbx_struct_assembly_prop.biol_id 
_pdbx_struct_assembly_prop.type 
_pdbx_struct_assembly_prop.value 
_pdbx_struct_assembly_prop.details 
1 'ABSA (A^2)' 6550  ? 
1 MORE         -22   ? 
1 'SSA (A^2)'  13640 ? 
# 
loop_
_pdbx_struct_oper_list.id 
_pdbx_struct_oper_list.type 
_pdbx_struct_oper_list.name 
_pdbx_struct_oper_list.symmetry_operation 
_pdbx_struct_oper_list.matrix[1][1] 
_pdbx_struct_oper_list.matrix[1][2] 
_pdbx_struct_oper_list.matrix[1][3] 
_pdbx_struct_oper_list.vector[1] 
_pdbx_struct_oper_list.matrix[2][1] 
_pdbx_struct_oper_list.matrix[2][2] 
_pdbx_struct_oper_list.matrix[2][3] 
_pdbx_struct_oper_list.vector[2] 
_pdbx_struct_oper_list.matrix[3][1] 
_pdbx_struct_oper_list.matrix[3][2] 
_pdbx_struct_oper_list.matrix[3][3] 
_pdbx_struct_oper_list.vector[3] 
1 'identity operation'         1_555 x,y,z         1.0000000000  0.0000000000  0.0000000000  0.0000000000  0.0000000000  1.0000000000  0.0000000000  0.0000000000   0.0000000000  0.0000000000  1.0000000000 0.0000000000  
2 'crystal symmetry operation' 2_655 -y+1,x-y,z    -0.4179496426 0.9015954213  -0.1115517485 16.3445299286 -0.7250409918 -0.4050233675 -0.5570203156 -11.7321574790 -0.5473880310 -0.1519268515 0.8229730101 0.9269203224  
3 'crystal symmetry operation' 3_665 -x+y+1,-x+1,z -0.4179496426 -0.7250409918 -0.5473880310 -1.1677195609 0.9015954213  -0.4050233675 -0.1519268515 -19.3471271901 -0.1115517485 -0.5570203156 0.8229730101 -5.4746195776 
# 
loop_
_pdbx_audit_revision_history.ordinal 
_pdbx_audit_revision_history.data_content_type 
_pdbx_audit_revision_history.major_revision 
_pdbx_audit_revision_history.minor_revision 
_pdbx_audit_revision_history.revision_date 
1 'Structure model' 1 0 2006-06-13 
2 'Structure model' 1 1 2008-05-01 
3 'Structure model' 1 2 2011-07-13 
4 'Structure model' 1 3 2023-08-30 
# 
_pdbx_audit_revision_details.ordinal             1 
_pdbx_audit_revision_details.revision_ordinal    1 
_pdbx_audit_revision_details.data_content_type   'Structure model' 
_pdbx_audit_revision_details.provider            repository 
_pdbx_audit_revision_details.type                'Initial release' 
_pdbx_audit_revision_details.description         ? 
_pdbx_audit_revision_details.details             ? 
# 
loop_
_pdbx_audit_revision_group.ordinal 
_pdbx_audit_revision_group.revision_ordinal 
_pdbx_audit_revision_group.data_content_type 
_pdbx_audit_revision_group.group 
1 2 'Structure model' 'Version format compliance' 
2 3 'Structure model' 'Derived calculations'      
3 3 'Structure model' 'Source and taxonomy'       
4 3 'Structure model' 'Version format compliance' 
5 4 'Structure model' 'Data collection'           
6 4 'Structure model' 'Database references'       
7 4 'Structure model' 'Refinement description'    
# 
loop_
_pdbx_audit_revision_category.ordinal 
_pdbx_audit_revision_category.revision_ordinal 
_pdbx_audit_revision_category.data_content_type 
_pdbx_audit_revision_category.category 
1 4 'Structure model' chem_comp_atom                
2 4 'Structure model' chem_comp_bond                
3 4 'Structure model' database_2                    
4 4 'Structure model' pdbx_initial_refinement_model 
# 
loop_
_pdbx_audit_revision_item.ordinal 
_pdbx_audit_revision_item.revision_ordinal 
_pdbx_audit_revision_item.data_content_type 
_pdbx_audit_revision_item.item 
1 4 'Structure model' '_database_2.pdbx_DOI'                
2 4 'Structure model' '_database_2.pdbx_database_accession' 
# 
loop_
_software.name 
_software.classification 
_software.version 
_software.citation_id 
_software.pdbx_ordinal 
DENZO     'data reduction' . ? 1 
SCALEPACK 'data scaling'   . ? 2 
CNS       refinement       . ? 3 
CNS       phasing          . ? 4 
# 
_pdbx_validate_torsion.id              1 
_pdbx_validate_torsion.PDB_model_num   1 
_pdbx_validate_torsion.auth_comp_id    ILE 
_pdbx_validate_torsion.auth_asym_id    A 
_pdbx_validate_torsion.auth_seq_id     86 
_pdbx_validate_torsion.PDB_ins_code    ? 
_pdbx_validate_torsion.label_alt_id    ? 
_pdbx_validate_torsion.phi             -35.79 
_pdbx_validate_torsion.psi             140.32 
# 
loop_
_pdbx_unobs_or_zero_occ_atoms.id 
_pdbx_unobs_or_zero_occ_atoms.PDB_model_num 
_pdbx_unobs_or_zero_occ_atoms.polymer_flag 
_pdbx_unobs_or_zero_occ_atoms.occupancy_flag 
_pdbx_unobs_or_zero_occ_atoms.auth_asym_id 
_pdbx_unobs_or_zero_occ_atoms.auth_comp_id 
_pdbx_unobs_or_zero_occ_atoms.auth_seq_id 
_pdbx_unobs_or_zero_occ_atoms.PDB_ins_code 
_pdbx_unobs_or_zero_occ_atoms.auth_atom_id 
_pdbx_unobs_or_zero_occ_atoms.label_alt_id 
_pdbx_unobs_or_zero_occ_atoms.label_asym_id 
_pdbx_unobs_or_zero_occ_atoms.label_comp_id 
_pdbx_unobs_or_zero_occ_atoms.label_seq_id 
_pdbx_unobs_or_zero_occ_atoms.label_atom_id 
1 1 Y 1 A PRO 0 ? CG ? A PRO 2 CG 
2 1 Y 1 A PRO 0 ? CD ? A PRO 2 CD 
# 
loop_
_pdbx_unobs_or_zero_occ_residues.id 
_pdbx_unobs_or_zero_occ_residues.PDB_model_num 
_pdbx_unobs_or_zero_occ_residues.polymer_flag 
_pdbx_unobs_or_zero_occ_residues.occupancy_flag 
_pdbx_unobs_or_zero_occ_residues.auth_asym_id 
_pdbx_unobs_or_zero_occ_residues.auth_comp_id 
_pdbx_unobs_or_zero_occ_residues.auth_seq_id 
_pdbx_unobs_or_zero_occ_residues.PDB_ins_code 
_pdbx_unobs_or_zero_occ_residues.label_asym_id 
_pdbx_unobs_or_zero_occ_residues.label_comp_id 
_pdbx_unobs_or_zero_occ_residues.label_seq_id 
1  1 Y 1 A GLY -1 ? A GLY 1  
2  1 Y 1 A GLN 39 ? A GLN 41 
3  1 Y 1 A LYS 40 ? A LYS 42 
4  1 Y 1 A GLY 41 ? A GLY 43 
5  1 Y 1 A HIS 42 ? A HIS 44 
6  1 Y 1 A THR 43 ? A THR 45 
7  1 Y 1 A GLU 44 ? A GLU 46 
8  1 Y 1 A ILE 45 ? A ILE 47 
9  1 Y 1 A TYR 46 ? A TYR 48 
10 1 Y 1 A ARG 47 ? A ARG 49 
11 1 Y 1 A GLY 48 ? A GLY 50 
12 1 Y 1 A ALA 49 ? A ALA 51 
13 1 Y 1 A GLU 50 ? A GLU 52 
14 1 Y 1 A TYR 51 ? A TYR 53 
15 1 Y 1 A ALA 52 ? A ALA 54 
# 
loop_
_chem_comp_atom.comp_id 
_chem_comp_atom.atom_id 
_chem_comp_atom.type_symbol 
_chem_comp_atom.pdbx_aromatic_flag 
_chem_comp_atom.pdbx_stereo_config 
_chem_comp_atom.pdbx_ordinal 
ALA N    N N N 1   
ALA CA   C N S 2   
ALA C    C N N 3   
ALA O    O N N 4   
ALA CB   C N N 5   
ALA OXT  O N N 6   
ALA H    H N N 7   
ALA H2   H N N 8   
ALA HA   H N N 9   
ALA HB1  H N N 10  
ALA HB2  H N N 11  
ALA HB3  H N N 12  
ALA HXT  H N N 13  
ARG N    N N N 14  
ARG CA   C N S 15  
ARG C    C N N 16  
ARG O    O N N 17  
ARG CB   C N N 18  
ARG CG   C N N 19  
ARG CD   C N N 20  
ARG NE   N N N 21  
ARG CZ   C N N 22  
ARG NH1  N N N 23  
ARG NH2  N N N 24  
ARG OXT  O N N 25  
ARG H    H N N 26  
ARG H2   H N N 27  
ARG HA   H N N 28  
ARG HB2  H N N 29  
ARG HB3  H N N 30  
ARG HG2  H N N 31  
ARG HG3  H N N 32  
ARG HD2  H N N 33  
ARG HD3  H N N 34  
ARG HE   H N N 35  
ARG HH11 H N N 36  
ARG HH12 H N N 37  
ARG HH21 H N N 38  
ARG HH22 H N N 39  
ARG HXT  H N N 40  
ASP N    N N N 41  
ASP CA   C N S 42  
ASP C    C N N 43  
ASP O    O N N 44  
ASP CB   C N N 45  
ASP CG   C N N 46  
ASP OD1  O N N 47  
ASP OD2  O N N 48  
ASP OXT  O N N 49  
ASP H    H N N 50  
ASP H2   H N N 51  
ASP HA   H N N 52  
ASP HB2  H N N 53  
ASP HB3  H N N 54  
ASP HD2  H N N 55  
ASP HXT  H N N 56  
GLN N    N N N 57  
GLN CA   C N S 58  
GLN C    C N N 59  
GLN O    O N N 60  
GLN CB   C N N 61  
GLN CG   C N N 62  
GLN CD   C N N 63  
GLN OE1  O N N 64  
GLN NE2  N N N 65  
GLN OXT  O N N 66  
GLN H    H N N 67  
GLN H2   H N N 68  
GLN HA   H N N 69  
GLN HB2  H N N 70  
GLN HB3  H N N 71  
GLN HG2  H N N 72  
GLN HG3  H N N 73  
GLN HE21 H N N 74  
GLN HE22 H N N 75  
GLN HXT  H N N 76  
GLU N    N N N 77  
GLU CA   C N S 78  
GLU C    C N N 79  
GLU O    O N N 80  
GLU CB   C N N 81  
GLU CG   C N N 82  
GLU CD   C N N 83  
GLU OE1  O N N 84  
GLU OE2  O N N 85  
GLU OXT  O N N 86  
GLU H    H N N 87  
GLU H2   H N N 88  
GLU HA   H N N 89  
GLU HB2  H N N 90  
GLU HB3  H N N 91  
GLU HG2  H N N 92  
GLU HG3  H N N 93  
GLU HE2  H N N 94  
GLU HXT  H N N 95  
GLY N    N N N 96  
GLY CA   C N N 97  
GLY C    C N N 98  
GLY O    O N N 99  
GLY OXT  O N N 100 
GLY H    H N N 101 
GLY H2   H N N 102 
GLY HA2  H N N 103 
GLY HA3  H N N 104 
GLY HXT  H N N 105 
HIS N    N N N 106 
HIS CA   C N S 107 
HIS C    C N N 108 
HIS O    O N N 109 
HIS CB   C N N 110 
HIS CG   C Y N 111 
HIS ND1  N Y N 112 
HIS CD2  C Y N 113 
HIS CE1  C Y N 114 
HIS NE2  N Y N 115 
HIS OXT  O N N 116 
HIS H    H N N 117 
HIS H2   H N N 118 
HIS HA   H N N 119 
HIS HB2  H N N 120 
HIS HB3  H N N 121 
HIS HD1  H N N 122 
HIS HD2  H N N 123 
HIS HE1  H N N 124 
HIS HE2  H N N 125 
HIS HXT  H N N 126 
HOH O    O N N 127 
HOH H1   H N N 128 
HOH H2   H N N 129 
ILE N    N N N 130 
ILE CA   C N S 131 
ILE C    C N N 132 
ILE O    O N N 133 
ILE CB   C N S 134 
ILE CG1  C N N 135 
ILE CG2  C N N 136 
ILE CD1  C N N 137 
ILE OXT  O N N 138 
ILE H    H N N 139 
ILE H2   H N N 140 
ILE HA   H N N 141 
ILE HB   H N N 142 
ILE HG12 H N N 143 
ILE HG13 H N N 144 
ILE HG21 H N N 145 
ILE HG22 H N N 146 
ILE HG23 H N N 147 
ILE HD11 H N N 148 
ILE HD12 H N N 149 
ILE HD13 H N N 150 
ILE HXT  H N N 151 
LEU N    N N N 152 
LEU CA   C N S 153 
LEU C    C N N 154 
LEU O    O N N 155 
LEU CB   C N N 156 
LEU CG   C N N 157 
LEU CD1  C N N 158 
LEU CD2  C N N 159 
LEU OXT  O N N 160 
LEU H    H N N 161 
LEU H2   H N N 162 
LEU HA   H N N 163 
LEU HB2  H N N 164 
LEU HB3  H N N 165 
LEU HG   H N N 166 
LEU HD11 H N N 167 
LEU HD12 H N N 168 
LEU HD13 H N N 169 
LEU HD21 H N N 170 
LEU HD22 H N N 171 
LEU HD23 H N N 172 
LEU HXT  H N N 173 
LYS N    N N N 174 
LYS CA   C N S 175 
LYS C    C N N 176 
LYS O    O N N 177 
LYS CB   C N N 178 
LYS CG   C N N 179 
LYS CD   C N N 180 
LYS CE   C N N 181 
LYS NZ   N N N 182 
LYS OXT  O N N 183 
LYS H    H N N 184 
LYS H2   H N N 185 
LYS HA   H N N 186 
LYS HB2  H N N 187 
LYS HB3  H N N 188 
LYS HG2  H N N 189 
LYS HG3  H N N 190 
LYS HD2  H N N 191 
LYS HD3  H N N 192 
LYS HE2  H N N 193 
LYS HE3  H N N 194 
LYS HZ1  H N N 195 
LYS HZ2  H N N 196 
LYS HZ3  H N N 197 
LYS HXT  H N N 198 
MET N    N N N 199 
MET CA   C N S 200 
MET C    C N N 201 
MET O    O N N 202 
MET CB   C N N 203 
MET CG   C N N 204 
MET SD   S N N 205 
MET CE   C N N 206 
MET OXT  O N N 207 
MET H    H N N 208 
MET H2   H N N 209 
MET HA   H N N 210 
MET HB2  H N N 211 
MET HB3  H N N 212 
MET HG2  H N N 213 
MET HG3  H N N 214 
MET HE1  H N N 215 
MET HE2  H N N 216 
MET HE3  H N N 217 
MET HXT  H N N 218 
PHE N    N N N 219 
PHE CA   C N S 220 
PHE C    C N N 221 
PHE O    O N N 222 
PHE CB   C N N 223 
PHE CG   C Y N 224 
PHE CD1  C Y N 225 
PHE CD2  C Y N 226 
PHE CE1  C Y N 227 
PHE CE2  C Y N 228 
PHE CZ   C Y N 229 
PHE OXT  O N N 230 
PHE H    H N N 231 
PHE H2   H N N 232 
PHE HA   H N N 233 
PHE HB2  H N N 234 
PHE HB3  H N N 235 
PHE HD1  H N N 236 
PHE HD2  H N N 237 
PHE HE1  H N N 238 
PHE HE2  H N N 239 
PHE HZ   H N N 240 
PHE HXT  H N N 241 
PRO N    N N N 242 
PRO CA   C N S 243 
PRO C    C N N 244 
PRO O    O N N 245 
PRO CB   C N N 246 
PRO CG   C N N 247 
PRO CD   C N N 248 
PRO OXT  O N N 249 
PRO H    H N N 250 
PRO HA   H N N 251 
PRO HB2  H N N 252 
PRO HB3  H N N 253 
PRO HG2  H N N 254 
PRO HG3  H N N 255 
PRO HD2  H N N 256 
PRO HD3  H N N 257 
PRO HXT  H N N 258 
SER N    N N N 259 
SER CA   C N S 260 
SER C    C N N 261 
SER O    O N N 262 
SER CB   C N N 263 
SER OG   O N N 264 
SER OXT  O N N 265 
SER H    H N N 266 
SER H2   H N N 267 
SER HA   H N N 268 
SER HB2  H N N 269 
SER HB3  H N N 270 
SER HG   H N N 271 
SER HXT  H N N 272 
THR N    N N N 273 
THR CA   C N S 274 
THR C    C N N 275 
THR O    O N N 276 
THR CB   C N R 277 
THR OG1  O N N 278 
THR CG2  C N N 279 
THR OXT  O N N 280 
THR H    H N N 281 
THR H2   H N N 282 
THR HA   H N N 283 
THR HB   H N N 284 
THR HG1  H N N 285 
THR HG21 H N N 286 
THR HG22 H N N 287 
THR HG23 H N N 288 
THR HXT  H N N 289 
TYR N    N N N 290 
TYR CA   C N S 291 
TYR C    C N N 292 
TYR O    O N N 293 
TYR CB   C N N 294 
TYR CG   C Y N 295 
TYR CD1  C Y N 296 
TYR CD2  C Y N 297 
TYR CE1  C Y N 298 
TYR CE2  C Y N 299 
TYR CZ   C Y N 300 
TYR OH   O N N 301 
TYR OXT  O N N 302 
TYR H    H N N 303 
TYR H2   H N N 304 
TYR HA   H N N 305 
TYR HB2  H N N 306 
TYR HB3  H N N 307 
TYR HD1  H N N 308 
TYR HD2  H N N 309 
TYR HE1  H N N 310 
TYR HE2  H N N 311 
TYR HH   H N N 312 
TYR HXT  H N N 313 
VAL N    N N N 314 
VAL CA   C N S 315 
VAL C    C N N 316 
VAL O    O N N 317 
VAL CB   C N N 318 
VAL CG1  C N N 319 
VAL CG2  C N N 320 
VAL OXT  O N N 321 
VAL H    H N N 322 
VAL H2   H N N 323 
VAL HA   H N N 324 
VAL HB   H N N 325 
VAL HG11 H N N 326 
VAL HG12 H N N 327 
VAL HG13 H N N 328 
VAL HG21 H N N 329 
VAL HG22 H N N 330 
VAL HG23 H N N 331 
VAL HXT  H N N 332 
# 
loop_
_chem_comp_bond.comp_id 
_chem_comp_bond.atom_id_1 
_chem_comp_bond.atom_id_2 
_chem_comp_bond.value_order 
_chem_comp_bond.pdbx_aromatic_flag 
_chem_comp_bond.pdbx_stereo_config 
_chem_comp_bond.pdbx_ordinal 
ALA N   CA   sing N N 1   
ALA N   H    sing N N 2   
ALA N   H2   sing N N 3   
ALA CA  C    sing N N 4   
ALA CA  CB   sing N N 5   
ALA CA  HA   sing N N 6   
ALA C   O    doub N N 7   
ALA C   OXT  sing N N 8   
ALA CB  HB1  sing N N 9   
ALA CB  HB2  sing N N 10  
ALA CB  HB3  sing N N 11  
ALA OXT HXT  sing N N 12  
ARG N   CA   sing N N 13  
ARG N   H    sing N N 14  
ARG N   H2   sing N N 15  
ARG CA  C    sing N N 16  
ARG CA  CB   sing N N 17  
ARG CA  HA   sing N N 18  
ARG C   O    doub N N 19  
ARG C   OXT  sing N N 20  
ARG CB  CG   sing N N 21  
ARG CB  HB2  sing N N 22  
ARG CB  HB3  sing N N 23  
ARG CG  CD   sing N N 24  
ARG CG  HG2  sing N N 25  
ARG CG  HG3  sing N N 26  
ARG CD  NE   sing N N 27  
ARG CD  HD2  sing N N 28  
ARG CD  HD3  sing N N 29  
ARG NE  CZ   sing N N 30  
ARG NE  HE   sing N N 31  
ARG CZ  NH1  sing N N 32  
ARG CZ  NH2  doub N N 33  
ARG NH1 HH11 sing N N 34  
ARG NH1 HH12 sing N N 35  
ARG NH2 HH21 sing N N 36  
ARG NH2 HH22 sing N N 37  
ARG OXT HXT  sing N N 38  
ASP N   CA   sing N N 39  
ASP N   H    sing N N 40  
ASP N   H2   sing N N 41  
ASP CA  C    sing N N 42  
ASP CA  CB   sing N N 43  
ASP CA  HA   sing N N 44  
ASP C   O    doub N N 45  
ASP C   OXT  sing N N 46  
ASP CB  CG   sing N N 47  
ASP CB  HB2  sing N N 48  
ASP CB  HB3  sing N N 49  
ASP CG  OD1  doub N N 50  
ASP CG  OD2  sing N N 51  
ASP OD2 HD2  sing N N 52  
ASP OXT HXT  sing N N 53  
GLN N   CA   sing N N 54  
GLN N   H    sing N N 55  
GLN N   H2   sing N N 56  
GLN CA  C    sing N N 57  
GLN CA  CB   sing N N 58  
GLN CA  HA   sing N N 59  
GLN C   O    doub N N 60  
GLN C   OXT  sing N N 61  
GLN CB  CG   sing N N 62  
GLN CB  HB2  sing N N 63  
GLN CB  HB3  sing N N 64  
GLN CG  CD   sing N N 65  
GLN CG  HG2  sing N N 66  
GLN CG  HG3  sing N N 67  
GLN CD  OE1  doub N N 68  
GLN CD  NE2  sing N N 69  
GLN NE2 HE21 sing N N 70  
GLN NE2 HE22 sing N N 71  
GLN OXT HXT  sing N N 72  
GLU N   CA   sing N N 73  
GLU N   H    sing N N 74  
GLU N   H2   sing N N 75  
GLU CA  C    sing N N 76  
GLU CA  CB   sing N N 77  
GLU CA  HA   sing N N 78  
GLU C   O    doub N N 79  
GLU C   OXT  sing N N 80  
GLU CB  CG   sing N N 81  
GLU CB  HB2  sing N N 82  
GLU CB  HB3  sing N N 83  
GLU CG  CD   sing N N 84  
GLU CG  HG2  sing N N 85  
GLU CG  HG3  sing N N 86  
GLU CD  OE1  doub N N 87  
GLU CD  OE2  sing N N 88  
GLU OE2 HE2  sing N N 89  
GLU OXT HXT  sing N N 90  
GLY N   CA   sing N N 91  
GLY N   H    sing N N 92  
GLY N   H2   sing N N 93  
GLY CA  C    sing N N 94  
GLY CA  HA2  sing N N 95  
GLY CA  HA3  sing N N 96  
GLY C   O    doub N N 97  
GLY C   OXT  sing N N 98  
GLY OXT HXT  sing N N 99  
HIS N   CA   sing N N 100 
HIS N   H    sing N N 101 
HIS N   H2   sing N N 102 
HIS CA  C    sing N N 103 
HIS CA  CB   sing N N 104 
HIS CA  HA   sing N N 105 
HIS C   O    doub N N 106 
HIS C   OXT  sing N N 107 
HIS CB  CG   sing N N 108 
HIS CB  HB2  sing N N 109 
HIS CB  HB3  sing N N 110 
HIS CG  ND1  sing Y N 111 
HIS CG  CD2  doub Y N 112 
HIS ND1 CE1  doub Y N 113 
HIS ND1 HD1  sing N N 114 
HIS CD2 NE2  sing Y N 115 
HIS CD2 HD2  sing N N 116 
HIS CE1 NE2  sing Y N 117 
HIS CE1 HE1  sing N N 118 
HIS NE2 HE2  sing N N 119 
HIS OXT HXT  sing N N 120 
HOH O   H1   sing N N 121 
HOH O   H2   sing N N 122 
ILE N   CA   sing N N 123 
ILE N   H    sing N N 124 
ILE N   H2   sing N N 125 
ILE CA  C    sing N N 126 
ILE CA  CB   sing N N 127 
ILE CA  HA   sing N N 128 
ILE C   O    doub N N 129 
ILE C   OXT  sing N N 130 
ILE CB  CG1  sing N N 131 
ILE CB  CG2  sing N N 132 
ILE CB  HB   sing N N 133 
ILE CG1 CD1  sing N N 134 
ILE CG1 HG12 sing N N 135 
ILE CG1 HG13 sing N N 136 
ILE CG2 HG21 sing N N 137 
ILE CG2 HG22 sing N N 138 
ILE CG2 HG23 sing N N 139 
ILE CD1 HD11 sing N N 140 
ILE CD1 HD12 sing N N 141 
ILE CD1 HD13 sing N N 142 
ILE OXT HXT  sing N N 143 
LEU N   CA   sing N N 144 
LEU N   H    sing N N 145 
LEU N   H2   sing N N 146 
LEU CA  C    sing N N 147 
LEU CA  CB   sing N N 148 
LEU CA  HA   sing N N 149 
LEU C   O    doub N N 150 
LEU C   OXT  sing N N 151 
LEU CB  CG   sing N N 152 
LEU CB  HB2  sing N N 153 
LEU CB  HB3  sing N N 154 
LEU CG  CD1  sing N N 155 
LEU CG  CD2  sing N N 156 
LEU CG  HG   sing N N 157 
LEU CD1 HD11 sing N N 158 
LEU CD1 HD12 sing N N 159 
LEU CD1 HD13 sing N N 160 
LEU CD2 HD21 sing N N 161 
LEU CD2 HD22 sing N N 162 
LEU CD2 HD23 sing N N 163 
LEU OXT HXT  sing N N 164 
LYS N   CA   sing N N 165 
LYS N   H    sing N N 166 
LYS N   H2   sing N N 167 
LYS CA  C    sing N N 168 
LYS CA  CB   sing N N 169 
LYS CA  HA   sing N N 170 
LYS C   O    doub N N 171 
LYS C   OXT  sing N N 172 
LYS CB  CG   sing N N 173 
LYS CB  HB2  sing N N 174 
LYS CB  HB3  sing N N 175 
LYS CG  CD   sing N N 176 
LYS CG  HG2  sing N N 177 
LYS CG  HG3  sing N N 178 
LYS CD  CE   sing N N 179 
LYS CD  HD2  sing N N 180 
LYS CD  HD3  sing N N 181 
LYS CE  NZ   sing N N 182 
LYS CE  HE2  sing N N 183 
LYS CE  HE3  sing N N 184 
LYS NZ  HZ1  sing N N 185 
LYS NZ  HZ2  sing N N 186 
LYS NZ  HZ3  sing N N 187 
LYS OXT HXT  sing N N 188 
MET N   CA   sing N N 189 
MET N   H    sing N N 190 
MET N   H2   sing N N 191 
MET CA  C    sing N N 192 
MET CA  CB   sing N N 193 
MET CA  HA   sing N N 194 
MET C   O    doub N N 195 
MET C   OXT  sing N N 196 
MET CB  CG   sing N N 197 
MET CB  HB2  sing N N 198 
MET CB  HB3  sing N N 199 
MET CG  SD   sing N N 200 
MET CG  HG2  sing N N 201 
MET CG  HG3  sing N N 202 
MET SD  CE   sing N N 203 
MET CE  HE1  sing N N 204 
MET CE  HE2  sing N N 205 
MET CE  HE3  sing N N 206 
MET OXT HXT  sing N N 207 
PHE N   CA   sing N N 208 
PHE N   H    sing N N 209 
PHE N   H2   sing N N 210 
PHE CA  C    sing N N 211 
PHE CA  CB   sing N N 212 
PHE CA  HA   sing N N 213 
PHE C   O    doub N N 214 
PHE C   OXT  sing N N 215 
PHE CB  CG   sing N N 216 
PHE CB  HB2  sing N N 217 
PHE CB  HB3  sing N N 218 
PHE CG  CD1  doub Y N 219 
PHE CG  CD2  sing Y N 220 
PHE CD1 CE1  sing Y N 221 
PHE CD1 HD1  sing N N 222 
PHE CD2 CE2  doub Y N 223 
PHE CD2 HD2  sing N N 224 
PHE CE1 CZ   doub Y N 225 
PHE CE1 HE1  sing N N 226 
PHE CE2 CZ   sing Y N 227 
PHE CE2 HE2  sing N N 228 
PHE CZ  HZ   sing N N 229 
PHE OXT HXT  sing N N 230 
PRO N   CA   sing N N 231 
PRO N   CD   sing N N 232 
PRO N   H    sing N N 233 
PRO CA  C    sing N N 234 
PRO CA  CB   sing N N 235 
PRO CA  HA   sing N N 236 
PRO C   O    doub N N 237 
PRO C   OXT  sing N N 238 
PRO CB  CG   sing N N 239 
PRO CB  HB2  sing N N 240 
PRO CB  HB3  sing N N 241 
PRO CG  CD   sing N N 242 
PRO CG  HG2  sing N N 243 
PRO CG  HG3  sing N N 244 
PRO CD  HD2  sing N N 245 
PRO CD  HD3  sing N N 246 
PRO OXT HXT  sing N N 247 
SER N   CA   sing N N 248 
SER N   H    sing N N 249 
SER N   H2   sing N N 250 
SER CA  C    sing N N 251 
SER CA  CB   sing N N 252 
SER CA  HA   sing N N 253 
SER C   O    doub N N 254 
SER C   OXT  sing N N 255 
SER CB  OG   sing N N 256 
SER CB  HB2  sing N N 257 
SER CB  HB3  sing N N 258 
SER OG  HG   sing N N 259 
SER OXT HXT  sing N N 260 
THR N   CA   sing N N 261 
THR N   H    sing N N 262 
THR N   H2   sing N N 263 
THR CA  C    sing N N 264 
THR CA  CB   sing N N 265 
THR CA  HA   sing N N 266 
THR C   O    doub N N 267 
THR C   OXT  sing N N 268 
THR CB  OG1  sing N N 269 
THR CB  CG2  sing N N 270 
THR CB  HB   sing N N 271 
THR OG1 HG1  sing N N 272 
THR CG2 HG21 sing N N 273 
THR CG2 HG22 sing N N 274 
THR CG2 HG23 sing N N 275 
THR OXT HXT  sing N N 276 
TYR N   CA   sing N N 277 
TYR N   H    sing N N 278 
TYR N   H2   sing N N 279 
TYR CA  C    sing N N 280 
TYR CA  CB   sing N N 281 
TYR CA  HA   sing N N 282 
TYR C   O    doub N N 283 
TYR C   OXT  sing N N 284 
TYR CB  CG   sing N N 285 
TYR CB  HB2  sing N N 286 
TYR CB  HB3  sing N N 287 
TYR CG  CD1  doub Y N 288 
TYR CG  CD2  sing Y N 289 
TYR CD1 CE1  sing Y N 290 
TYR CD1 HD1  sing N N 291 
TYR CD2 CE2  doub Y N 292 
TYR CD2 HD2  sing N N 293 
TYR CE1 CZ   doub Y N 294 
TYR CE1 HE1  sing N N 295 
TYR CE2 CZ   sing Y N 296 
TYR CE2 HE2  sing N N 297 
TYR CZ  OH   sing N N 298 
TYR OH  HH   sing N N 299 
TYR OXT HXT  sing N N 300 
VAL N   CA   sing N N 301 
VAL N   H    sing N N 302 
VAL N   H2   sing N N 303 
VAL CA  C    sing N N 304 
VAL CA  CB   sing N N 305 
VAL CA  HA   sing N N 306 
VAL C   O    doub N N 307 
VAL C   OXT  sing N N 308 
VAL CB  CG1  sing N N 309 
VAL CB  CG2  sing N N 310 
VAL CB  HB   sing N N 311 
VAL CG1 HG11 sing N N 312 
VAL CG1 HG12 sing N N 313 
VAL CG1 HG13 sing N N 314 
VAL CG2 HG21 sing N N 315 
VAL CG2 HG22 sing N N 316 
VAL CG2 HG23 sing N N 317 
VAL OXT HXT  sing N N 318 
# 
_pdbx_entity_nonpoly.entity_id   2 
_pdbx_entity_nonpoly.name        water 
_pdbx_entity_nonpoly.comp_id     HOH 
# 
_pdbx_initial_refinement_model.id               1 
_pdbx_initial_refinement_model.entity_id_list   ? 
_pdbx_initial_refinement_model.type             'experimental model' 
_pdbx_initial_refinement_model.source_name      PDB 
_pdbx_initial_refinement_model.accession_code   1PIL 
_pdbx_initial_refinement_model.details          'pdb entry 1PIL' 
# 
